data_1F2V
# 
_entry.id   1F2V 
# 
_audit_conform.dict_name       mmcif_pdbx.dic 
_audit_conform.dict_version    5.385 
_audit_conform.dict_location   http://mmcif.pdb.org/dictionaries/ascii/mmcif_pdbx.dic 
# 
loop_
_database_2.database_id 
_database_2.database_code 
_database_2.pdbx_database_accession 
_database_2.pdbx_DOI 
PDB   1F2V         pdb_00001f2v 10.2210/pdb1f2v/pdb 
RCSB  RCSB011176   ?            ?                   
WWPDB D_1000011176 ?            ?                   
# 
loop_
_pdbx_audit_revision_history.ordinal 
_pdbx_audit_revision_history.data_content_type 
_pdbx_audit_revision_history.major_revision 
_pdbx_audit_revision_history.minor_revision 
_pdbx_audit_revision_history.revision_date 
1 'Structure model' 1 0 2001-07-18 
2 'Structure model' 1 1 2008-04-27 
3 'Structure model' 1 2 2011-07-13 
4 'Structure model' 1 3 2024-02-07 
# 
_pdbx_audit_revision_details.ordinal             1 
_pdbx_audit_revision_details.revision_ordinal    1 
_pdbx_audit_revision_details.data_content_type   'Structure model' 
_pdbx_audit_revision_details.provider            repository 
_pdbx_audit_revision_details.type                'Initial release' 
_pdbx_audit_revision_details.description         ? 
_pdbx_audit_revision_details.details             ? 
# 
loop_
_pdbx_audit_revision_group.ordinal 
_pdbx_audit_revision_group.revision_ordinal 
_pdbx_audit_revision_group.data_content_type 
_pdbx_audit_revision_group.group 
1 2 'Structure model' 'Version format compliance' 
2 3 'Structure model' 'Derived calculations'      
3 3 'Structure model' 'Version format compliance' 
4 4 'Structure model' 'Data collection'           
5 4 'Structure model' 'Database references'       
# 
loop_
_pdbx_audit_revision_category.ordinal 
_pdbx_audit_revision_category.revision_ordinal 
_pdbx_audit_revision_category.data_content_type 
_pdbx_audit_revision_category.category 
1 4 'Structure model' chem_comp_atom     
2 4 'Structure model' chem_comp_bond     
3 4 'Structure model' database_2         
4 4 'Structure model' struct_ref_seq_dif 
# 
loop_
_pdbx_audit_revision_item.ordinal 
_pdbx_audit_revision_item.revision_ordinal 
_pdbx_audit_revision_item.data_content_type 
_pdbx_audit_revision_item.item 
1 4 'Structure model' '_database_2.pdbx_DOI'                
2 4 'Structure model' '_database_2.pdbx_database_accession' 
3 4 'Structure model' '_struct_ref_seq_dif.details'         
# 
_pdbx_database_status.status_code                     REL 
_pdbx_database_status.entry_id                        1F2V 
_pdbx_database_status.recvd_initial_deposition_date   2000-05-29 
_pdbx_database_status.deposit_site                    RCSB 
_pdbx_database_status.process_site                    RCSB 
_pdbx_database_status.status_code_sf                  REL 
_pdbx_database_status.SG_entry                        . 
_pdbx_database_status.pdb_format_compatible           Y 
_pdbx_database_status.status_code_mr                  ? 
_pdbx_database_status.status_code_cs                  ? 
_pdbx_database_status.status_code_nmr_data            ? 
_pdbx_database_status.methods_development_category    ? 
# 
loop_
_audit_author.name 
_audit_author.pdbx_ordinal 
'Shipman, L.W.'     1 
'Li, D.'            2 
'Roessner, C.A.'    3 
'Scott, A.I.'       4 
'Sacchettini, J.C.' 5 
# 
_citation.id                        primary 
_citation.title                     'Crystal structure of precorrin-8x methyl mutase.' 
_citation.journal_abbrev            Structure 
_citation.journal_volume            9 
_citation.page_first                587 
_citation.page_last                 596 
_citation.year                      2001 
_citation.journal_id_ASTM           STRUE6 
_citation.country                   UK 
_citation.journal_id_ISSN           0969-2126 
_citation.journal_id_CSD            2005 
_citation.book_publisher            ? 
_citation.pdbx_database_id_PubMed   11470433 
_citation.pdbx_database_id_DOI      '10.1016/S0969-2126(01)00618-9' 
# 
loop_
_citation_author.citation_id 
_citation_author.name 
_citation_author.ordinal 
_citation_author.identifier_ORCID 
primary 'Shipman, L.W.'     1 ? 
primary 'Li, D.'            2 ? 
primary 'Roessner, C.A.'    3 ? 
primary 'Scott, A.I.'       4 ? 
primary 'Sacchettini, J.C.' 5 ? 
# 
loop_
_entity.id 
_entity.type 
_entity.src_method 
_entity.pdbx_description 
_entity.formula_weight 
_entity.pdbx_number_of_molecules 
_entity.pdbx_ec 
_entity.pdbx_mutation 
_entity.pdbx_fragment 
_entity.details 
1 polymer man 'PRECORRIN-8X METHYLMUTASE' 23217.508 1   5.4.1.2 ? ? ? 
2 water   nat water                       18.015    220 ?       ? ? ? 
# 
_entity_name_com.entity_id   1 
_entity_name_com.name        COBH 
# 
_entity_poly.entity_id                      1 
_entity_poly.type                           'polypeptide(L)' 
_entity_poly.nstd_linkage                   no 
_entity_poly.nstd_monomer                   no 
_entity_poly.pdbx_seq_one_letter_code       
;MRGSHHHHHHPEYDYIRDGNAIYERSFAIIRAEADLSRFSEEEADLAVRMVHACGSVEATRQFVFSPDFVSSARAALKAG
APILCDAEMVAHGVTRARLPAGNEVICTLRDPRTPALAAEIGNTRSAAALKLWSERLAGSVVAIGNAPTALFFLLEMLRD
GAPKPAAILGMPVGFVGAAESKDALAENSYGVPFAIVRGRLGGSAMTAAALNSLARPGL
;
_entity_poly.pdbx_seq_one_letter_code_can   
;MRGSHHHHHHPEYDYIRDGNAIYERSFAIIRAEADLSRFSEEEADLAVRMVHACGSVEATRQFVFSPDFVSSARAALKAG
APILCDAEMVAHGVTRARLPAGNEVICTLRDPRTPALAAEIGNTRSAAALKLWSERLAGSVVAIGNAPTALFFLLEMLRD
GAPKPAAILGMPVGFVGAAESKDALAENSYGVPFAIVRGRLGGSAMTAAALNSLARPGL
;
_entity_poly.pdbx_strand_id                 A 
_entity_poly.pdbx_target_identifier         ? 
# 
_pdbx_entity_nonpoly.entity_id   2 
_pdbx_entity_nonpoly.name        water 
_pdbx_entity_nonpoly.comp_id     HOH 
# 
loop_
_entity_poly_seq.entity_id 
_entity_poly_seq.num 
_entity_poly_seq.mon_id 
_entity_poly_seq.hetero 
1 1   MET n 
1 2   ARG n 
1 3   GLY n 
1 4   SER n 
1 5   HIS n 
1 6   HIS n 
1 7   HIS n 
1 8   HIS n 
1 9   HIS n 
1 10  HIS n 
1 11  PRO n 
1 12  GLU n 
1 13  TYR n 
1 14  ASP n 
1 15  TYR n 
1 16  ILE n 
1 17  ARG n 
1 18  ASP n 
1 19  GLY n 
1 20  ASN n 
1 21  ALA n 
1 22  ILE n 
1 23  TYR n 
1 24  GLU n 
1 25  ARG n 
1 26  SER n 
1 27  PHE n 
1 28  ALA n 
1 29  ILE n 
1 30  ILE n 
1 31  ARG n 
1 32  ALA n 
1 33  GLU n 
1 34  ALA n 
1 35  ASP n 
1 36  LEU n 
1 37  SER n 
1 38  ARG n 
1 39  PHE n 
1 40  SER n 
1 41  GLU n 
1 42  GLU n 
1 43  GLU n 
1 44  ALA n 
1 45  ASP n 
1 46  LEU n 
1 47  ALA n 
1 48  VAL n 
1 49  ARG n 
1 50  MET n 
1 51  VAL n 
1 52  HIS n 
1 53  ALA n 
1 54  CYS n 
1 55  GLY n 
1 56  SER n 
1 57  VAL n 
1 58  GLU n 
1 59  ALA n 
1 60  THR n 
1 61  ARG n 
1 62  GLN n 
1 63  PHE n 
1 64  VAL n 
1 65  PHE n 
1 66  SER n 
1 67  PRO n 
1 68  ASP n 
1 69  PHE n 
1 70  VAL n 
1 71  SER n 
1 72  SER n 
1 73  ALA n 
1 74  ARG n 
1 75  ALA n 
1 76  ALA n 
1 77  LEU n 
1 78  LYS n 
1 79  ALA n 
1 80  GLY n 
1 81  ALA n 
1 82  PRO n 
1 83  ILE n 
1 84  LEU n 
1 85  CYS n 
1 86  ASP n 
1 87  ALA n 
1 88  GLU n 
1 89  MET n 
1 90  VAL n 
1 91  ALA n 
1 92  HIS n 
1 93  GLY n 
1 94  VAL n 
1 95  THR n 
1 96  ARG n 
1 97  ALA n 
1 98  ARG n 
1 99  LEU n 
1 100 PRO n 
1 101 ALA n 
1 102 GLY n 
1 103 ASN n 
1 104 GLU n 
1 105 VAL n 
1 106 ILE n 
1 107 CYS n 
1 108 THR n 
1 109 LEU n 
1 110 ARG n 
1 111 ASP n 
1 112 PRO n 
1 113 ARG n 
1 114 THR n 
1 115 PRO n 
1 116 ALA n 
1 117 LEU n 
1 118 ALA n 
1 119 ALA n 
1 120 GLU n 
1 121 ILE n 
1 122 GLY n 
1 123 ASN n 
1 124 THR n 
1 125 ARG n 
1 126 SER n 
1 127 ALA n 
1 128 ALA n 
1 129 ALA n 
1 130 LEU n 
1 131 LYS n 
1 132 LEU n 
1 133 TRP n 
1 134 SER n 
1 135 GLU n 
1 136 ARG n 
1 137 LEU n 
1 138 ALA n 
1 139 GLY n 
1 140 SER n 
1 141 VAL n 
1 142 VAL n 
1 143 ALA n 
1 144 ILE n 
1 145 GLY n 
1 146 ASN n 
1 147 ALA n 
1 148 PRO n 
1 149 THR n 
1 150 ALA n 
1 151 LEU n 
1 152 PHE n 
1 153 PHE n 
1 154 LEU n 
1 155 LEU n 
1 156 GLU n 
1 157 MET n 
1 158 LEU n 
1 159 ARG n 
1 160 ASP n 
1 161 GLY n 
1 162 ALA n 
1 163 PRO n 
1 164 LYS n 
1 165 PRO n 
1 166 ALA n 
1 167 ALA n 
1 168 ILE n 
1 169 LEU n 
1 170 GLY n 
1 171 MET n 
1 172 PRO n 
1 173 VAL n 
1 174 GLY n 
1 175 PHE n 
1 176 VAL n 
1 177 GLY n 
1 178 ALA n 
1 179 ALA n 
1 180 GLU n 
1 181 SER n 
1 182 LYS n 
1 183 ASP n 
1 184 ALA n 
1 185 LEU n 
1 186 ALA n 
1 187 GLU n 
1 188 ASN n 
1 189 SER n 
1 190 TYR n 
1 191 GLY n 
1 192 VAL n 
1 193 PRO n 
1 194 PHE n 
1 195 ALA n 
1 196 ILE n 
1 197 VAL n 
1 198 ARG n 
1 199 GLY n 
1 200 ARG n 
1 201 LEU n 
1 202 GLY n 
1 203 GLY n 
1 204 SER n 
1 205 ALA n 
1 206 MET n 
1 207 THR n 
1 208 ALA n 
1 209 ALA n 
1 210 ALA n 
1 211 LEU n 
1 212 ASN n 
1 213 SER n 
1 214 LEU n 
1 215 ALA n 
1 216 ARG n 
1 217 PRO n 
1 218 GLY n 
1 219 LEU n 
# 
_entity_src_gen.entity_id                          1 
_entity_src_gen.pdbx_src_id                        1 
_entity_src_gen.pdbx_alt_source_flag               sample 
_entity_src_gen.pdbx_seq_type                      ? 
_entity_src_gen.pdbx_beg_seq_num                   ? 
_entity_src_gen.pdbx_end_seq_num                   ? 
_entity_src_gen.gene_src_common_name               ? 
_entity_src_gen.gene_src_genus                     Pseudomonas 
_entity_src_gen.pdbx_gene_src_gene                 ? 
_entity_src_gen.gene_src_species                   ? 
_entity_src_gen.gene_src_strain                    ? 
_entity_src_gen.gene_src_tissue                    ? 
_entity_src_gen.gene_src_tissue_fraction           ? 
_entity_src_gen.gene_src_details                   ? 
_entity_src_gen.pdbx_gene_src_fragment             ? 
_entity_src_gen.pdbx_gene_src_scientific_name      'Pseudomonas denitrificans' 
_entity_src_gen.pdbx_gene_src_ncbi_taxonomy_id     43306 
_entity_src_gen.pdbx_gene_src_variant              ? 
_entity_src_gen.pdbx_gene_src_cell_line            ? 
_entity_src_gen.pdbx_gene_src_atcc                 ? 
_entity_src_gen.pdbx_gene_src_organ                ? 
_entity_src_gen.pdbx_gene_src_organelle            ? 
_entity_src_gen.pdbx_gene_src_cell                 ? 
_entity_src_gen.pdbx_gene_src_cellular_location    ? 
_entity_src_gen.host_org_common_name               ? 
_entity_src_gen.pdbx_host_org_scientific_name      'Escherichia coli' 
_entity_src_gen.pdbx_host_org_ncbi_taxonomy_id     562 
_entity_src_gen.host_org_genus                     Escherichia 
_entity_src_gen.pdbx_host_org_gene                 ? 
_entity_src_gen.pdbx_host_org_organ                ? 
_entity_src_gen.host_org_species                   ? 
_entity_src_gen.pdbx_host_org_tissue               ? 
_entity_src_gen.pdbx_host_org_tissue_fraction      ? 
_entity_src_gen.pdbx_host_org_strain               ? 
_entity_src_gen.pdbx_host_org_variant              ? 
_entity_src_gen.pdbx_host_org_cell_line            ? 
_entity_src_gen.pdbx_host_org_atcc                 ? 
_entity_src_gen.pdbx_host_org_culture_collection   ? 
_entity_src_gen.pdbx_host_org_cell                 ? 
_entity_src_gen.pdbx_host_org_organelle            ? 
_entity_src_gen.pdbx_host_org_cellular_location    ? 
_entity_src_gen.pdbx_host_org_vector_type          ? 
_entity_src_gen.pdbx_host_org_vector               ? 
_entity_src_gen.host_org_details                   ? 
_entity_src_gen.expression_system_id               ? 
_entity_src_gen.plasmid_name                       PLM1 
_entity_src_gen.plasmid_details                    ? 
_entity_src_gen.pdbx_description                   ? 
# 
loop_
_chem_comp.id 
_chem_comp.type 
_chem_comp.mon_nstd_flag 
_chem_comp.name 
_chem_comp.pdbx_synonyms 
_chem_comp.formula 
_chem_comp.formula_weight 
ALA 'L-peptide linking' y ALANINE         ? 'C3 H7 N O2'     89.093  
ARG 'L-peptide linking' y ARGININE        ? 'C6 H15 N4 O2 1' 175.209 
ASN 'L-peptide linking' y ASPARAGINE      ? 'C4 H8 N2 O3'    132.118 
ASP 'L-peptide linking' y 'ASPARTIC ACID' ? 'C4 H7 N O4'     133.103 
CYS 'L-peptide linking' y CYSTEINE        ? 'C3 H7 N O2 S'   121.158 
GLN 'L-peptide linking' y GLUTAMINE       ? 'C5 H10 N2 O3'   146.144 
GLU 'L-peptide linking' y 'GLUTAMIC ACID' ? 'C5 H9 N O4'     147.129 
GLY 'peptide linking'   y GLYCINE         ? 'C2 H5 N O2'     75.067  
HIS 'L-peptide linking' y HISTIDINE       ? 'C6 H10 N3 O2 1' 156.162 
HOH non-polymer         . WATER           ? 'H2 O'           18.015  
ILE 'L-peptide linking' y ISOLEUCINE      ? 'C6 H13 N O2'    131.173 
LEU 'L-peptide linking' y LEUCINE         ? 'C6 H13 N O2'    131.173 
LYS 'L-peptide linking' y LYSINE          ? 'C6 H15 N2 O2 1' 147.195 
MET 'L-peptide linking' y METHIONINE      ? 'C5 H11 N O2 S'  149.211 
PHE 'L-peptide linking' y PHENYLALANINE   ? 'C9 H11 N O2'    165.189 
PRO 'L-peptide linking' y PROLINE         ? 'C5 H9 N O2'     115.130 
SER 'L-peptide linking' y SERINE          ? 'C3 H7 N O3'     105.093 
THR 'L-peptide linking' y THREONINE       ? 'C4 H9 N O3'     119.119 
TRP 'L-peptide linking' y TRYPTOPHAN      ? 'C11 H12 N2 O2'  204.225 
TYR 'L-peptide linking' y TYROSINE        ? 'C9 H11 N O3'    181.189 
VAL 'L-peptide linking' y VALINE          ? 'C5 H11 N O2'    117.146 
# 
loop_
_pdbx_poly_seq_scheme.asym_id 
_pdbx_poly_seq_scheme.entity_id 
_pdbx_poly_seq_scheme.seq_id 
_pdbx_poly_seq_scheme.mon_id 
_pdbx_poly_seq_scheme.ndb_seq_num 
_pdbx_poly_seq_scheme.pdb_seq_num 
_pdbx_poly_seq_scheme.auth_seq_num 
_pdbx_poly_seq_scheme.pdb_mon_id 
_pdbx_poly_seq_scheme.auth_mon_id 
_pdbx_poly_seq_scheme.pdb_strand_id 
_pdbx_poly_seq_scheme.pdb_ins_code 
_pdbx_poly_seq_scheme.hetero 
A 1 1   MET 1   -8  ?   ?   ?   A . n 
A 1 2   ARG 2   -7  ?   ?   ?   A . n 
A 1 3   GLY 3   -6  ?   ?   ?   A . n 
A 1 4   SER 4   -5  ?   ?   ?   A . n 
A 1 5   HIS 5   -4  ?   ?   ?   A . n 
A 1 6   HIS 6   -3  ?   ?   ?   A . n 
A 1 7   HIS 7   -2  ?   ?   ?   A . n 
A 1 8   HIS 8   -1  ?   ?   ?   A . n 
A 1 9   HIS 9   0   ?   ?   ?   A . n 
A 1 10  HIS 10  1   ?   ?   ?   A . n 
A 1 11  PRO 11  2   2   PRO PRO A . n 
A 1 12  GLU 12  3   3   GLU GLU A . n 
A 1 13  TYR 13  4   4   TYR TYR A . n 
A 1 14  ASP 14  5   5   ASP ASP A . n 
A 1 15  TYR 15  6   6   TYR TYR A . n 
A 1 16  ILE 16  7   7   ILE ILE A . n 
A 1 17  ARG 17  8   8   ARG ARG A . n 
A 1 18  ASP 18  9   9   ASP ASP A . n 
A 1 19  GLY 19  10  10  GLY GLY A . n 
A 1 20  ASN 20  11  11  ASN ASN A . n 
A 1 21  ALA 21  12  12  ALA ALA A . n 
A 1 22  ILE 22  13  13  ILE ILE A . n 
A 1 23  TYR 23  14  14  TYR TYR A . n 
A 1 24  GLU 24  15  15  GLU GLU A . n 
A 1 25  ARG 25  16  16  ARG ARG A . n 
A 1 26  SER 26  17  17  SER SER A . n 
A 1 27  PHE 27  18  18  PHE PHE A . n 
A 1 28  ALA 28  19  19  ALA ALA A . n 
A 1 29  ILE 29  20  20  ILE ILE A . n 
A 1 30  ILE 30  21  21  ILE ILE A . n 
A 1 31  ARG 31  22  22  ARG ARG A . n 
A 1 32  ALA 32  23  23  ALA ALA A . n 
A 1 33  GLU 33  24  24  GLU GLU A . n 
A 1 34  ALA 34  25  25  ALA ALA A . n 
A 1 35  ASP 35  26  26  ASP ASP A . n 
A 1 36  LEU 36  27  27  LEU LEU A . n 
A 1 37  SER 37  28  28  SER SER A . n 
A 1 38  ARG 38  29  29  ARG ARG A . n 
A 1 39  PHE 39  30  30  PHE PHE A . n 
A 1 40  SER 40  31  31  SER SER A . n 
A 1 41  GLU 41  32  32  GLU GLU A . n 
A 1 42  GLU 42  33  33  GLU GLU A . n 
A 1 43  GLU 43  34  34  GLU GLU A . n 
A 1 44  ALA 44  35  35  ALA ALA A . n 
A 1 45  ASP 45  36  36  ASP ASP A . n 
A 1 46  LEU 46  37  37  LEU LEU A . n 
A 1 47  ALA 47  38  38  ALA ALA A . n 
A 1 48  VAL 48  39  39  VAL VAL A . n 
A 1 49  ARG 49  40  40  ARG ARG A . n 
A 1 50  MET 50  41  41  MET MET A . n 
A 1 51  VAL 51  42  42  VAL VAL A . n 
A 1 52  HIS 52  43  43  HIS HIS A . n 
A 1 53  ALA 53  44  44  ALA ALA A . n 
A 1 54  CYS 54  45  45  CYS CYS A . n 
A 1 55  GLY 55  46  46  GLY GLY A . n 
A 1 56  SER 56  47  47  SER SER A . n 
A 1 57  VAL 57  48  48  VAL VAL A . n 
A 1 58  GLU 58  49  49  GLU GLU A . n 
A 1 59  ALA 59  50  50  ALA ALA A . n 
A 1 60  THR 60  51  51  THR THR A . n 
A 1 61  ARG 61  52  52  ARG ARG A . n 
A 1 62  GLN 62  53  53  GLN GLN A . n 
A 1 63  PHE 63  54  54  PHE PHE A . n 
A 1 64  VAL 64  55  55  VAL VAL A . n 
A 1 65  PHE 65  56  56  PHE PHE A . n 
A 1 66  SER 66  57  57  SER SER A . n 
A 1 67  PRO 67  58  58  PRO PRO A . n 
A 1 68  ASP 68  59  59  ASP ASP A . n 
A 1 69  PHE 69  60  60  PHE PHE A . n 
A 1 70  VAL 70  61  61  VAL VAL A . n 
A 1 71  SER 71  62  62  SER SER A . n 
A 1 72  SER 72  63  63  SER SER A . n 
A 1 73  ALA 73  64  64  ALA ALA A . n 
A 1 74  ARG 74  65  65  ARG ARG A . n 
A 1 75  ALA 75  66  66  ALA ALA A . n 
A 1 76  ALA 76  67  67  ALA ALA A . n 
A 1 77  LEU 77  68  68  LEU LEU A . n 
A 1 78  LYS 78  69  69  LYS LYS A . n 
A 1 79  ALA 79  70  70  ALA ALA A . n 
A 1 80  GLY 80  71  71  GLY GLY A . n 
A 1 81  ALA 81  72  72  ALA ALA A . n 
A 1 82  PRO 82  73  73  PRO PRO A . n 
A 1 83  ILE 83  74  74  ILE ILE A . n 
A 1 84  LEU 84  75  75  LEU LEU A . n 
A 1 85  CYS 85  76  76  CYS CYS A . n 
A 1 86  ASP 86  77  77  ASP ASP A . n 
A 1 87  ALA 87  78  78  ALA ALA A . n 
A 1 88  GLU 88  79  79  GLU GLU A . n 
A 1 89  MET 89  80  80  MET MET A . n 
A 1 90  VAL 90  81  81  VAL VAL A . n 
A 1 91  ALA 91  82  82  ALA ALA A . n 
A 1 92  HIS 92  83  83  HIS HIS A . n 
A 1 93  GLY 93  84  84  GLY GLY A . n 
A 1 94  VAL 94  85  85  VAL VAL A . n 
A 1 95  THR 95  86  86  THR THR A . n 
A 1 96  ARG 96  87  87  ARG ARG A . n 
A 1 97  ALA 97  88  88  ALA ALA A . n 
A 1 98  ARG 98  89  89  ARG ARG A . n 
A 1 99  LEU 99  90  90  LEU LEU A . n 
A 1 100 PRO 100 91  91  PRO PRO A . n 
A 1 101 ALA 101 92  92  ALA ALA A . n 
A 1 102 GLY 102 93  93  GLY GLY A . n 
A 1 103 ASN 103 94  94  ASN ASN A . n 
A 1 104 GLU 104 95  95  GLU GLU A . n 
A 1 105 VAL 105 96  96  VAL VAL A . n 
A 1 106 ILE 106 97  97  ILE ILE A . n 
A 1 107 CYS 107 98  98  CYS CYS A . n 
A 1 108 THR 108 99  99  THR THR A . n 
A 1 109 LEU 109 100 100 LEU LEU A . n 
A 1 110 ARG 110 101 101 ARG ARG A . n 
A 1 111 ASP 111 102 102 ASP ASP A . n 
A 1 112 PRO 112 103 103 PRO PRO A . n 
A 1 113 ARG 113 104 104 ARG ARG A . n 
A 1 114 THR 114 105 105 THR THR A . n 
A 1 115 PRO 115 106 106 PRO PRO A . n 
A 1 116 ALA 116 107 107 ALA ALA A . n 
A 1 117 LEU 117 108 108 LEU LEU A . n 
A 1 118 ALA 118 109 109 ALA ALA A . n 
A 1 119 ALA 119 110 110 ALA ALA A . n 
A 1 120 GLU 120 111 111 GLU GLU A . n 
A 1 121 ILE 121 112 112 ILE ILE A . n 
A 1 122 GLY 122 113 113 GLY GLY A . n 
A 1 123 ASN 123 114 114 ASN ASN A . n 
A 1 124 THR 124 115 115 THR THR A . n 
A 1 125 ARG 125 116 116 ARG ARG A . n 
A 1 126 SER 126 117 117 SER SER A . n 
A 1 127 ALA 127 118 118 ALA ALA A . n 
A 1 128 ALA 128 119 119 ALA ALA A . n 
A 1 129 ALA 129 120 120 ALA ALA A . n 
A 1 130 LEU 130 121 121 LEU LEU A . n 
A 1 131 LYS 131 122 122 LYS LYS A . n 
A 1 132 LEU 132 123 123 LEU LEU A . n 
A 1 133 TRP 133 124 124 TRP TRP A . n 
A 1 134 SER 134 125 125 SER SER A . n 
A 1 135 GLU 135 126 126 GLU GLU A . n 
A 1 136 ARG 136 127 127 ARG ARG A . n 
A 1 137 LEU 137 128 128 LEU LEU A . n 
A 1 138 ALA 138 129 129 ALA ALA A . n 
A 1 139 GLY 139 130 130 GLY GLY A . n 
A 1 140 SER 140 131 131 SER SER A . n 
A 1 141 VAL 141 132 132 VAL VAL A . n 
A 1 142 VAL 142 133 133 VAL VAL A . n 
A 1 143 ALA 143 134 134 ALA ALA A . n 
A 1 144 ILE 144 135 135 ILE ILE A . n 
A 1 145 GLY 145 136 136 GLY GLY A . n 
A 1 146 ASN 146 137 137 ASN ASN A . n 
A 1 147 ALA 147 138 138 ALA ALA A . n 
A 1 148 PRO 148 139 139 PRO PRO A . n 
A 1 149 THR 149 140 140 THR THR A . n 
A 1 150 ALA 150 141 141 ALA ALA A . n 
A 1 151 LEU 151 142 142 LEU LEU A . n 
A 1 152 PHE 152 143 143 PHE PHE A . n 
A 1 153 PHE 153 144 144 PHE PHE A . n 
A 1 154 LEU 154 145 145 LEU LEU A . n 
A 1 155 LEU 155 146 146 LEU LEU A . n 
A 1 156 GLU 156 147 147 GLU GLU A . n 
A 1 157 MET 157 148 148 MET MET A . n 
A 1 158 LEU 158 149 149 LEU LEU A . n 
A 1 159 ARG 159 150 150 ARG ARG A . n 
A 1 160 ASP 160 151 151 ASP ASP A . n 
A 1 161 GLY 161 152 152 GLY GLY A . n 
A 1 162 ALA 162 153 153 ALA ALA A . n 
A 1 163 PRO 163 154 154 PRO PRO A . n 
A 1 164 LYS 164 155 155 LYS LYS A . n 
A 1 165 PRO 165 156 156 PRO PRO A . n 
A 1 166 ALA 166 157 157 ALA ALA A . n 
A 1 167 ALA 167 158 158 ALA ALA A . n 
A 1 168 ILE 168 159 159 ILE ILE A . n 
A 1 169 LEU 169 160 160 LEU LEU A . n 
A 1 170 GLY 170 161 161 GLY GLY A . n 
A 1 171 MET 171 162 162 MET MET A . n 
A 1 172 PRO 172 163 163 PRO PRO A . n 
A 1 173 VAL 173 164 164 VAL VAL A . n 
A 1 174 GLY 174 165 165 GLY GLY A . n 
A 1 175 PHE 175 166 166 PHE PHE A . n 
A 1 176 VAL 176 167 167 VAL VAL A . n 
A 1 177 GLY 177 168 168 GLY GLY A . n 
A 1 178 ALA 178 169 169 ALA ALA A . n 
A 1 179 ALA 179 170 170 ALA ALA A . n 
A 1 180 GLU 180 171 171 GLU GLU A . n 
A 1 181 SER 181 172 172 SER SER A . n 
A 1 182 LYS 182 173 173 LYS LYS A . n 
A 1 183 ASP 183 174 174 ASP ASP A . n 
A 1 184 ALA 184 175 175 ALA ALA A . n 
A 1 185 LEU 185 176 176 LEU LEU A . n 
A 1 186 ALA 186 177 177 ALA ALA A . n 
A 1 187 GLU 187 178 178 GLU GLU A . n 
A 1 188 ASN 188 179 179 ASN ASN A . n 
A 1 189 SER 189 180 180 SER SER A . n 
A 1 190 TYR 190 181 181 TYR TYR A . n 
A 1 191 GLY 191 182 182 GLY GLY A . n 
A 1 192 VAL 192 183 183 VAL VAL A . n 
A 1 193 PRO 193 184 184 PRO PRO A . n 
A 1 194 PHE 194 185 185 PHE PHE A . n 
A 1 195 ALA 195 186 186 ALA ALA A . n 
A 1 196 ILE 196 187 187 ILE ILE A . n 
A 1 197 VAL 197 188 188 VAL VAL A . n 
A 1 198 ARG 198 189 189 ARG ARG A . n 
A 1 199 GLY 199 190 190 GLY GLY A . n 
A 1 200 ARG 200 191 191 ARG ARG A . n 
A 1 201 LEU 201 192 192 LEU LEU A . n 
A 1 202 GLY 202 193 193 GLY GLY A . n 
A 1 203 GLY 203 194 194 GLY GLY A . n 
A 1 204 SER 204 195 195 SER SER A . n 
A 1 205 ALA 205 196 196 ALA ALA A . n 
A 1 206 MET 206 197 197 MET MET A . n 
A 1 207 THR 207 198 198 THR THR A . n 
A 1 208 ALA 208 199 199 ALA ALA A . n 
A 1 209 ALA 209 200 200 ALA ALA A . n 
A 1 210 ALA 210 201 201 ALA ALA A . n 
A 1 211 LEU 211 202 202 LEU LEU A . n 
A 1 212 ASN 212 203 203 ASN ASN A . n 
A 1 213 SER 213 204 204 SER SER A . n 
A 1 214 LEU 214 205 205 LEU LEU A . n 
A 1 215 ALA 215 206 206 ALA ALA A . n 
A 1 216 ARG 216 207 207 ARG ARG A . n 
A 1 217 PRO 217 208 208 PRO PRO A . n 
A 1 218 GLY 218 209 209 GLY GLY A . n 
A 1 219 LEU 219 210 210 LEU LEU A . n 
# 
loop_
_pdbx_nonpoly_scheme.asym_id 
_pdbx_nonpoly_scheme.entity_id 
_pdbx_nonpoly_scheme.mon_id 
_pdbx_nonpoly_scheme.ndb_seq_num 
_pdbx_nonpoly_scheme.pdb_seq_num 
_pdbx_nonpoly_scheme.auth_seq_num 
_pdbx_nonpoly_scheme.pdb_mon_id 
_pdbx_nonpoly_scheme.auth_mon_id 
_pdbx_nonpoly_scheme.pdb_strand_id 
_pdbx_nonpoly_scheme.pdb_ins_code 
B 2 HOH 1   211 1   HOH WAT A . 
B 2 HOH 2   212 2   HOH WAT A . 
B 2 HOH 3   213 3   HOH WAT A . 
B 2 HOH 4   214 4   HOH WAT A . 
B 2 HOH 5   215 5   HOH WAT A . 
B 2 HOH 6   216 6   HOH WAT A . 
B 2 HOH 7   217 7   HOH WAT A . 
B 2 HOH 8   218 8   HOH WAT A . 
B 2 HOH 9   219 9   HOH WAT A . 
B 2 HOH 10  220 10  HOH WAT A . 
B 2 HOH 11  221 11  HOH WAT A . 
B 2 HOH 12  222 12  HOH WAT A . 
B 2 HOH 13  223 13  HOH WAT A . 
B 2 HOH 14  224 14  HOH WAT A . 
B 2 HOH 15  225 15  HOH WAT A . 
B 2 HOH 16  226 16  HOH WAT A . 
B 2 HOH 17  227 17  HOH WAT A . 
B 2 HOH 18  228 18  HOH WAT A . 
B 2 HOH 19  229 19  HOH WAT A . 
B 2 HOH 20  230 20  HOH WAT A . 
B 2 HOH 21  231 21  HOH WAT A . 
B 2 HOH 22  232 22  HOH WAT A . 
B 2 HOH 23  233 23  HOH WAT A . 
B 2 HOH 24  234 24  HOH WAT A . 
B 2 HOH 25  235 25  HOH WAT A . 
B 2 HOH 26  236 26  HOH WAT A . 
B 2 HOH 27  237 27  HOH WAT A . 
B 2 HOH 28  238 28  HOH WAT A . 
B 2 HOH 29  239 29  HOH WAT A . 
B 2 HOH 30  240 30  HOH WAT A . 
B 2 HOH 31  241 31  HOH WAT A . 
B 2 HOH 32  242 32  HOH WAT A . 
B 2 HOH 33  243 33  HOH WAT A . 
B 2 HOH 34  244 34  HOH WAT A . 
B 2 HOH 35  245 35  HOH WAT A . 
B 2 HOH 36  246 36  HOH WAT A . 
B 2 HOH 37  247 37  HOH WAT A . 
B 2 HOH 38  248 38  HOH WAT A . 
B 2 HOH 39  249 39  HOH WAT A . 
B 2 HOH 40  250 40  HOH WAT A . 
B 2 HOH 41  251 41  HOH WAT A . 
B 2 HOH 42  252 42  HOH WAT A . 
B 2 HOH 43  253 43  HOH WAT A . 
B 2 HOH 44  254 44  HOH WAT A . 
B 2 HOH 45  255 45  HOH WAT A . 
B 2 HOH 46  256 46  HOH WAT A . 
B 2 HOH 47  257 47  HOH WAT A . 
B 2 HOH 48  258 48  HOH WAT A . 
B 2 HOH 49  259 49  HOH WAT A . 
B 2 HOH 50  260 50  HOH WAT A . 
B 2 HOH 51  261 51  HOH WAT A . 
B 2 HOH 52  262 52  HOH WAT A . 
B 2 HOH 53  263 53  HOH WAT A . 
B 2 HOH 54  264 54  HOH WAT A . 
B 2 HOH 55  265 55  HOH WAT A . 
B 2 HOH 56  266 56  HOH WAT A . 
B 2 HOH 57  267 57  HOH WAT A . 
B 2 HOH 58  268 58  HOH WAT A . 
B 2 HOH 59  269 59  HOH WAT A . 
B 2 HOH 60  270 60  HOH WAT A . 
B 2 HOH 61  271 61  HOH WAT A . 
B 2 HOH 62  272 62  HOH WAT A . 
B 2 HOH 63  273 63  HOH WAT A . 
B 2 HOH 64  274 64  HOH WAT A . 
B 2 HOH 65  275 65  HOH WAT A . 
B 2 HOH 66  276 66  HOH WAT A . 
B 2 HOH 67  277 67  HOH WAT A . 
B 2 HOH 68  278 68  HOH WAT A . 
B 2 HOH 69  279 69  HOH WAT A . 
B 2 HOH 70  280 70  HOH WAT A . 
B 2 HOH 71  281 71  HOH WAT A . 
B 2 HOH 72  282 72  HOH WAT A . 
B 2 HOH 73  283 73  HOH WAT A . 
B 2 HOH 74  284 74  HOH WAT A . 
B 2 HOH 75  285 75  HOH WAT A . 
B 2 HOH 76  286 76  HOH WAT A . 
B 2 HOH 77  287 77  HOH WAT A . 
B 2 HOH 78  288 78  HOH WAT A . 
B 2 HOH 79  289 79  HOH WAT A . 
B 2 HOH 80  290 80  HOH WAT A . 
B 2 HOH 81  291 81  HOH WAT A . 
B 2 HOH 82  292 82  HOH WAT A . 
B 2 HOH 83  293 83  HOH WAT A . 
B 2 HOH 84  294 84  HOH WAT A . 
B 2 HOH 85  295 85  HOH WAT A . 
B 2 HOH 86  296 86  HOH WAT A . 
B 2 HOH 87  297 87  HOH WAT A . 
B 2 HOH 88  298 88  HOH WAT A . 
B 2 HOH 89  299 89  HOH WAT A . 
B 2 HOH 90  300 90  HOH WAT A . 
B 2 HOH 91  301 91  HOH WAT A . 
B 2 HOH 92  302 92  HOH WAT A . 
B 2 HOH 93  303 93  HOH WAT A . 
B 2 HOH 94  304 94  HOH WAT A . 
B 2 HOH 95  305 95  HOH WAT A . 
B 2 HOH 96  306 96  HOH WAT A . 
B 2 HOH 97  307 97  HOH WAT A . 
B 2 HOH 98  308 98  HOH WAT A . 
B 2 HOH 99  309 99  HOH WAT A . 
B 2 HOH 100 310 100 HOH WAT A . 
B 2 HOH 101 311 101 HOH WAT A . 
B 2 HOH 102 312 102 HOH WAT A . 
B 2 HOH 103 313 103 HOH WAT A . 
B 2 HOH 104 314 104 HOH WAT A . 
B 2 HOH 105 315 105 HOH WAT A . 
B 2 HOH 106 316 106 HOH WAT A . 
B 2 HOH 107 317 107 HOH WAT A . 
B 2 HOH 108 318 108 HOH WAT A . 
B 2 HOH 109 319 109 HOH WAT A . 
B 2 HOH 110 320 110 HOH WAT A . 
B 2 HOH 111 321 111 HOH WAT A . 
B 2 HOH 112 322 112 HOH WAT A . 
B 2 HOH 113 323 113 HOH WAT A . 
B 2 HOH 114 324 114 HOH WAT A . 
B 2 HOH 115 325 115 HOH WAT A . 
B 2 HOH 116 326 116 HOH WAT A . 
B 2 HOH 117 327 117 HOH WAT A . 
B 2 HOH 118 328 118 HOH WAT A . 
B 2 HOH 119 329 119 HOH WAT A . 
B 2 HOH 120 330 120 HOH WAT A . 
B 2 HOH 121 331 121 HOH WAT A . 
B 2 HOH 122 332 122 HOH WAT A . 
B 2 HOH 123 333 123 HOH WAT A . 
B 2 HOH 124 334 124 HOH WAT A . 
B 2 HOH 125 335 125 HOH WAT A . 
B 2 HOH 126 336 126 HOH WAT A . 
B 2 HOH 127 337 127 HOH WAT A . 
B 2 HOH 128 338 128 HOH WAT A . 
B 2 HOH 129 339 129 HOH WAT A . 
B 2 HOH 130 340 130 HOH WAT A . 
B 2 HOH 131 341 131 HOH WAT A . 
B 2 HOH 132 342 132 HOH WAT A . 
B 2 HOH 133 343 133 HOH WAT A . 
B 2 HOH 134 344 134 HOH WAT A . 
B 2 HOH 135 345 135 HOH WAT A . 
B 2 HOH 136 346 136 HOH WAT A . 
B 2 HOH 137 347 137 HOH WAT A . 
B 2 HOH 138 348 138 HOH WAT A . 
B 2 HOH 139 349 139 HOH WAT A . 
B 2 HOH 140 350 140 HOH WAT A . 
B 2 HOH 141 351 141 HOH WAT A . 
B 2 HOH 142 352 142 HOH WAT A . 
B 2 HOH 143 353 143 HOH WAT A . 
B 2 HOH 144 354 144 HOH WAT A . 
B 2 HOH 145 355 145 HOH WAT A . 
B 2 HOH 146 356 146 HOH WAT A . 
B 2 HOH 147 357 147 HOH WAT A . 
B 2 HOH 148 358 148 HOH WAT A . 
B 2 HOH 149 359 149 HOH WAT A . 
B 2 HOH 150 360 150 HOH WAT A . 
B 2 HOH 151 361 151 HOH WAT A . 
B 2 HOH 152 362 152 HOH WAT A . 
B 2 HOH 153 363 153 HOH WAT A . 
B 2 HOH 154 364 154 HOH WAT A . 
B 2 HOH 155 365 155 HOH WAT A . 
B 2 HOH 156 366 156 HOH WAT A . 
B 2 HOH 157 367 157 HOH WAT A . 
B 2 HOH 158 368 158 HOH WAT A . 
B 2 HOH 159 369 159 HOH WAT A . 
B 2 HOH 160 370 160 HOH WAT A . 
B 2 HOH 161 371 161 HOH WAT A . 
B 2 HOH 162 372 162 HOH WAT A . 
B 2 HOH 163 373 163 HOH WAT A . 
B 2 HOH 164 374 164 HOH WAT A . 
B 2 HOH 165 375 165 HOH WAT A . 
B 2 HOH 166 376 166 HOH WAT A . 
B 2 HOH 167 377 167 HOH WAT A . 
B 2 HOH 168 378 168 HOH WAT A . 
B 2 HOH 169 379 169 HOH WAT A . 
B 2 HOH 170 380 170 HOH WAT A . 
B 2 HOH 171 381 171 HOH WAT A . 
B 2 HOH 172 382 172 HOH WAT A . 
B 2 HOH 173 383 173 HOH WAT A . 
B 2 HOH 174 384 174 HOH WAT A . 
B 2 HOH 175 385 175 HOH WAT A . 
B 2 HOH 176 386 176 HOH WAT A . 
B 2 HOH 177 387 177 HOH WAT A . 
B 2 HOH 178 388 178 HOH WAT A . 
B 2 HOH 179 389 179 HOH WAT A . 
B 2 HOH 180 390 180 HOH WAT A . 
B 2 HOH 181 391 181 HOH WAT A . 
B 2 HOH 182 392 182 HOH WAT A . 
B 2 HOH 183 393 183 HOH WAT A . 
B 2 HOH 184 394 184 HOH WAT A . 
B 2 HOH 185 395 185 HOH WAT A . 
B 2 HOH 186 396 186 HOH WAT A . 
B 2 HOH 187 397 187 HOH WAT A . 
B 2 HOH 188 398 188 HOH WAT A . 
B 2 HOH 189 399 189 HOH WAT A . 
B 2 HOH 190 400 190 HOH WAT A . 
B 2 HOH 191 401 191 HOH WAT A . 
B 2 HOH 192 402 192 HOH WAT A . 
B 2 HOH 193 403 193 HOH WAT A . 
B 2 HOH 194 404 194 HOH WAT A . 
B 2 HOH 195 405 195 HOH WAT A . 
B 2 HOH 196 406 196 HOH WAT A . 
B 2 HOH 197 407 197 HOH WAT A . 
B 2 HOH 198 408 198 HOH WAT A . 
B 2 HOH 199 409 199 HOH WAT A . 
B 2 HOH 200 410 200 HOH WAT A . 
B 2 HOH 201 411 201 HOH WAT A . 
B 2 HOH 202 412 202 HOH WAT A . 
B 2 HOH 203 413 203 HOH WAT A . 
B 2 HOH 204 414 204 HOH WAT A . 
B 2 HOH 205 415 205 HOH WAT A . 
B 2 HOH 206 416 206 HOH WAT A . 
B 2 HOH 207 417 207 HOH WAT A . 
B 2 HOH 208 418 208 HOH WAT A . 
B 2 HOH 209 419 209 HOH WAT A . 
B 2 HOH 210 420 210 HOH WAT A . 
B 2 HOH 211 421 211 HOH WAT A . 
B 2 HOH 212 422 212 HOH WAT A . 
B 2 HOH 213 423 213 HOH WAT A . 
B 2 HOH 214 424 214 HOH WAT A . 
B 2 HOH 215 425 215 HOH WAT A . 
B 2 HOH 216 426 216 HOH WAT A . 
B 2 HOH 217 427 217 HOH WAT A . 
B 2 HOH 218 428 218 HOH WAT A . 
B 2 HOH 219 429 219 HOH WAT A . 
B 2 HOH 220 430 220 HOH WAT A . 
# 
loop_
_software.name 
_software.classification 
_software.version 
_software.citation_id 
_software.pdbx_ordinal 
SOLVE     phasing          .   ? 1 
CNS       refinement       0.9 ? 2 
DENZO     'data reduction' .   ? 3 
SCALEPACK 'data scaling'   .   ? 4 
# 
_cell.entry_id           1F2V 
_cell.length_a           90.100 
_cell.length_b           36.600 
_cell.length_c           60.300 
_cell.angle_alpha        90.00 
_cell.angle_beta         113.80 
_cell.angle_gamma        90.00 
_cell.Z_PDB              4 
_cell.pdbx_unique_axis   ? 
# 
_symmetry.entry_id                         1F2V 
_symmetry.space_group_name_H-M             'C 1 2 1' 
_symmetry.pdbx_full_space_group_name_H-M   ? 
_symmetry.cell_setting                     ? 
_symmetry.Int_Tables_number                5 
# 
_exptl.entry_id          1F2V 
_exptl.method            'X-RAY DIFFRACTION' 
_exptl.crystals_number   3 
# 
_exptl_crystal.id                    1 
_exptl_crystal.density_meas          ? 
_exptl_crystal.density_percent_sol   37.18 
_exptl_crystal.density_Matthews      1.96 
_exptl_crystal.description           ? 
# 
_exptl_crystal_grow.crystal_id      1 
_exptl_crystal_grow.method          'VAPOR DIFFUSION, HANGING DROP' 
_exptl_crystal_grow.pH              8.5 
_exptl_crystal_grow.temp            289 
_exptl_crystal_grow.temp_details    ? 
_exptl_crystal_grow.pdbx_details    
'PEG 4000, magnesium chloride, Tris-HCL, pH 8.5, VAPOR DIFFUSION, HANGING DROP, temperature 289K' 
_exptl_crystal_grow.pdbx_pH_range   . 
# 
_diffrn.id                     1 
_diffrn.ambient_temp           120.0 
_diffrn.ambient_temp_details   ? 
_diffrn.crystal_id             1 
# 
_diffrn_detector.diffrn_id              1 
_diffrn_detector.detector               'IMAGE PLATE' 
_diffrn_detector.type                   MACSCIENCE 
_diffrn_detector.pdbx_collection_date   1999-05-18 
_diffrn_detector.details                ? 
# 
_diffrn_radiation.diffrn_id                        1 
_diffrn_radiation.wavelength_id                    1 
_diffrn_radiation.monochromator                    ? 
_diffrn_radiation.pdbx_monochromatic_or_laue_m_l   M 
_diffrn_radiation.pdbx_diffrn_protocol             'SINGLE WAVELENGTH' 
_diffrn_radiation.pdbx_scattering_type             x-ray 
# 
_diffrn_radiation_wavelength.id           1 
_diffrn_radiation_wavelength.wavelength   1.5418 
_diffrn_radiation_wavelength.wt           1.0 
# 
_diffrn_source.diffrn_id                   1 
_diffrn_source.source                      'ROTATING ANODE' 
_diffrn_source.type                        RIGAKU 
_diffrn_source.pdbx_wavelength             1.5418 
_diffrn_source.pdbx_synchrotron_site       ? 
_diffrn_source.pdbx_synchrotron_beamline   ? 
_diffrn_source.pdbx_wavelength_list        ? 
# 
_reflns.entry_id                     1F2V 
_reflns.observed_criterion_sigma_I   2.0 
_reflns.observed_criterion_sigma_F   2.0 
_reflns.d_resolution_low             30 
_reflns.d_resolution_high            2.1 
_reflns.number_obs                   8066 
_reflns.number_all                   10108 
_reflns.percent_possible_obs         90.3 
_reflns.pdbx_Rmerge_I_obs            0.0790000 
_reflns.pdbx_Rsym_value              ? 
_reflns.pdbx_netI_over_sigmaI        8.4 
_reflns.B_iso_Wilson_estimate        22.5 
_reflns.pdbx_redundancy              3.3 
_reflns.R_free_details               ? 
_reflns.limit_h_max                  ? 
_reflns.limit_h_min                  ? 
_reflns.limit_k_max                  ? 
_reflns.limit_k_min                  ? 
_reflns.limit_l_max                  ? 
_reflns.limit_l_min                  ? 
_reflns.observed_criterion_F_max     ? 
_reflns.observed_criterion_F_min     ? 
_reflns.pdbx_ordinal                 1 
_reflns.pdbx_diffrn_id               1 
# 
_reflns_shell.d_res_high             2.1 
_reflns_shell.d_res_low              20 
_reflns_shell.percent_possible_obs   ? 
_reflns_shell.percent_possible_all   94.1 
_reflns_shell.Rmerge_I_obs           0.2780000 
_reflns_shell.meanI_over_sigI_obs    ? 
_reflns_shell.pdbx_Rsym_value        ? 
_reflns_shell.pdbx_redundancy        2.5 
_reflns_shell.number_unique_all      ? 
_reflns_shell.pdbx_ordinal           1 
_reflns_shell.pdbx_diffrn_id         1 
# 
_refine.entry_id                                 1F2V 
_refine.ls_number_reflns_obs                     8066 
_refine.ls_number_reflns_all                     10108 
_refine.pdbx_ls_sigma_I                          2 
_refine.pdbx_ls_sigma_F                          2 
_refine.pdbx_data_cutoff_high_absF               ? 
_refine.pdbx_data_cutoff_low_absF                ? 
_refine.ls_d_res_low                             20 
_refine.ls_d_res_high                            2.1 
_refine.ls_percent_reflns_obs                    ? 
_refine.ls_R_factor_obs                          0.1870000 
_refine.ls_R_factor_all                          0.1830000 
_refine.ls_R_factor_R_work                       0.1830000 
_refine.ls_R_factor_R_free                       0.2360000 
_refine.ls_R_factor_R_free_error                 ? 
_refine.ls_R_factor_R_free_error_details         ? 
_refine.ls_percent_reflns_R_free                 ? 
_refine.ls_number_reflns_R_free                  598 
_refine.ls_number_parameters                     ? 
_refine.ls_number_restraints                     ? 
_refine.occupancy_min                            ? 
_refine.occupancy_max                            ? 
_refine.B_iso_mean                               ? 
_refine.aniso_B[1][1]                            ? 
_refine.aniso_B[2][2]                            ? 
_refine.aniso_B[3][3]                            ? 
_refine.aniso_B[1][2]                            ? 
_refine.aniso_B[1][3]                            ? 
_refine.aniso_B[2][3]                            ? 
_refine.solvent_model_details                    ? 
_refine.solvent_model_param_ksol                 ? 
_refine.solvent_model_param_bsol                 ? 
_refine.pdbx_ls_cross_valid_method               ? 
_refine.details                                  ? 
_refine.pdbx_starting_model                      ? 
_refine.pdbx_method_to_determine_struct          ? 
_refine.pdbx_isotropic_thermal_model             ? 
_refine.pdbx_stereochemistry_target_values       'Engh & Huber' 
_refine.pdbx_stereochem_target_val_spec_case     ? 
_refine.pdbx_R_Free_selection_details            RANDOM 
_refine.pdbx_overall_ESU_R_Free                  ? 
_refine.overall_SU_B                             ? 
_refine.ls_redundancy_reflns_obs                 ? 
_refine.B_iso_min                                ? 
_refine.B_iso_max                                ? 
_refine.overall_SU_ML                            ? 
_refine.pdbx_overall_ESU_R                       ? 
_refine.pdbx_data_cutoff_high_rms_absF           ? 
_refine.correlation_coeff_Fo_to_Fc               ? 
_refine.correlation_coeff_Fo_to_Fc_free          ? 
_refine.overall_SU_R_Cruickshank_DPI             ? 
_refine.overall_SU_R_free                        ? 
_refine.pdbx_refine_id                           'X-RAY DIFFRACTION' 
_refine.pdbx_diffrn_id                           1 
_refine.pdbx_TLS_residual_ADP_flag               ? 
_refine.pdbx_solvent_vdw_probe_radii             ? 
_refine.pdbx_solvent_ion_probe_radii             ? 
_refine.pdbx_solvent_shrinkage_radii             ? 
_refine.pdbx_overall_phase_error                 ? 
_refine.pdbx_overall_SU_R_free_Cruickshank_DPI   ? 
_refine.pdbx_overall_SU_R_Blow_DPI               ? 
_refine.pdbx_overall_SU_R_free_Blow_DPI          ? 
# 
_refine_hist.pdbx_refine_id                   'X-RAY DIFFRACTION' 
_refine_hist.cycle_id                         LAST 
_refine_hist.pdbx_number_atoms_protein        1541 
_refine_hist.pdbx_number_atoms_nucleic_acid   0 
_refine_hist.pdbx_number_atoms_ligand         0 
_refine_hist.number_atoms_solvent             220 
_refine_hist.number_atoms_total               1761 
_refine_hist.d_res_high                       2.1 
_refine_hist.d_res_low                        20 
# 
loop_
_refine_ls_restr.type 
_refine_ls_restr.dev_ideal 
_refine_ls_restr.dev_ideal_target 
_refine_ls_restr.weight 
_refine_ls_restr.number 
_refine_ls_restr.pdbx_refine_id 
_refine_ls_restr.pdbx_restraint_function 
c_angle_deg 1.33428  ? ? ? 'X-RAY DIFFRACTION' ? 
c_bond_d    0.006030 ? ? ? 'X-RAY DIFFRACTION' ? 
# 
_struct.entry_id                  1F2V 
_struct.title                     'CRYSTAL STRUCTURE ANALYSIS OF PRECORRIN-8X METHYLMUTASE OF AEROBIC VITAMIN B12 SYNTHESIS' 
_struct.pdbx_model_details        ? 
_struct.pdbx_CASP_flag            ? 
_struct.pdbx_model_type_details   ? 
# 
_struct_keywords.entry_id        1F2V 
_struct_keywords.pdbx_keywords   ISOMERASE 
_struct_keywords.text            'alpha-beta wind, doubly wound sheet, ISOMERASE' 
# 
loop_
_struct_asym.id 
_struct_asym.pdbx_blank_PDB_chainid_flag 
_struct_asym.pdbx_modified 
_struct_asym.entity_id 
_struct_asym.details 
A N N 1 ? 
B N N 2 ? 
# 
_struct_ref.id                         1 
_struct_ref.db_code                    COBH_PSEDE 
_struct_ref.db_name                    UNP 
_struct_ref.entity_id                  1 
_struct_ref.pdbx_db_accession          P21638 
_struct_ref.pdbx_align_begin           1 
_struct_ref.pdbx_seq_one_letter_code   
;MPEYDYIRDGNAIYERSFAIIRAEADLSRFSEEEADLAVRMVHACGSVEATRQFVFSPDFVSSARAALKAGAPILCDAEM
VAHGVTRARLPAGNEVICTLRDPRTPALAAEIGNTRSAAALKLWSERLAGSVVAIGNAPTALFFLLEMLRDGAPKPAAIL
GMPVGFVGAAESKDALAENSYGVPFAIVRGRLGGSAMTAAALNSLARPGL
;
_struct_ref.pdbx_db_isoform            ? 
# 
_struct_ref_seq.align_id                      1 
_struct_ref_seq.ref_id                        1 
_struct_ref_seq.pdbx_PDB_id_code              1F2V 
_struct_ref_seq.pdbx_strand_id                A 
_struct_ref_seq.seq_align_beg                 11 
_struct_ref_seq.pdbx_seq_align_beg_ins_code   ? 
_struct_ref_seq.seq_align_end                 219 
_struct_ref_seq.pdbx_seq_align_end_ins_code   ? 
_struct_ref_seq.pdbx_db_accession             P21638 
_struct_ref_seq.db_align_beg                  2 
_struct_ref_seq.pdbx_db_align_beg_ins_code    ? 
_struct_ref_seq.db_align_end                  210 
_struct_ref_seq.pdbx_db_align_end_ins_code    ? 
_struct_ref_seq.pdbx_auth_seq_align_beg       2 
_struct_ref_seq.pdbx_auth_seq_align_end       210 
# 
loop_
_struct_ref_seq_dif.align_id 
_struct_ref_seq_dif.pdbx_pdb_id_code 
_struct_ref_seq_dif.mon_id 
_struct_ref_seq_dif.pdbx_pdb_strand_id 
_struct_ref_seq_dif.seq_num 
_struct_ref_seq_dif.pdbx_pdb_ins_code 
_struct_ref_seq_dif.pdbx_seq_db_name 
_struct_ref_seq_dif.pdbx_seq_db_accession_code 
_struct_ref_seq_dif.db_mon_id 
_struct_ref_seq_dif.pdbx_seq_db_seq_num 
_struct_ref_seq_dif.details 
_struct_ref_seq_dif.pdbx_auth_seq_num 
_struct_ref_seq_dif.pdbx_ordinal 
1 1F2V MET A 1  ? UNP P21638 ? ? 'expression tag' -8 1  
1 1F2V ARG A 2  ? UNP P21638 ? ? 'expression tag' -7 2  
1 1F2V GLY A 3  ? UNP P21638 ? ? 'expression tag' -6 3  
1 1F2V SER A 4  ? UNP P21638 ? ? 'expression tag' -5 4  
1 1F2V HIS A 5  ? UNP P21638 ? ? 'expression tag' -4 5  
1 1F2V HIS A 6  ? UNP P21638 ? ? 'expression tag' -3 6  
1 1F2V HIS A 7  ? UNP P21638 ? ? 'expression tag' -2 7  
1 1F2V HIS A 8  ? UNP P21638 ? ? 'expression tag' -1 8  
1 1F2V HIS A 9  ? UNP P21638 ? ? 'expression tag' 0  9  
1 1F2V HIS A 10 ? UNP P21638 ? ? 'expression tag' 1  10 
# 
_pdbx_struct_assembly.id                   1 
_pdbx_struct_assembly.details              author_and_software_defined_assembly 
_pdbx_struct_assembly.method_details       PISA,PQS 
_pdbx_struct_assembly.oligomeric_details   dimeric 
_pdbx_struct_assembly.oligomeric_count     2 
# 
loop_
_pdbx_struct_assembly_prop.biol_id 
_pdbx_struct_assembly_prop.type 
_pdbx_struct_assembly_prop.value 
_pdbx_struct_assembly_prop.details 
1 'ABSA (A^2)' 3530  ? 
1 MORE         -26   ? 
1 'SSA (A^2)'  16320 ? 
# 
_pdbx_struct_assembly_gen.assembly_id       1 
_pdbx_struct_assembly_gen.oper_expression   1,2 
_pdbx_struct_assembly_gen.asym_id_list      A,B 
# 
loop_
_pdbx_struct_oper_list.id 
_pdbx_struct_oper_list.type 
_pdbx_struct_oper_list.name 
_pdbx_struct_oper_list.symmetry_operation 
_pdbx_struct_oper_list.matrix[1][1] 
_pdbx_struct_oper_list.matrix[1][2] 
_pdbx_struct_oper_list.matrix[1][3] 
_pdbx_struct_oper_list.vector[1] 
_pdbx_struct_oper_list.matrix[2][1] 
_pdbx_struct_oper_list.matrix[2][2] 
_pdbx_struct_oper_list.matrix[2][3] 
_pdbx_struct_oper_list.vector[2] 
_pdbx_struct_oper_list.matrix[3][1] 
_pdbx_struct_oper_list.matrix[3][2] 
_pdbx_struct_oper_list.matrix[3][3] 
_pdbx_struct_oper_list.vector[3] 
1 'identity operation'         1_555 x,y,z     1.0000000000 0.0000000000 0.0000000000 0.0000000000  0.0000000000 1.0000000000  0.0000000000 0.0000000000   0.0000000000 0.0000000000 1.0000000000  0.0000000000   
2 'crystal symmetry operation' 2_655 -x+1,y,-z 0.2729241657 0.3355032186 0.9016373939 13.8192608096 0.3355032186 -0.9115717866 0.2376435736 -10.9417948711 0.9016373939 0.2376435736 -0.3613523791 -15.4384276149 
# 
_struct_biol.id                    1 
_struct_biol.details               
;The biological assembly is a dimer constructed from chain A and 
symmetry partner generated by the two-fold.
;
_struct_biol.pdbx_parent_biol_id   ? 
# 
loop_
_struct_conf.conf_type_id 
_struct_conf.id 
_struct_conf.pdbx_PDB_helix_id 
_struct_conf.beg_label_comp_id 
_struct_conf.beg_label_asym_id 
_struct_conf.beg_label_seq_id 
_struct_conf.pdbx_beg_PDB_ins_code 
_struct_conf.end_label_comp_id 
_struct_conf.end_label_asym_id 
_struct_conf.end_label_seq_id 
_struct_conf.pdbx_end_PDB_ins_code 
_struct_conf.beg_auth_comp_id 
_struct_conf.beg_auth_asym_id 
_struct_conf.beg_auth_seq_id 
_struct_conf.end_auth_comp_id 
_struct_conf.end_auth_asym_id 
_struct_conf.end_auth_seq_id 
_struct_conf.pdbx_PDB_helix_class 
_struct_conf.details 
_struct_conf.pdbx_PDB_helix_length 
HELX_P HELX_P1  1  ASP A 18  ? ALA A 34  ? ASP A 9   ALA A 25  1 ? 17 
HELX_P HELX_P2  2  SER A 40  ? GLY A 55  ? SER A 31  GLY A 46  1 ? 16 
HELX_P HELX_P3  3  SER A 56  ? ARG A 61  ? SER A 47  ARG A 52  5 ? 6  
HELX_P HELX_P4  4  ASP A 68  ? ALA A 79  ? ASP A 59  ALA A 70  1 ? 12 
HELX_P HELX_P5  5  ALA A 87  ? VAL A 94  ? ALA A 78  VAL A 85  1 ? 8  
HELX_P HELX_P6  6  THR A 95  ? LEU A 99  ? THR A 86  LEU A 90  5 ? 5  
HELX_P HELX_P7  7  PRO A 112 ? GLY A 122 ? PRO A 103 GLY A 113 1 ? 11 
HELX_P HELX_P8  8  THR A 124 ? ALA A 129 ? THR A 115 ALA A 120 1 ? 6  
HELX_P HELX_P9  9  LEU A 130 ? LEU A 132 ? LEU A 121 LEU A 123 5 ? 3  
HELX_P HELX_P10 10 TRP A 133 ? ALA A 138 ? TRP A 124 ALA A 129 1 ? 6  
HELX_P HELX_P11 11 ALA A 147 ? ASP A 160 ? ALA A 138 ASP A 151 1 ? 14 
HELX_P HELX_P12 12 GLY A 177 ? ASN A 188 ? GLY A 168 ASN A 179 1 ? 12 
HELX_P HELX_P13 13 GLY A 203 ? ARG A 216 ? GLY A 194 ARG A 207 1 ? 14 
# 
_struct_conf_type.id          HELX_P 
_struct_conf_type.criteria    ? 
_struct_conf_type.reference   ? 
# 
_struct_sheet.id               A 
_struct_sheet.type             ? 
_struct_sheet.number_strands   6 
_struct_sheet.details          ? 
# 
loop_
_struct_sheet_order.sheet_id 
_struct_sheet_order.range_id_1 
_struct_sheet_order.range_id_2 
_struct_sheet_order.offset 
_struct_sheet_order.sense 
A 1 2 ? anti-parallel 
A 2 3 ? parallel      
A 3 4 ? parallel      
A 4 5 ? parallel      
A 5 6 ? parallel      
# 
loop_
_struct_sheet_range.sheet_id 
_struct_sheet_range.id 
_struct_sheet_range.beg_label_comp_id 
_struct_sheet_range.beg_label_asym_id 
_struct_sheet_range.beg_label_seq_id 
_struct_sheet_range.pdbx_beg_PDB_ins_code 
_struct_sheet_range.end_label_comp_id 
_struct_sheet_range.end_label_asym_id 
_struct_sheet_range.end_label_seq_id 
_struct_sheet_range.pdbx_end_PDB_ins_code 
_struct_sheet_range.beg_auth_comp_id 
_struct_sheet_range.beg_auth_asym_id 
_struct_sheet_range.beg_auth_seq_id 
_struct_sheet_range.end_auth_comp_id 
_struct_sheet_range.end_auth_asym_id 
_struct_sheet_range.end_auth_seq_id 
A 1 PHE A 63  ? PHE A 65  ? PHE A 54  PHE A 56  
A 2 PHE A 194 ? VAL A 197 ? PHE A 185 VAL A 188 
A 3 ALA A 167 ? GLY A 170 ? ALA A 158 GLY A 161 
A 4 VAL A 141 ? ILE A 144 ? VAL A 132 ILE A 135 
A 5 ILE A 83  ? CYS A 85  ? ILE A 74  CYS A 76  
A 6 VAL A 105 ? CYS A 107 ? VAL A 96  CYS A 98  
# 
loop_
_pdbx_struct_sheet_hbond.sheet_id 
_pdbx_struct_sheet_hbond.range_id_1 
_pdbx_struct_sheet_hbond.range_id_2 
_pdbx_struct_sheet_hbond.range_1_label_atom_id 
_pdbx_struct_sheet_hbond.range_1_label_comp_id 
_pdbx_struct_sheet_hbond.range_1_label_asym_id 
_pdbx_struct_sheet_hbond.range_1_label_seq_id 
_pdbx_struct_sheet_hbond.range_1_PDB_ins_code 
_pdbx_struct_sheet_hbond.range_1_auth_atom_id 
_pdbx_struct_sheet_hbond.range_1_auth_comp_id 
_pdbx_struct_sheet_hbond.range_1_auth_asym_id 
_pdbx_struct_sheet_hbond.range_1_auth_seq_id 
_pdbx_struct_sheet_hbond.range_2_label_atom_id 
_pdbx_struct_sheet_hbond.range_2_label_comp_id 
_pdbx_struct_sheet_hbond.range_2_label_asym_id 
_pdbx_struct_sheet_hbond.range_2_label_seq_id 
_pdbx_struct_sheet_hbond.range_2_PDB_ins_code 
_pdbx_struct_sheet_hbond.range_2_auth_atom_id 
_pdbx_struct_sheet_hbond.range_2_auth_comp_id 
_pdbx_struct_sheet_hbond.range_2_auth_asym_id 
_pdbx_struct_sheet_hbond.range_2_auth_seq_id 
A 1 2 O VAL A 64  ? O VAL A 55  N ILE A 196 ? N ILE A 187 
A 2 3 N ALA A 195 ? N ALA A 186 O ILE A 168 ? O ILE A 159 
A 3 4 N LEU A 169 ? N LEU A 160 O VAL A 142 ? O VAL A 133 
A 4 5 N ALA A 143 ? N ALA A 134 O LEU A 84  ? O LEU A 75  
A 5 6 N CYS A 85  ? N CYS A 76  O ILE A 106 ? O ILE A 97  
# 
loop_
_pdbx_validate_close_contact.id 
_pdbx_validate_close_contact.PDB_model_num 
_pdbx_validate_close_contact.auth_atom_id_1 
_pdbx_validate_close_contact.auth_asym_id_1 
_pdbx_validate_close_contact.auth_comp_id_1 
_pdbx_validate_close_contact.auth_seq_id_1 
_pdbx_validate_close_contact.PDB_ins_code_1 
_pdbx_validate_close_contact.label_alt_id_1 
_pdbx_validate_close_contact.auth_atom_id_2 
_pdbx_validate_close_contact.auth_asym_id_2 
_pdbx_validate_close_contact.auth_comp_id_2 
_pdbx_validate_close_contact.auth_seq_id_2 
_pdbx_validate_close_contact.PDB_ins_code_2 
_pdbx_validate_close_contact.label_alt_id_2 
_pdbx_validate_close_contact.dist 
1 1 OD1 A ASP 174 ? ? NH2 A ARG 189 ? ? 2.15 
2 1 O   A ASP 59  ? ? OG  A SER 63  ? ? 2.17 
# 
loop_
_pdbx_validate_torsion.id 
_pdbx_validate_torsion.PDB_model_num 
_pdbx_validate_torsion.auth_comp_id 
_pdbx_validate_torsion.auth_asym_id 
_pdbx_validate_torsion.auth_seq_id 
_pdbx_validate_torsion.PDB_ins_code 
_pdbx_validate_torsion.label_alt_id 
_pdbx_validate_torsion.phi 
_pdbx_validate_torsion.psi 
1 1 SER A 125 ? ? -9.14   -77.57 
2 1 ASN A 137 ? ? -133.82 -53.34 
# 
loop_
_pdbx_unobs_or_zero_occ_residues.id 
_pdbx_unobs_or_zero_occ_residues.PDB_model_num 
_pdbx_unobs_or_zero_occ_residues.polymer_flag 
_pdbx_unobs_or_zero_occ_residues.occupancy_flag 
_pdbx_unobs_or_zero_occ_residues.auth_asym_id 
_pdbx_unobs_or_zero_occ_residues.auth_comp_id 
_pdbx_unobs_or_zero_occ_residues.auth_seq_id 
_pdbx_unobs_or_zero_occ_residues.PDB_ins_code 
_pdbx_unobs_or_zero_occ_residues.label_asym_id 
_pdbx_unobs_or_zero_occ_residues.label_comp_id 
_pdbx_unobs_or_zero_occ_residues.label_seq_id 
1  1 Y 1 A MET -8 ? A MET 1  
2  1 Y 1 A ARG -7 ? A ARG 2  
3  1 Y 1 A GLY -6 ? A GLY 3  
4  1 Y 1 A SER -5 ? A SER 4  
5  1 Y 1 A HIS -4 ? A HIS 5  
6  1 Y 1 A HIS -3 ? A HIS 6  
7  1 Y 1 A HIS -2 ? A HIS 7  
8  1 Y 1 A HIS -1 ? A HIS 8  
9  1 Y 1 A HIS 0  ? A HIS 9  
10 1 Y 1 A HIS 1  ? A HIS 10 
# 
loop_
_chem_comp_atom.comp_id 
_chem_comp_atom.atom_id 
_chem_comp_atom.type_symbol 
_chem_comp_atom.pdbx_aromatic_flag 
_chem_comp_atom.pdbx_stereo_config 
_chem_comp_atom.pdbx_ordinal 
ALA N    N N N 1   
ALA CA   C N S 2   
ALA C    C N N 3   
ALA O    O N N 4   
ALA CB   C N N 5   
ALA OXT  O N N 6   
ALA H    H N N 7   
ALA H2   H N N 8   
ALA HA   H N N 9   
ALA HB1  H N N 10  
ALA HB2  H N N 11  
ALA HB3  H N N 12  
ALA HXT  H N N 13  
ARG N    N N N 14  
ARG CA   C N S 15  
ARG C    C N N 16  
ARG O    O N N 17  
ARG CB   C N N 18  
ARG CG   C N N 19  
ARG CD   C N N 20  
ARG NE   N N N 21  
ARG CZ   C N N 22  
ARG NH1  N N N 23  
ARG NH2  N N N 24  
ARG OXT  O N N 25  
ARG H    H N N 26  
ARG H2   H N N 27  
ARG HA   H N N 28  
ARG HB2  H N N 29  
ARG HB3  H N N 30  
ARG HG2  H N N 31  
ARG HG3  H N N 32  
ARG HD2  H N N 33  
ARG HD3  H N N 34  
ARG HE   H N N 35  
ARG HH11 H N N 36  
ARG HH12 H N N 37  
ARG HH21 H N N 38  
ARG HH22 H N N 39  
ARG HXT  H N N 40  
ASN N    N N N 41  
ASN CA   C N S 42  
ASN C    C N N 43  
ASN O    O N N 44  
ASN CB   C N N 45  
ASN CG   C N N 46  
ASN OD1  O N N 47  
ASN ND2  N N N 48  
ASN OXT  O N N 49  
ASN H    H N N 50  
ASN H2   H N N 51  
ASN HA   H N N 52  
ASN HB2  H N N 53  
ASN HB3  H N N 54  
ASN HD21 H N N 55  
ASN HD22 H N N 56  
ASN HXT  H N N 57  
ASP N    N N N 58  
ASP CA   C N S 59  
ASP C    C N N 60  
ASP O    O N N 61  
ASP CB   C N N 62  
ASP CG   C N N 63  
ASP OD1  O N N 64  
ASP OD2  O N N 65  
ASP OXT  O N N 66  
ASP H    H N N 67  
ASP H2   H N N 68  
ASP HA   H N N 69  
ASP HB2  H N N 70  
ASP HB3  H N N 71  
ASP HD2  H N N 72  
ASP HXT  H N N 73  
CYS N    N N N 74  
CYS CA   C N R 75  
CYS C    C N N 76  
CYS O    O N N 77  
CYS CB   C N N 78  
CYS SG   S N N 79  
CYS OXT  O N N 80  
CYS H    H N N 81  
CYS H2   H N N 82  
CYS HA   H N N 83  
CYS HB2  H N N 84  
CYS HB3  H N N 85  
CYS HG   H N N 86  
CYS HXT  H N N 87  
GLN N    N N N 88  
GLN CA   C N S 89  
GLN C    C N N 90  
GLN O    O N N 91  
GLN CB   C N N 92  
GLN CG   C N N 93  
GLN CD   C N N 94  
GLN OE1  O N N 95  
GLN NE2  N N N 96  
GLN OXT  O N N 97  
GLN H    H N N 98  
GLN H2   H N N 99  
GLN HA   H N N 100 
GLN HB2  H N N 101 
GLN HB3  H N N 102 
GLN HG2  H N N 103 
GLN HG3  H N N 104 
GLN HE21 H N N 105 
GLN HE22 H N N 106 
GLN HXT  H N N 107 
GLU N    N N N 108 
GLU CA   C N S 109 
GLU C    C N N 110 
GLU O    O N N 111 
GLU CB   C N N 112 
GLU CG   C N N 113 
GLU CD   C N N 114 
GLU OE1  O N N 115 
GLU OE2  O N N 116 
GLU OXT  O N N 117 
GLU H    H N N 118 
GLU H2   H N N 119 
GLU HA   H N N 120 
GLU HB2  H N N 121 
GLU HB3  H N N 122 
GLU HG2  H N N 123 
GLU HG3  H N N 124 
GLU HE2  H N N 125 
GLU HXT  H N N 126 
GLY N    N N N 127 
GLY CA   C N N 128 
GLY C    C N N 129 
GLY O    O N N 130 
GLY OXT  O N N 131 
GLY H    H N N 132 
GLY H2   H N N 133 
GLY HA2  H N N 134 
GLY HA3  H N N 135 
GLY HXT  H N N 136 
HIS N    N N N 137 
HIS CA   C N S 138 
HIS C    C N N 139 
HIS O    O N N 140 
HIS CB   C N N 141 
HIS CG   C Y N 142 
HIS ND1  N Y N 143 
HIS CD2  C Y N 144 
HIS CE1  C Y N 145 
HIS NE2  N Y N 146 
HIS OXT  O N N 147 
HIS H    H N N 148 
HIS H2   H N N 149 
HIS HA   H N N 150 
HIS HB2  H N N 151 
HIS HB3  H N N 152 
HIS HD1  H N N 153 
HIS HD2  H N N 154 
HIS HE1  H N N 155 
HIS HE2  H N N 156 
HIS HXT  H N N 157 
HOH O    O N N 158 
HOH H1   H N N 159 
HOH H2   H N N 160 
ILE N    N N N 161 
ILE CA   C N S 162 
ILE C    C N N 163 
ILE O    O N N 164 
ILE CB   C N S 165 
ILE CG1  C N N 166 
ILE CG2  C N N 167 
ILE CD1  C N N 168 
ILE OXT  O N N 169 
ILE H    H N N 170 
ILE H2   H N N 171 
ILE HA   H N N 172 
ILE HB   H N N 173 
ILE HG12 H N N 174 
ILE HG13 H N N 175 
ILE HG21 H N N 176 
ILE HG22 H N N 177 
ILE HG23 H N N 178 
ILE HD11 H N N 179 
ILE HD12 H N N 180 
ILE HD13 H N N 181 
ILE HXT  H N N 182 
LEU N    N N N 183 
LEU CA   C N S 184 
LEU C    C N N 185 
LEU O    O N N 186 
LEU CB   C N N 187 
LEU CG   C N N 188 
LEU CD1  C N N 189 
LEU CD2  C N N 190 
LEU OXT  O N N 191 
LEU H    H N N 192 
LEU H2   H N N 193 
LEU HA   H N N 194 
LEU HB2  H N N 195 
LEU HB3  H N N 196 
LEU HG   H N N 197 
LEU HD11 H N N 198 
LEU HD12 H N N 199 
LEU HD13 H N N 200 
LEU HD21 H N N 201 
LEU HD22 H N N 202 
LEU HD23 H N N 203 
LEU HXT  H N N 204 
LYS N    N N N 205 
LYS CA   C N S 206 
LYS C    C N N 207 
LYS O    O N N 208 
LYS CB   C N N 209 
LYS CG   C N N 210 
LYS CD   C N N 211 
LYS CE   C N N 212 
LYS NZ   N N N 213 
LYS OXT  O N N 214 
LYS H    H N N 215 
LYS H2   H N N 216 
LYS HA   H N N 217 
LYS HB2  H N N 218 
LYS HB3  H N N 219 
LYS HG2  H N N 220 
LYS HG3  H N N 221 
LYS HD2  H N N 222 
LYS HD3  H N N 223 
LYS HE2  H N N 224 
LYS HE3  H N N 225 
LYS HZ1  H N N 226 
LYS HZ2  H N N 227 
LYS HZ3  H N N 228 
LYS HXT  H N N 229 
MET N    N N N 230 
MET CA   C N S 231 
MET C    C N N 232 
MET O    O N N 233 
MET CB   C N N 234 
MET CG   C N N 235 
MET SD   S N N 236 
MET CE   C N N 237 
MET OXT  O N N 238 
MET H    H N N 239 
MET H2   H N N 240 
MET HA   H N N 241 
MET HB2  H N N 242 
MET HB3  H N N 243 
MET HG2  H N N 244 
MET HG3  H N N 245 
MET HE1  H N N 246 
MET HE2  H N N 247 
MET HE3  H N N 248 
MET HXT  H N N 249 
PHE N    N N N 250 
PHE CA   C N S 251 
PHE C    C N N 252 
PHE O    O N N 253 
PHE CB   C N N 254 
PHE CG   C Y N 255 
PHE CD1  C Y N 256 
PHE CD2  C Y N 257 
PHE CE1  C Y N 258 
PHE CE2  C Y N 259 
PHE CZ   C Y N 260 
PHE OXT  O N N 261 
PHE H    H N N 262 
PHE H2   H N N 263 
PHE HA   H N N 264 
PHE HB2  H N N 265 
PHE HB3  H N N 266 
PHE HD1  H N N 267 
PHE HD2  H N N 268 
PHE HE1  H N N 269 
PHE HE2  H N N 270 
PHE HZ   H N N 271 
PHE HXT  H N N 272 
PRO N    N N N 273 
PRO CA   C N S 274 
PRO C    C N N 275 
PRO O    O N N 276 
PRO CB   C N N 277 
PRO CG   C N N 278 
PRO CD   C N N 279 
PRO OXT  O N N 280 
PRO H    H N N 281 
PRO HA   H N N 282 
PRO HB2  H N N 283 
PRO HB3  H N N 284 
PRO HG2  H N N 285 
PRO HG3  H N N 286 
PRO HD2  H N N 287 
PRO HD3  H N N 288 
PRO HXT  H N N 289 
SER N    N N N 290 
SER CA   C N S 291 
SER C    C N N 292 
SER O    O N N 293 
SER CB   C N N 294 
SER OG   O N N 295 
SER OXT  O N N 296 
SER H    H N N 297 
SER H2   H N N 298 
SER HA   H N N 299 
SER HB2  H N N 300 
SER HB3  H N N 301 
SER HG   H N N 302 
SER HXT  H N N 303 
THR N    N N N 304 
THR CA   C N S 305 
THR C    C N N 306 
THR O    O N N 307 
THR CB   C N R 308 
THR OG1  O N N 309 
THR CG2  C N N 310 
THR OXT  O N N 311 
THR H    H N N 312 
THR H2   H N N 313 
THR HA   H N N 314 
THR HB   H N N 315 
THR HG1  H N N 316 
THR HG21 H N N 317 
THR HG22 H N N 318 
THR HG23 H N N 319 
THR HXT  H N N 320 
TRP N    N N N 321 
TRP CA   C N S 322 
TRP C    C N N 323 
TRP O    O N N 324 
TRP CB   C N N 325 
TRP CG   C Y N 326 
TRP CD1  C Y N 327 
TRP CD2  C Y N 328 
TRP NE1  N Y N 329 
TRP CE2  C Y N 330 
TRP CE3  C Y N 331 
TRP CZ2  C Y N 332 
TRP CZ3  C Y N 333 
TRP CH2  C Y N 334 
TRP OXT  O N N 335 
TRP H    H N N 336 
TRP H2   H N N 337 
TRP HA   H N N 338 
TRP HB2  H N N 339 
TRP HB3  H N N 340 
TRP HD1  H N N 341 
TRP HE1  H N N 342 
TRP HE3  H N N 343 
TRP HZ2  H N N 344 
TRP HZ3  H N N 345 
TRP HH2  H N N 346 
TRP HXT  H N N 347 
TYR N    N N N 348 
TYR CA   C N S 349 
TYR C    C N N 350 
TYR O    O N N 351 
TYR CB   C N N 352 
TYR CG   C Y N 353 
TYR CD1  C Y N 354 
TYR CD2  C Y N 355 
TYR CE1  C Y N 356 
TYR CE2  C Y N 357 
TYR CZ   C Y N 358 
TYR OH   O N N 359 
TYR OXT  O N N 360 
TYR H    H N N 361 
TYR H2   H N N 362 
TYR HA   H N N 363 
TYR HB2  H N N 364 
TYR HB3  H N N 365 
TYR HD1  H N N 366 
TYR HD2  H N N 367 
TYR HE1  H N N 368 
TYR HE2  H N N 369 
TYR HH   H N N 370 
TYR HXT  H N N 371 
VAL N    N N N 372 
VAL CA   C N S 373 
VAL C    C N N 374 
VAL O    O N N 375 
VAL CB   C N N 376 
VAL CG1  C N N 377 
VAL CG2  C N N 378 
VAL OXT  O N N 379 
VAL H    H N N 380 
VAL H2   H N N 381 
VAL HA   H N N 382 
VAL HB   H N N 383 
VAL HG11 H N N 384 
VAL HG12 H N N 385 
VAL HG13 H N N 386 
VAL HG21 H N N 387 
VAL HG22 H N N 388 
VAL HG23 H N N 389 
VAL HXT  H N N 390 
# 
loop_
_chem_comp_bond.comp_id 
_chem_comp_bond.atom_id_1 
_chem_comp_bond.atom_id_2 
_chem_comp_bond.value_order 
_chem_comp_bond.pdbx_aromatic_flag 
_chem_comp_bond.pdbx_stereo_config 
_chem_comp_bond.pdbx_ordinal 
ALA N   CA   sing N N 1   
ALA N   H    sing N N 2   
ALA N   H2   sing N N 3   
ALA CA  C    sing N N 4   
ALA CA  CB   sing N N 5   
ALA CA  HA   sing N N 6   
ALA C   O    doub N N 7   
ALA C   OXT  sing N N 8   
ALA CB  HB1  sing N N 9   
ALA CB  HB2  sing N N 10  
ALA CB  HB3  sing N N 11  
ALA OXT HXT  sing N N 12  
ARG N   CA   sing N N 13  
ARG N   H    sing N N 14  
ARG N   H2   sing N N 15  
ARG CA  C    sing N N 16  
ARG CA  CB   sing N N 17  
ARG CA  HA   sing N N 18  
ARG C   O    doub N N 19  
ARG C   OXT  sing N N 20  
ARG CB  CG   sing N N 21  
ARG CB  HB2  sing N N 22  
ARG CB  HB3  sing N N 23  
ARG CG  CD   sing N N 24  
ARG CG  HG2  sing N N 25  
ARG CG  HG3  sing N N 26  
ARG CD  NE   sing N N 27  
ARG CD  HD2  sing N N 28  
ARG CD  HD3  sing N N 29  
ARG NE  CZ   sing N N 30  
ARG NE  HE   sing N N 31  
ARG CZ  NH1  sing N N 32  
ARG CZ  NH2  doub N N 33  
ARG NH1 HH11 sing N N 34  
ARG NH1 HH12 sing N N 35  
ARG NH2 HH21 sing N N 36  
ARG NH2 HH22 sing N N 37  
ARG OXT HXT  sing N N 38  
ASN N   CA   sing N N 39  
ASN N   H    sing N N 40  
ASN N   H2   sing N N 41  
ASN CA  C    sing N N 42  
ASN CA  CB   sing N N 43  
ASN CA  HA   sing N N 44  
ASN C   O    doub N N 45  
ASN C   OXT  sing N N 46  
ASN CB  CG   sing N N 47  
ASN CB  HB2  sing N N 48  
ASN CB  HB3  sing N N 49  
ASN CG  OD1  doub N N 50  
ASN CG  ND2  sing N N 51  
ASN ND2 HD21 sing N N 52  
ASN ND2 HD22 sing N N 53  
ASN OXT HXT  sing N N 54  
ASP N   CA   sing N N 55  
ASP N   H    sing N N 56  
ASP N   H2   sing N N 57  
ASP CA  C    sing N N 58  
ASP CA  CB   sing N N 59  
ASP CA  HA   sing N N 60  
ASP C   O    doub N N 61  
ASP C   OXT  sing N N 62  
ASP CB  CG   sing N N 63  
ASP CB  HB2  sing N N 64  
ASP CB  HB3  sing N N 65  
ASP CG  OD1  doub N N 66  
ASP CG  OD2  sing N N 67  
ASP OD2 HD2  sing N N 68  
ASP OXT HXT  sing N N 69  
CYS N   CA   sing N N 70  
CYS N   H    sing N N 71  
CYS N   H2   sing N N 72  
CYS CA  C    sing N N 73  
CYS CA  CB   sing N N 74  
CYS CA  HA   sing N N 75  
CYS C   O    doub N N 76  
CYS C   OXT  sing N N 77  
CYS CB  SG   sing N N 78  
CYS CB  HB2  sing N N 79  
CYS CB  HB3  sing N N 80  
CYS SG  HG   sing N N 81  
CYS OXT HXT  sing N N 82  
GLN N   CA   sing N N 83  
GLN N   H    sing N N 84  
GLN N   H2   sing N N 85  
GLN CA  C    sing N N 86  
GLN CA  CB   sing N N 87  
GLN CA  HA   sing N N 88  
GLN C   O    doub N N 89  
GLN C   OXT  sing N N 90  
GLN CB  CG   sing N N 91  
GLN CB  HB2  sing N N 92  
GLN CB  HB3  sing N N 93  
GLN CG  CD   sing N N 94  
GLN CG  HG2  sing N N 95  
GLN CG  HG3  sing N N 96  
GLN CD  OE1  doub N N 97  
GLN CD  NE2  sing N N 98  
GLN NE2 HE21 sing N N 99  
GLN NE2 HE22 sing N N 100 
GLN OXT HXT  sing N N 101 
GLU N   CA   sing N N 102 
GLU N   H    sing N N 103 
GLU N   H2   sing N N 104 
GLU CA  C    sing N N 105 
GLU CA  CB   sing N N 106 
GLU CA  HA   sing N N 107 
GLU C   O    doub N N 108 
GLU C   OXT  sing N N 109 
GLU CB  CG   sing N N 110 
GLU CB  HB2  sing N N 111 
GLU CB  HB3  sing N N 112 
GLU CG  CD   sing N N 113 
GLU CG  HG2  sing N N 114 
GLU CG  HG3  sing N N 115 
GLU CD  OE1  doub N N 116 
GLU CD  OE2  sing N N 117 
GLU OE2 HE2  sing N N 118 
GLU OXT HXT  sing N N 119 
GLY N   CA   sing N N 120 
GLY N   H    sing N N 121 
GLY N   H2   sing N N 122 
GLY CA  C    sing N N 123 
GLY CA  HA2  sing N N 124 
GLY CA  HA3  sing N N 125 
GLY C   O    doub N N 126 
GLY C   OXT  sing N N 127 
GLY OXT HXT  sing N N 128 
HIS N   CA   sing N N 129 
HIS N   H    sing N N 130 
HIS N   H2   sing N N 131 
HIS CA  C    sing N N 132 
HIS CA  CB   sing N N 133 
HIS CA  HA   sing N N 134 
HIS C   O    doub N N 135 
HIS C   OXT  sing N N 136 
HIS CB  CG   sing N N 137 
HIS CB  HB2  sing N N 138 
HIS CB  HB3  sing N N 139 
HIS CG  ND1  sing Y N 140 
HIS CG  CD2  doub Y N 141 
HIS ND1 CE1  doub Y N 142 
HIS ND1 HD1  sing N N 143 
HIS CD2 NE2  sing Y N 144 
HIS CD2 HD2  sing N N 145 
HIS CE1 NE2  sing Y N 146 
HIS CE1 HE1  sing N N 147 
HIS NE2 HE2  sing N N 148 
HIS OXT HXT  sing N N 149 
HOH O   H1   sing N N 150 
HOH O   H2   sing N N 151 
ILE N   CA   sing N N 152 
ILE N   H    sing N N 153 
ILE N   H2   sing N N 154 
ILE CA  C    sing N N 155 
ILE CA  CB   sing N N 156 
ILE CA  HA   sing N N 157 
ILE C   O    doub N N 158 
ILE C   OXT  sing N N 159 
ILE CB  CG1  sing N N 160 
ILE CB  CG2  sing N N 161 
ILE CB  HB   sing N N 162 
ILE CG1 CD1  sing N N 163 
ILE CG1 HG12 sing N N 164 
ILE CG1 HG13 sing N N 165 
ILE CG2 HG21 sing N N 166 
ILE CG2 HG22 sing N N 167 
ILE CG2 HG23 sing N N 168 
ILE CD1 HD11 sing N N 169 
ILE CD1 HD12 sing N N 170 
ILE CD1 HD13 sing N N 171 
ILE OXT HXT  sing N N 172 
LEU N   CA   sing N N 173 
LEU N   H    sing N N 174 
LEU N   H2   sing N N 175 
LEU CA  C    sing N N 176 
LEU CA  CB   sing N N 177 
LEU CA  HA   sing N N 178 
LEU C   O    doub N N 179 
LEU C   OXT  sing N N 180 
LEU CB  CG   sing N N 181 
LEU CB  HB2  sing N N 182 
LEU CB  HB3  sing N N 183 
LEU CG  CD1  sing N N 184 
LEU CG  CD2  sing N N 185 
LEU CG  HG   sing N N 186 
LEU CD1 HD11 sing N N 187 
LEU CD1 HD12 sing N N 188 
LEU CD1 HD13 sing N N 189 
LEU CD2 HD21 sing N N 190 
LEU CD2 HD22 sing N N 191 
LEU CD2 HD23 sing N N 192 
LEU OXT HXT  sing N N 193 
LYS N   CA   sing N N 194 
LYS N   H    sing N N 195 
LYS N   H2   sing N N 196 
LYS CA  C    sing N N 197 
LYS CA  CB   sing N N 198 
LYS CA  HA   sing N N 199 
LYS C   O    doub N N 200 
LYS C   OXT  sing N N 201 
LYS CB  CG   sing N N 202 
LYS CB  HB2  sing N N 203 
LYS CB  HB3  sing N N 204 
LYS CG  CD   sing N N 205 
LYS CG  HG2  sing N N 206 
LYS CG  HG3  sing N N 207 
LYS CD  CE   sing N N 208 
LYS CD  HD2  sing N N 209 
LYS CD  HD3  sing N N 210 
LYS CE  NZ   sing N N 211 
LYS CE  HE2  sing N N 212 
LYS CE  HE3  sing N N 213 
LYS NZ  HZ1  sing N N 214 
LYS NZ  HZ2  sing N N 215 
LYS NZ  HZ3  sing N N 216 
LYS OXT HXT  sing N N 217 
MET N   CA   sing N N 218 
MET N   H    sing N N 219 
MET N   H2   sing N N 220 
MET CA  C    sing N N 221 
MET CA  CB   sing N N 222 
MET CA  HA   sing N N 223 
MET C   O    doub N N 224 
MET C   OXT  sing N N 225 
MET CB  CG   sing N N 226 
MET CB  HB2  sing N N 227 
MET CB  HB3  sing N N 228 
MET CG  SD   sing N N 229 
MET CG  HG2  sing N N 230 
MET CG  HG3  sing N N 231 
MET SD  CE   sing N N 232 
MET CE  HE1  sing N N 233 
MET CE  HE2  sing N N 234 
MET CE  HE3  sing N N 235 
MET OXT HXT  sing N N 236 
PHE N   CA   sing N N 237 
PHE N   H    sing N N 238 
PHE N   H2   sing N N 239 
PHE CA  C    sing N N 240 
PHE CA  CB   sing N N 241 
PHE CA  HA   sing N N 242 
PHE C   O    doub N N 243 
PHE C   OXT  sing N N 244 
PHE CB  CG   sing N N 245 
PHE CB  HB2  sing N N 246 
PHE CB  HB3  sing N N 247 
PHE CG  CD1  doub Y N 248 
PHE CG  CD2  sing Y N 249 
PHE CD1 CE1  sing Y N 250 
PHE CD1 HD1  sing N N 251 
PHE CD2 CE2  doub Y N 252 
PHE CD2 HD2  sing N N 253 
PHE CE1 CZ   doub Y N 254 
PHE CE1 HE1  sing N N 255 
PHE CE2 CZ   sing Y N 256 
PHE CE2 HE2  sing N N 257 
PHE CZ  HZ   sing N N 258 
PHE OXT HXT  sing N N 259 
PRO N   CA   sing N N 260 
PRO N   CD   sing N N 261 
PRO N   H    sing N N 262 
PRO CA  C    sing N N 263 
PRO CA  CB   sing N N 264 
PRO CA  HA   sing N N 265 
PRO C   O    doub N N 266 
PRO C   OXT  sing N N 267 
PRO CB  CG   sing N N 268 
PRO CB  HB2  sing N N 269 
PRO CB  HB3  sing N N 270 
PRO CG  CD   sing N N 271 
PRO CG  HG2  sing N N 272 
PRO CG  HG3  sing N N 273 
PRO CD  HD2  sing N N 274 
PRO CD  HD3  sing N N 275 
PRO OXT HXT  sing N N 276 
SER N   CA   sing N N 277 
SER N   H    sing N N 278 
SER N   H2   sing N N 279 
SER CA  C    sing N N 280 
SER CA  CB   sing N N 281 
SER CA  HA   sing N N 282 
SER C   O    doub N N 283 
SER C   OXT  sing N N 284 
SER CB  OG   sing N N 285 
SER CB  HB2  sing N N 286 
SER CB  HB3  sing N N 287 
SER OG  HG   sing N N 288 
SER OXT HXT  sing N N 289 
THR N   CA   sing N N 290 
THR N   H    sing N N 291 
THR N   H2   sing N N 292 
THR CA  C    sing N N 293 
THR CA  CB   sing N N 294 
THR CA  HA   sing N N 295 
THR C   O    doub N N 296 
THR C   OXT  sing N N 297 
THR CB  OG1  sing N N 298 
THR CB  CG2  sing N N 299 
THR CB  HB   sing N N 300 
THR OG1 HG1  sing N N 301 
THR CG2 HG21 sing N N 302 
THR CG2 HG22 sing N N 303 
THR CG2 HG23 sing N N 304 
THR OXT HXT  sing N N 305 
TRP N   CA   sing N N 306 
TRP N   H    sing N N 307 
TRP N   H2   sing N N 308 
TRP CA  C    sing N N 309 
TRP CA  CB   sing N N 310 
TRP CA  HA   sing N N 311 
TRP C   O    doub N N 312 
TRP C   OXT  sing N N 313 
TRP CB  CG   sing N N 314 
TRP CB  HB2  sing N N 315 
TRP CB  HB3  sing N N 316 
TRP CG  CD1  doub Y N 317 
TRP CG  CD2  sing Y N 318 
TRP CD1 NE1  sing Y N 319 
TRP CD1 HD1  sing N N 320 
TRP CD2 CE2  doub Y N 321 
TRP CD2 CE3  sing Y N 322 
TRP NE1 CE2  sing Y N 323 
TRP NE1 HE1  sing N N 324 
TRP CE2 CZ2  sing Y N 325 
TRP CE3 CZ3  doub Y N 326 
TRP CE3 HE3  sing N N 327 
TRP CZ2 CH2  doub Y N 328 
TRP CZ2 HZ2  sing N N 329 
TRP CZ3 CH2  sing Y N 330 
TRP CZ3 HZ3  sing N N 331 
TRP CH2 HH2  sing N N 332 
TRP OXT HXT  sing N N 333 
TYR N   CA   sing N N 334 
TYR N   H    sing N N 335 
TYR N   H2   sing N N 336 
TYR CA  C    sing N N 337 
TYR CA  CB   sing N N 338 
TYR CA  HA   sing N N 339 
TYR C   O    doub N N 340 
TYR C   OXT  sing N N 341 
TYR CB  CG   sing N N 342 
TYR CB  HB2  sing N N 343 
TYR CB  HB3  sing N N 344 
TYR CG  CD1  doub Y N 345 
TYR CG  CD2  sing Y N 346 
TYR CD1 CE1  sing Y N 347 
TYR CD1 HD1  sing N N 348 
TYR CD2 CE2  doub Y N 349 
TYR CD2 HD2  sing N N 350 
TYR CE1 CZ   doub Y N 351 
TYR CE1 HE1  sing N N 352 
TYR CE2 CZ   sing Y N 353 
TYR CE2 HE2  sing N N 354 
TYR CZ  OH   sing N N 355 
TYR OH  HH   sing N N 356 
TYR OXT HXT  sing N N 357 
VAL N   CA   sing N N 358 
VAL N   H    sing N N 359 
VAL N   H2   sing N N 360 
VAL CA  C    sing N N 361 
VAL CA  CB   sing N N 362 
VAL CA  HA   sing N N 363 
VAL C   O    doub N N 364 
VAL C   OXT  sing N N 365 
VAL CB  CG1  sing N N 366 
VAL CB  CG2  sing N N 367 
VAL CB  HB   sing N N 368 
VAL CG1 HG11 sing N N 369 
VAL CG1 HG12 sing N N 370 
VAL CG1 HG13 sing N N 371 
VAL CG2 HG21 sing N N 372 
VAL CG2 HG22 sing N N 373 
VAL CG2 HG23 sing N N 374 
VAL OXT HXT  sing N N 375 
# 
_atom_sites.entry_id                    1F2V 
_atom_sites.fract_transf_matrix[1][1]   -0.00452749 
_atom_sites.fract_transf_matrix[1][2]   -0.00685521 
_atom_sites.fract_transf_matrix[1][3]   0.00894272 
_atom_sites.fract_transf_matrix[2][1]   0.02216148 
_atom_sites.fract_transf_matrix[2][2]   0.00584042 
_atom_sites.fract_transf_matrix[2][3]   0.01569636 
_atom_sites.fract_transf_matrix[3][1]   -0.01063760 
_atom_sites.fract_transf_matrix[3][2]   0.00915371 
_atom_sites.fract_transf_matrix[3][3]   0.01161195 
_atom_sites.fract_transf_vector[1]      0.562810 
_atom_sites.fract_transf_vector[2]      0.631630 
_atom_sites.fract_transf_vector[3]      0.213216 
# 
loop_
_atom_type.symbol 
C 
N 
O 
S 
# 
loop_
_atom_site.group_PDB 
_atom_site.id 
_atom_site.type_symbol 
_atom_site.label_atom_id 
_atom_site.label_alt_id 
_atom_site.label_comp_id 
_atom_site.label_asym_id 
_atom_site.label_entity_id 
_atom_site.label_seq_id 
_atom_site.pdbx_PDB_ins_code 
_atom_site.Cartn_x 
_atom_site.Cartn_y 
_atom_site.Cartn_z 
_atom_site.occupancy 
_atom_site.B_iso_or_equiv 
_atom_site.pdbx_formal_charge 
_atom_site.auth_seq_id 
_atom_site.auth_comp_id 
_atom_site.auth_asym_id 
_atom_site.auth_atom_id 
_atom_site.pdbx_PDB_model_num 
ATOM   1    N N   . PRO A 1 11  ? 20.605  -0.783  -37.929 1.00 26.94 ? 2   PRO A N   1 
ATOM   2    C CA  . PRO A 1 11  ? 19.333  -0.992  -37.137 1.00 28.13 ? 2   PRO A CA  1 
ATOM   3    C C   . PRO A 1 11  ? 19.317  0.088   -36.069 1.00 28.39 ? 2   PRO A C   1 
ATOM   4    O O   . PRO A 1 11  ? 20.000  -0.007  -35.068 1.00 27.45 ? 2   PRO A O   1 
ATOM   5    C CB  . PRO A 1 11  ? 19.365  -2.393  -36.529 1.00 24.50 ? 2   PRO A CB  1 
ATOM   6    C CG  . PRO A 1 11  ? 20.823  -2.645  -36.447 1.00 29.59 ? 2   PRO A CG  1 
ATOM   7    C CD  . PRO A 1 11  ? 21.537  -1.886  -37.648 1.00 25.39 ? 2   PRO A CD  1 
ATOM   8    N N   . GLU A 1 12  ? 18.548  1.126   -36.341 1.00 29.55 ? 3   GLU A N   1 
ATOM   9    C CA  . GLU A 1 12  ? 18.428  2.294   -35.502 1.00 32.45 ? 3   GLU A CA  1 
ATOM   10   C C   . GLU A 1 12  ? 17.200  2.182   -34.619 1.00 31.71 ? 3   GLU A C   1 
ATOM   11   O O   . GLU A 1 12  ? 16.055  2.169   -35.103 1.00 30.52 ? 3   GLU A O   1 
ATOM   12   C CB  . GLU A 1 12  ? 18.337  3.547   -36.391 1.00 38.41 ? 3   GLU A CB  1 
ATOM   13   C CG  . GLU A 1 12  ? 18.070  4.871   -35.639 1.00 49.84 ? 3   GLU A CG  1 
ATOM   14   C CD  . GLU A 1 12  ? 17.138  5.839   -36.410 1.00 53.66 ? 3   GLU A CD  1 
ATOM   15   O OE1 . GLU A 1 12  ? 15.993  5.438   -36.747 1.00 51.62 ? 3   GLU A OE1 1 
ATOM   16   O OE2 . GLU A 1 12  ? 17.549  6.999   -36.665 1.00 56.86 ? 3   GLU A OE2 1 
ATOM   17   N N   . TYR A 1 13  ? 17.436  2.103   -33.318 1.00 26.01 ? 4   TYR A N   1 
ATOM   18   C CA  . TYR A 1 13  ? 16.323  2.008   -32.400 1.00 30.86 ? 4   TYR A CA  1 
ATOM   19   C C   . TYR A 1 13  ? 15.853  3.391   -32.054 1.00 27.93 ? 4   TYR A C   1 
ATOM   20   O O   . TYR A 1 13  ? 16.631  4.271   -31.645 1.00 31.74 ? 4   TYR A O   1 
ATOM   21   C CB  . TYR A 1 13  ? 16.704  1.249   -31.161 1.00 25.93 ? 4   TYR A CB  1 
ATOM   22   C CG  . TYR A 1 13  ? 17.107  -0.127  -31.469 1.00 24.64 ? 4   TYR A CG  1 
ATOM   23   C CD1 . TYR A 1 13  ? 18.412  -0.519  -31.322 1.00 24.28 ? 4   TYR A CD1 1 
ATOM   24   C CD2 . TYR A 1 13  ? 16.167  -1.075  -31.854 1.00 27.50 ? 4   TYR A CD2 1 
ATOM   25   C CE1 . TYR A 1 13  ? 18.789  -1.824  -31.539 1.00 25.62 ? 4   TYR A CE1 1 
ATOM   26   C CE2 . TYR A 1 13  ? 16.526  -2.406  -32.066 1.00 27.04 ? 4   TYR A CE2 1 
ATOM   27   C CZ  . TYR A 1 13  ? 17.855  -2.758  -31.911 1.00 25.33 ? 4   TYR A CZ  1 
ATOM   28   O OH  . TYR A 1 13  ? 18.288  -4.031  -32.216 1.00 34.04 ? 4   TYR A OH  1 
ATOM   29   N N   . ASP A 1 14  ? 14.562  3.588   -32.253 1.00 26.69 ? 5   ASP A N   1 
ATOM   30   C CA  . ASP A 1 14  ? 13.989  4.892   -31.987 1.00 33.19 ? 5   ASP A CA  1 
ATOM   31   C C   . ASP A 1 14  ? 13.122  4.868   -30.743 1.00 30.06 ? 5   ASP A C   1 
ATOM   32   O O   . ASP A 1 14  ? 12.076  4.264   -30.716 1.00 32.18 ? 5   ASP A O   1 
ATOM   33   C CB  . ASP A 1 14  ? 13.153  5.346   -33.169 1.00 35.72 ? 5   ASP A CB  1 
ATOM   34   C CG  . ASP A 1 14  ? 12.490  6.646   -32.904 1.00 39.55 ? 5   ASP A CG  1 
ATOM   35   O OD1 . ASP A 1 14  ? 13.241  7.633   -32.716 1.00 42.99 ? 5   ASP A OD1 1 
ATOM   36   O OD2 . ASP A 1 14  ? 11.234  6.679   -32.869 1.00 41.85 ? 5   ASP A OD2 1 
ATOM   37   N N   . TYR A 1 15  ? 13.554  5.538   -29.704 1.00 25.22 ? 6   TYR A N   1 
ATOM   38   C CA  . TYR A 1 15  ? 12.745  5.524   -28.500 1.00 22.29 ? 6   TYR A CA  1 
ATOM   39   C C   . TYR A 1 15  ? 13.011  6.758   -27.703 1.00 22.77 ? 6   TYR A C   1 
ATOM   40   O O   . TYR A 1 15  ? 14.042  7.447   -27.870 1.00 24.55 ? 6   TYR A O   1 
ATOM   41   C CB  . TYR A 1 15  ? 13.073  4.281   -27.680 1.00 17.26 ? 6   TYR A CB  1 
ATOM   42   C CG  . TYR A 1 15  ? 14.534  4.158   -27.342 1.00 21.09 ? 6   TYR A CG  1 
ATOM   43   C CD1 . TYR A 1 15  ? 15.020  4.584   -26.101 1.00 21.17 ? 6   TYR A CD1 1 
ATOM   44   C CD2 . TYR A 1 15  ? 15.443  3.640   -28.255 1.00 20.84 ? 6   TYR A CD2 1 
ATOM   45   C CE1 . TYR A 1 15  ? 16.398  4.484   -25.776 1.00 21.01 ? 6   TYR A CE1 1 
ATOM   46   C CE2 . TYR A 1 15  ? 16.813  3.543   -27.944 1.00 20.24 ? 6   TYR A CE2 1 
ATOM   47   C CZ  . TYR A 1 15  ? 17.271  3.960   -26.702 1.00 16.31 ? 6   TYR A CZ  1 
ATOM   48   O OH  . TYR A 1 15  ? 18.573  3.786   -26.344 1.00 17.48 ? 6   TYR A OH  1 
ATOM   49   N N   . ILE A 1 16  ? 12.081  7.069   -26.829 1.00 21.55 ? 7   ILE A N   1 
ATOM   50   C CA  . ILE A 1 16  ? 12.288  8.227   -26.001 1.00 23.19 ? 7   ILE A CA  1 
ATOM   51   C C   . ILE A 1 16  ? 13.428  7.895   -25.040 1.00 22.54 ? 7   ILE A C   1 
ATOM   52   O O   . ILE A 1 16  ? 13.393  6.882   -24.327 1.00 12.57 ? 7   ILE A O   1 
ATOM   53   C CB  . ILE A 1 16  ? 11.030  8.568   -25.287 1.00 19.72 ? 7   ILE A CB  1 
ATOM   54   C CG1 . ILE A 1 16  ? 9.965   8.974   -26.337 1.00 25.64 ? 7   ILE A CG1 1 
ATOM   55   C CG2 . ILE A 1 16  ? 11.333  9.600   -24.200 1.00 28.81 ? 7   ILE A CG2 1 
ATOM   56   C CD1 . ILE A 1 16  ? 8.512   9.110   -25.772 1.00 18.63 ? 7   ILE A CD1 1 
ATOM   57   N N   . ARG A 1 17  ? 14.455  8.748   -25.089 1.00 20.07 ? 8   ARG A N   1 
ATOM   58   C CA  . ARG A 1 17  ? 15.676  8.622   -24.323 1.00 24.30 ? 8   ARG A CA  1 
ATOM   59   C C   . ARG A 1 17  ? 15.617  9.573   -23.173 1.00 22.37 ? 8   ARG A C   1 
ATOM   60   O O   . ARG A 1 17  ? 16.592  9.763   -22.442 1.00 21.38 ? 8   ARG A O   1 
ATOM   61   C CB  . ARG A 1 17  ? 16.893  8.961   -25.216 1.00 24.48 ? 8   ARG A CB  1 
ATOM   62   C CG  . ARG A 1 17  ? 17.302  7.818   -26.180 1.00 26.50 ? 8   ARG A CG  1 
ATOM   63   C CD  . ARG A 1 17  ? 18.316  8.240   -27.258 1.00 22.81 ? 8   ARG A CD  1 
ATOM   64   N NE  . ARG A 1 17  ? 18.203  7.401   -28.469 1.00 31.47 ? 8   ARG A NE  1 
ATOM   65   C CZ  . ARG A 1 17  ? 19.057  6.415   -28.810 1.00 36.35 ? 8   ARG A CZ  1 
ATOM   66   N NH1 . ARG A 1 17  ? 20.120  6.106   -28.042 1.00 36.85 ? 8   ARG A NH1 1 
ATOM   67   N NH2 . ARG A 1 17  ? 18.865  5.742   -29.953 1.00 30.68 ? 8   ARG A NH2 1 
ATOM   68   N N   . ASP A 1 18  ? 14.454  10.189  -23.031 1.00 22.65 ? 9   ASP A N   1 
ATOM   69   C CA  . ASP A 1 18  ? 14.253  11.164  -21.975 1.00 22.43 ? 9   ASP A CA  1 
ATOM   70   C C   . ASP A 1 18  ? 13.400  10.586  -20.836 1.00 21.38 ? 9   ASP A C   1 
ATOM   71   O O   . ASP A 1 18  ? 12.233  10.235  -21.026 1.00 17.09 ? 9   ASP A O   1 
ATOM   72   C CB  . ASP A 1 18  ? 13.609  12.409  -22.576 1.00 28.64 ? 9   ASP A CB  1 
ATOM   73   C CG  . ASP A 1 18  ? 13.496  13.576  -21.578 1.00 35.49 ? 9   ASP A CG  1 
ATOM   74   O OD1 . ASP A 1 18  ? 13.144  14.699  -22.063 1.00 47.44 ? 9   ASP A OD1 1 
ATOM   75   O OD2 . ASP A 1 18  ? 13.744  13.378  -20.354 1.00 34.71 ? 9   ASP A OD2 1 
ATOM   76   N N   . GLY A 1 19  ? 14.023  10.501  -19.662 1.00 22.06 ? 10  GLY A N   1 
ATOM   77   C CA  . GLY A 1 19  ? 13.346  10.006  -18.475 1.00 25.57 ? 10  GLY A CA  1 
ATOM   78   C C   . GLY A 1 19  ? 12.027  10.693  -18.139 1.00 25.21 ? 10  GLY A C   1 
ATOM   79   O O   . GLY A 1 19  ? 11.032  10.005  -17.990 1.00 22.90 ? 10  GLY A O   1 
ATOM   80   N N   . ASN A 1 20  ? 12.006  12.023  -18.025 1.00 23.15 ? 11  ASN A N   1 
ATOM   81   C CA  . ASN A 1 20  ? 10.784  12.753  -17.704 1.00 24.36 ? 11  ASN A CA  1 
ATOM   82   C C   . ASN A 1 20  ? 9.727   12.582  -18.808 1.00 20.99 ? 11  ASN A C   1 
ATOM   83   O O   . ASN A 1 20  ? 8.529   12.457  -18.552 1.00 21.64 ? 11  ASN A O   1 
ATOM   84   C CB  . ASN A 1 20  ? 11.107  14.239  -17.496 1.00 28.84 ? 11  ASN A CB  1 
ATOM   85   C CG  . ASN A 1 20  ? 11.700  14.533  -16.098 1.00 34.59 ? 11  ASN A CG  1 
ATOM   86   O OD1 . ASN A 1 20  ? 11.099  14.203  -15.061 1.00 34.80 ? 11  ASN A OD1 1 
ATOM   87   N ND2 . ASN A 1 20  ? 12.874  15.172  -16.072 1.00 36.73 ? 11  ASN A ND2 1 
ATOM   88   N N   . ALA A 1 21  ? 10.189  12.577  -20.042 1.00 20.73 ? 12  ALA A N   1 
ATOM   89   C CA  . ALA A 1 21  ? 9.307   12.411  -21.162 1.00 23.04 ? 12  ALA A CA  1 
ATOM   90   C C   . ALA A 1 21  ? 8.630   11.019  -21.051 1.00 17.95 ? 12  ALA A C   1 
ATOM   91   O O   . ALA A 1 21  ? 7.469   10.864  -21.388 1.00 15.30 ? 12  ALA A O   1 
ATOM   92   C CB  . ALA A 1 21  ? 10.104  12.549  -22.480 1.00 19.20 ? 12  ALA A CB  1 
ATOM   93   N N   . ILE A 1 22  ? 9.371   10.021  -20.578 1.00 17.10 ? 13  ILE A N   1 
ATOM   94   C CA  . ILE A 1 22  ? 8.803   8.710   -20.433 1.00 18.54 ? 13  ILE A CA  1 
ATOM   95   C C   . ILE A 1 22  ? 7.661   8.709   -19.384 1.00 21.23 ? 13  ILE A C   1 
ATOM   96   O O   . ILE A 1 22  ? 6.552   8.235   -19.699 1.00 20.47 ? 13  ILE A O   1 
ATOM   97   C CB  . ILE A 1 22  ? 9.883   7.705   -20.104 1.00 18.24 ? 13  ILE A CB  1 
ATOM   98   C CG1 . ILE A 1 22  ? 10.717  7.476   -21.356 1.00 17.32 ? 13  ILE A CG1 1 
ATOM   99   C CG2 . ILE A 1 22  ? 9.258   6.412   -19.562 1.00 12.28 ? 13  ILE A CG2 1 
ATOM   100  C CD1 . ILE A 1 22  ? 11.966  6.694   -21.114 1.00 18.77 ? 13  ILE A CD1 1 
ATOM   101  N N   . TYR A 1 23  ? 7.900   9.237   -18.169 1.00 23.52 ? 14  TYR A N   1 
ATOM   102  C CA  . TYR A 1 23  ? 6.829   9.307   -17.154 1.00 26.34 ? 14  TYR A CA  1 
ATOM   103  C C   . TYR A 1 23  ? 5.681   10.127  -17.701 1.00 25.96 ? 14  TYR A C   1 
ATOM   104  O O   . TYR A 1 23  ? 4.492   9.759   -17.534 1.00 26.49 ? 14  TYR A O   1 
ATOM   105  C CB  . TYR A 1 23  ? 7.277   9.971   -15.854 1.00 32.91 ? 14  TYR A CB  1 
ATOM   106  C CG  . TYR A 1 23  ? 7.579   9.000   -14.772 1.00 40.29 ? 14  TYR A CG  1 
ATOM   107  C CD1 . TYR A 1 23  ? 8.774   8.280   -14.782 1.00 47.08 ? 14  TYR A CD1 1 
ATOM   108  C CD2 . TYR A 1 23  ? 6.653   8.744   -13.759 1.00 44.90 ? 14  TYR A CD2 1 
ATOM   109  C CE1 . TYR A 1 23  ? 9.039   7.317   -13.806 1.00 51.73 ? 14  TYR A CE1 1 
ATOM   110  C CE2 . TYR A 1 23  ? 6.905   7.784   -12.778 1.00 46.02 ? 14  TYR A CE2 1 
ATOM   111  C CZ  . TYR A 1 23  ? 8.094   7.071   -12.808 1.00 52.52 ? 14  TYR A CZ  1 
ATOM   112  O OH  . TYR A 1 23  ? 8.332   6.075   -11.882 1.00 54.97 ? 14  TYR A OH  1 
ATOM   113  N N   . GLU A 1 24  ? 6.018   11.244  -18.334 1.00 24.10 ? 15  GLU A N   1 
ATOM   114  C CA  . GLU A 1 24  ? 4.981   12.105  -18.923 1.00 24.47 ? 15  GLU A CA  1 
ATOM   115  C C   . GLU A 1 24  ? 4.110   11.355  -19.937 1.00 22.76 ? 15  GLU A C   1 
ATOM   116  O O   . GLU A 1 24  ? 2.896   11.364  -19.805 1.00 18.21 ? 15  GLU A O   1 
ATOM   117  C CB  . GLU A 1 24  ? 5.600   13.326  -19.581 1.00 23.39 ? 15  GLU A CB  1 
ATOM   118  C CG  . GLU A 1 24  ? 5.749   14.505  -18.661 1.00 23.24 ? 15  GLU A CG  1 
ATOM   119  C CD  . GLU A 1 24  ? 6.922   15.369  -19.000 1.00 23.23 ? 15  GLU A CD  1 
ATOM   120  O OE1 . GLU A 1 24  ? 7.246   15.491  -20.208 1.00 21.77 ? 15  GLU A OE1 1 
ATOM   121  O OE2 . GLU A 1 24  ? 7.525   15.919  -18.044 1.00 21.48 ? 15  GLU A OE2 1 
ATOM   122  N N   . ARG A 1 25  ? 4.710   10.693  -20.933 1.00 23.30 ? 16  ARG A N   1 
ATOM   123  C CA  . ARG A 1 25  ? 3.879   9.975   -21.881 1.00 23.36 ? 16  ARG A CA  1 
ATOM   124  C C   . ARG A 1 25  ? 3.142   8.813   -21.168 1.00 20.51 ? 16  ARG A C   1 
ATOM   125  O O   . ARG A 1 25  ? 1.995   8.543   -21.455 1.00 23.68 ? 16  ARG A O   1 
ATOM   126  C CB  . ARG A 1 25  ? 4.681   9.412   -23.077 1.00 26.25 ? 16  ARG A CB  1 
ATOM   127  C CG  . ARG A 1 25  ? 5.166   10.448  -24.070 1.00 39.10 ? 16  ARG A CG  1 
ATOM   128  C CD  . ARG A 1 25  ? 4.993   10.031  -25.565 1.00 47.56 ? 16  ARG A CD  1 
ATOM   129  N NE  . ARG A 1 25  ? 5.694   10.965  -26.473 1.00 50.65 ? 16  ARG A NE  1 
ATOM   130  C CZ  . ARG A 1 25  ? 6.047   10.692  -27.737 1.00 54.68 ? 16  ARG A CZ  1 
ATOM   131  N NH1 . ARG A 1 25  ? 5.769   9.496   -28.269 1.00 56.02 ? 16  ARG A NH1 1 
ATOM   132  N NH2 . ARG A 1 25  ? 6.685   11.613  -28.473 1.00 54.99 ? 16  ARG A NH2 1 
ATOM   133  N N   . SER A 1 26  ? 3.788   8.131   -20.235 1.00 16.88 ? 17  SER A N   1 
ATOM   134  C CA  . SER A 1 26  ? 3.095   7.026   -19.612 1.00 20.35 ? 17  SER A CA  1 
ATOM   135  C C   . SER A 1 26  ? 1.842   7.473   -18.851 1.00 16.14 ? 17  SER A C   1 
ATOM   136  O O   . SER A 1 26  ? 0.788   6.853   -18.975 1.00 17.56 ? 17  SER A O   1 
ATOM   137  C CB  . SER A 1 26  ? 4.011   6.310   -18.671 1.00 17.15 ? 17  SER A CB  1 
ATOM   138  O OG  . SER A 1 26  ? 4.219   7.195   -17.623 1.00 27.35 ? 17  SER A OG  1 
ATOM   139  N N   . PHE A 1 27  ? 1.924   8.576   -18.110 1.00 15.02 ? 18  PHE A N   1 
ATOM   140  C CA  . PHE A 1 27  ? 0.723   9.023   -17.373 1.00 15.45 ? 18  PHE A CA  1 
ATOM   141  C C   . PHE A 1 27  ? -0.288  9.560   -18.330 1.00 17.68 ? 18  PHE A C   1 
ATOM   142  O O   . PHE A 1 27  ? -1.482  9.392   -18.106 1.00 18.59 ? 18  PHE A O   1 
ATOM   143  C CB  . PHE A 1 27  ? 1.031   10.053  -16.301 1.00 13.18 ? 18  PHE A CB  1 
ATOM   144  C CG  . PHE A 1 27  ? 1.651   9.462   -15.058 1.00 22.03 ? 18  PHE A CG  1 
ATOM   145  C CD1 . PHE A 1 27  ? 2.272   8.242   -15.102 1.00 23.98 ? 18  PHE A CD1 1 
ATOM   146  C CD2 . PHE A 1 27  ? 1.633   10.149  -13.861 1.00 22.02 ? 18  PHE A CD2 1 
ATOM   147  C CE1 . PHE A 1 27  ? 2.881   7.701   -13.951 1.00 24.14 ? 18  PHE A CE1 1 
ATOM   148  C CE2 . PHE A 1 27  ? 2.231   9.621   -12.713 1.00 25.06 ? 18  PHE A CE2 1 
ATOM   149  C CZ  . PHE A 1 27  ? 2.856   8.395   -12.759 1.00 26.42 ? 18  PHE A CZ  1 
ATOM   150  N N   . ALA A 1 28  ? 0.173   10.184  -19.411 1.00 14.15 ? 19  ALA A N   1 
ATOM   151  C CA  . ALA A 1 28  ? -0.785  10.694  -20.381 1.00 13.80 ? 19  ALA A CA  1 
ATOM   152  C C   . ALA A 1 28  ? -1.513  9.506   -20.980 1.00 13.01 ? 19  ALA A C   1 
ATOM   153  O O   . ALA A 1 28  ? -2.718  9.535   -21.141 1.00 17.47 ? 19  ALA A O   1 
ATOM   154  C CB  . ALA A 1 28  ? -0.050  11.567  -21.498 1.00 14.95 ? 19  ALA A CB  1 
ATOM   155  N N   . ILE A 1 29  ? -0.776  8.444   -21.287 1.00 12.45 ? 20  ILE A N   1 
ATOM   156  C CA  . ILE A 1 29  ? -1.377  7.259   -21.852 1.00 14.27 ? 20  ILE A CA  1 
ATOM   157  C C   . ILE A 1 29  ? -2.369  6.564   -20.861 1.00 17.88 ? 20  ILE A C   1 
ATOM   158  O O   . ILE A 1 29  ? -3.464  6.123   -21.242 1.00 11.96 ? 20  ILE A O   1 
ATOM   159  C CB  . ILE A 1 29  ? -0.292  6.222   -22.278 1.00 13.56 ? 20  ILE A CB  1 
ATOM   160  C CG1 . ILE A 1 29  ? 0.483   6.734   -23.494 1.00 23.33 ? 20  ILE A CG1 1 
ATOM   161  C CG2 . ILE A 1 29  ? -0.923  4.895   -22.611 1.00 12.27 ? 20  ILE A CG2 1 
ATOM   162  C CD1 . ILE A 1 29  ? 1.763   5.887   -23.781 1.00 20.50 ? 20  ILE A CD1 1 
ATOM   163  N N   . ILE A 1 30  ? -1.962  6.421   -19.600 1.00 17.76 ? 21  ILE A N   1 
ATOM   164  C CA  . ILE A 1 30  ? -2.857  5.771   -18.629 1.00 16.66 ? 21  ILE A CA  1 
ATOM   165  C C   . ILE A 1 30  ? -4.127  6.620   -18.492 1.00 17.53 ? 21  ILE A C   1 
ATOM   166  O O   . ILE A 1 30  ? -5.232  6.085   -18.435 1.00 15.24 ? 21  ILE A O   1 
ATOM   167  C CB  . ILE A 1 30  ? -2.186  5.634   -17.278 1.00 12.30 ? 21  ILE A CB  1 
ATOM   168  C CG1 . ILE A 1 30  ? -0.957  4.748   -17.427 1.00 9.87  ? 21  ILE A CG1 1 
ATOM   169  C CG2 . ILE A 1 30  ? -3.131  5.015   -16.298 1.00 12.22 ? 21  ILE A CG2 1 
ATOM   170  C CD1 . ILE A 1 30  ? 0.089   4.979   -16.483 1.00 11.00 ? 21  ILE A CD1 1 
ATOM   171  N N   . ARG A 1 31  ? -3.984  7.948   -18.493 1.00 18.23 ? 22  ARG A N   1 
ATOM   172  C CA  . ARG A 1 31  ? -5.187  8.751   -18.370 1.00 21.08 ? 22  ARG A CA  1 
ATOM   173  C C   . ARG A 1 31  ? -6.082  8.517   -19.586 1.00 23.89 ? 22  ARG A C   1 
ATOM   174  O O   . ARG A 1 31  ? -7.319  8.423   -19.480 1.00 27.13 ? 22  ARG A O   1 
ATOM   175  C CB  . ARG A 1 31  ? -4.865  10.241  -18.246 1.00 20.50 ? 22  ARG A CB  1 
ATOM   176  C CG  . ARG A 1 31  ? -4.221  10.620  -16.960 1.00 19.98 ? 22  ARG A CG  1 
ATOM   177  C CD  . ARG A 1 31  ? -5.208  10.937  -15.894 1.00 30.41 ? 22  ARG A CD  1 
ATOM   178  N NE  . ARG A 1 31  ? -4.492  11.284  -14.667 1.00 32.38 ? 22  ARG A NE  1 
ATOM   179  C CZ  . ARG A 1 31  ? -5.050  11.666  -13.521 1.00 34.02 ? 22  ARG A CZ  1 
ATOM   180  N NH1 . ARG A 1 31  ? -6.359  11.772  -13.400 1.00 32.53 ? 22  ARG A NH1 1 
ATOM   181  N NH2 . ARG A 1 31  ? -4.280  11.925  -12.483 1.00 30.09 ? 22  ARG A NH2 1 
ATOM   182  N N   . ALA A 1 32  ? -5.450  8.411   -20.741 1.00 23.86 ? 23  ALA A N   1 
ATOM   183  C CA  . ALA A 1 32  ? -6.221  8.259   -21.948 1.00 26.52 ? 23  ALA A CA  1 
ATOM   184  C C   . ALA A 1 32  ? -6.859  6.894   -22.085 1.00 26.34 ? 23  ALA A C   1 
ATOM   185  O O   . ALA A 1 32  ? -7.797  6.775   -22.830 1.00 30.39 ? 23  ALA A O   1 
ATOM   186  C CB  . ALA A 1 32  ? -5.340  8.576   -23.195 1.00 20.06 ? 23  ALA A CB  1 
ATOM   187  N N   . GLU A 1 33  ? -6.384  5.873   -21.364 1.00 24.63 ? 24  GLU A N   1 
ATOM   188  C CA  . GLU A 1 33  ? -6.986  4.560   -21.548 1.00 23.58 ? 24  GLU A CA  1 
ATOM   189  C C   . GLU A 1 33  ? -7.690  4.008   -20.339 1.00 24.22 ? 24  GLU A C   1 
ATOM   190  O O   . GLU A 1 33  ? -8.495  3.090   -20.461 1.00 20.28 ? 24  GLU A O   1 
ATOM   191  C CB  . GLU A 1 33  ? -5.953  3.506   -21.953 1.00 27.19 ? 24  GLU A CB  1 
ATOM   192  C CG  . GLU A 1 33  ? -4.948  3.884   -23.009 1.00 26.53 ? 24  GLU A CG  1 
ATOM   193  C CD  . GLU A 1 33  ? -4.246  2.671   -23.574 1.00 24.48 ? 24  GLU A CD  1 
ATOM   194  O OE1 . GLU A 1 33  ? -4.275  1.590   -22.965 1.00 28.54 ? 24  GLU A OE1 1 
ATOM   195  O OE2 . GLU A 1 33  ? -3.653  2.793   -24.635 1.00 26.44 ? 24  GLU A OE2 1 
ATOM   196  N N   . ALA A 1 34  ? -7.369  4.560   -19.173 1.00 24.10 ? 25  ALA A N   1 
ATOM   197  C CA  . ALA A 1 34  ? -7.933  4.074   -17.921 1.00 26.50 ? 25  ALA A CA  1 
ATOM   198  C C   . ALA A 1 34  ? -9.259  4.691   -17.519 1.00 29.39 ? 25  ALA A C   1 
ATOM   199  O O   . ALA A 1 34  ? -9.446  5.913   -17.521 1.00 30.74 ? 25  ALA A O   1 
ATOM   200  C CB  . ALA A 1 34  ? -6.923  4.237   -16.788 1.00 25.49 ? 25  ALA A CB  1 
ATOM   201  N N   . ASP A 1 35  ? -10.191 3.811   -17.187 1.00 28.27 ? 26  ASP A N   1 
ATOM   202  C CA  . ASP A 1 35  ? -11.489 4.256   -16.717 1.00 29.88 ? 26  ASP A CA  1 
ATOM   203  C C   . ASP A 1 35  ? -11.257 4.822   -15.291 1.00 26.21 ? 26  ASP A C   1 
ATOM   204  O O   . ASP A 1 35  ? -11.074 4.072   -14.351 1.00 24.26 ? 26  ASP A O   1 
ATOM   205  C CB  . ASP A 1 35  ? -12.428 3.052   -16.648 1.00 30.55 ? 26  ASP A CB  1 
ATOM   206  C CG  . ASP A 1 35  ? -13.832 3.453   -16.379 1.00 38.25 ? 26  ASP A CG  1 
ATOM   207  O OD1 . ASP A 1 35  ? -14.004 4.540   -15.756 1.00 38.08 ? 26  ASP A OD1 1 
ATOM   208  O OD2 . ASP A 1 35  ? -14.751 2.697   -16.785 1.00 43.27 ? 26  ASP A OD2 1 
ATOM   209  N N   . LEU A 1 36  ? -11.272 6.128   -15.121 1.00 24.13 ? 27  LEU A N   1 
ATOM   210  C CA  . LEU A 1 36  ? -11.016 6.694   -13.790 1.00 24.50 ? 27  LEU A CA  1 
ATOM   211  C C   . LEU A 1 36  ? -12.216 7.412   -13.154 1.00 24.85 ? 27  LEU A C   1 
ATOM   212  O O   . LEU A 1 36  ? -12.151 7.864   -12.030 1.00 24.70 ? 27  LEU A O   1 
ATOM   213  C CB  . LEU A 1 36  ? -9.849  7.678   -13.887 1.00 22.49 ? 27  LEU A CB  1 
ATOM   214  C CG  . LEU A 1 36  ? -8.531  7.109   -14.403 1.00 25.64 ? 27  LEU A CG  1 
ATOM   215  C CD1 . LEU A 1 36  ? -7.561  8.262   -14.635 1.00 28.32 ? 27  LEU A CD1 1 
ATOM   216  C CD2 . LEU A 1 36  ? -7.976  6.087   -13.407 1.00 23.62 ? 27  LEU A CD2 1 
ATOM   217  N N   . SER A 1 37  ? -13.319 7.468   -13.864 1.00 25.46 ? 28  SER A N   1 
ATOM   218  C CA  . SER A 1 37  ? -14.471 8.218   -13.401 1.00 27.77 ? 28  SER A CA  1 
ATOM   219  C C   . SER A 1 37  ? -15.045 7.928   -12.034 1.00 25.71 ? 28  SER A C   1 
ATOM   220  O O   . SER A 1 37  ? -15.543 8.834   -11.404 1.00 25.73 ? 28  SER A O   1 
ATOM   221  C CB  . SER A 1 37  ? -15.581 8.152   -14.456 1.00 27.01 ? 28  SER A CB  1 
ATOM   222  O OG  . SER A 1 37  ? -15.961 6.819   -14.696 1.00 31.54 ? 28  SER A OG  1 
ATOM   223  N N   . ARG A 1 38  ? -14.969 6.701   -11.552 1.00 23.50 ? 29  ARG A N   1 
ATOM   224  C CA  . ARG A 1 38  ? -15.543 6.413   -10.265 1.00 21.02 ? 29  ARG A CA  1 
ATOM   225  C C   . ARG A 1 38  ? -14.652 6.822   -9.099  1.00 24.61 ? 29  ARG A C   1 
ATOM   226  O O   . ARG A 1 38  ? -15.032 6.667   -7.930  1.00 29.89 ? 29  ARG A O   1 
ATOM   227  C CB  . ARG A 1 38  ? -15.894 4.929   -10.155 1.00 19.57 ? 29  ARG A CB  1 
ATOM   228  C CG  . ARG A 1 38  ? -14.787 4.038   -9.786  1.00 15.61 ? 29  ARG A CG  1 
ATOM   229  C CD  . ARG A 1 38  ? -15.311 2.650   -9.580  1.00 23.56 ? 29  ARG A CD  1 
ATOM   230  N NE  . ARG A 1 38  ? -14.230 1.704   -9.667  1.00 23.81 ? 29  ARG A NE  1 
ATOM   231  C CZ  . ARG A 1 38  ? -13.581 1.214   -8.615  1.00 32.26 ? 29  ARG A CZ  1 
ATOM   232  N NH1 . ARG A 1 38  ? -13.940 1.595   -7.379  1.00 26.94 ? 29  ARG A NH1 1 
ATOM   233  N NH2 . ARG A 1 38  ? -12.563 0.345   -8.793  1.00 22.79 ? 29  ARG A NH2 1 
ATOM   234  N N   . PHE A 1 39  ? -13.458 7.325   -9.380  1.00 21.93 ? 30  PHE A N   1 
ATOM   235  C CA  . PHE A 1 39  ? -12.584 7.772   -8.299  1.00 19.60 ? 30  PHE A CA  1 
ATOM   236  C C   . PHE A 1 39  ? -12.672 9.279   -8.179  1.00 18.88 ? 30  PHE A C   1 
ATOM   237  O O   . PHE A 1 39  ? -13.075 9.963   -9.098  1.00 25.92 ? 30  PHE A O   1 
ATOM   238  C CB  . PHE A 1 39  ? -11.117 7.400   -8.582  1.00 18.42 ? 30  PHE A CB  1 
ATOM   239  C CG  . PHE A 1 39  ? -10.900 5.947   -8.751  1.00 22.05 ? 30  PHE A CG  1 
ATOM   240  C CD1 . PHE A 1 39  ? -10.317 5.445   -9.910  1.00 23.92 ? 30  PHE A CD1 1 
ATOM   241  C CD2 . PHE A 1 39  ? -11.316 5.049   -7.765  1.00 25.30 ? 30  PHE A CD2 1 
ATOM   242  C CE1 . PHE A 1 39  ? -10.172 4.075   -10.078 1.00 22.82 ? 30  PHE A CE1 1 
ATOM   243  C CE2 . PHE A 1 39  ? -11.169 3.692   -7.931  1.00 19.68 ? 30  PHE A CE2 1 
ATOM   244  C CZ  . PHE A 1 39  ? -10.603 3.207   -9.091  1.00 20.22 ? 30  PHE A CZ  1 
ATOM   245  N N   . SER A 1 40  ? -12.289 9.789   -7.036  1.00 20.38 ? 31  SER A N   1 
ATOM   246  C CA  . SER A 1 40  ? -12.232 11.209  -6.811  1.00 23.19 ? 31  SER A CA  1 
ATOM   247  C C   . SER A 1 40  ? -10.992 11.642  -7.617  1.00 22.93 ? 31  SER A C   1 
ATOM   248  O O   . SER A 1 40  ? -10.217 10.795  -8.089  1.00 23.49 ? 31  SER A O   1 
ATOM   249  C CB  . SER A 1 40  ? -11.969 11.467  -5.324  1.00 21.31 ? 31  SER A CB  1 
ATOM   250  O OG  . SER A 1 40  ? -10.720 10.962  -4.963  1.00 44.46 ? 31  SER A OG  1 
ATOM   251  N N   . GLU A 1 41  ? -10.770 12.941  -7.742  1.00 23.66 ? 32  GLU A N   1 
ATOM   252  C CA  . GLU A 1 41  ? -9.577  13.382  -8.468  1.00 23.99 ? 32  GLU A CA  1 
ATOM   253  C C   . GLU A 1 41  ? -8.350  12.830  -7.731  1.00 21.38 ? 32  GLU A C   1 
ATOM   254  O O   . GLU A 1 41  ? -7.381  12.371  -8.322  1.00 18.51 ? 32  GLU A O   1 
ATOM   255  C CB  . GLU A 1 41  ? -9.440  14.934  -8.494  1.00 28.41 ? 32  GLU A CB  1 
ATOM   256  C CG  . GLU A 1 41  ? -10.631 15.766  -9.056  1.00 35.58 ? 32  GLU A CG  1 
ATOM   257  C CD  . GLU A 1 41  ? -10.380 16.388  -10.452 1.00 42.26 ? 32  GLU A CD  1 
ATOM   258  O OE1 . GLU A 1 41  ? -10.679 15.720  -11.485 1.00 45.77 ? 32  GLU A OE1 1 
ATOM   259  O OE2 . GLU A 1 41  ? -9.882  17.539  -10.512 1.00 39.06 ? 32  GLU A OE2 1 
ATOM   260  N N   . GLU A 1 42  ? -8.409  12.916  -6.419  1.00 19.89 ? 33  GLU A N   1 
ATOM   261  C CA  . GLU A 1 42  ? -7.314  12.518  -5.592  1.00 23.35 ? 33  GLU A CA  1 
ATOM   262  C C   . GLU A 1 42  ? -7.009  11.044  -5.674  1.00 19.39 ? 33  GLU A C   1 
ATOM   263  O O   . GLU A 1 42  ? -5.833  10.645  -5.802  1.00 18.81 ? 33  GLU A O   1 
ATOM   264  C CB  . GLU A 1 42  ? -7.602  12.991  -4.160  1.00 28.36 ? 33  GLU A CB  1 
ATOM   265  C CG  . GLU A 1 42  ? -7.936  14.492  -4.143  1.00 38.26 ? 33  GLU A CG  1 
ATOM   266  C CD  . GLU A 1 42  ? -7.689  15.171  -2.789  1.00 45.81 ? 33  GLU A CD  1 
ATOM   267  O OE1 . GLU A 1 42  ? -8.019  14.533  -1.758  1.00 47.72 ? 33  GLU A OE1 1 
ATOM   268  O OE2 . GLU A 1 42  ? -7.186  16.334  -2.757  1.00 44.76 ? 33  GLU A OE2 1 
ATOM   269  N N   . GLU A 1 43  ? -8.068  10.237  -5.637  1.00 17.44 ? 34  GLU A N   1 
ATOM   270  C CA  . GLU A 1 43  ? -7.921  8.804   -5.707  1.00 18.91 ? 34  GLU A CA  1 
ATOM   271  C C   . GLU A 1 43  ? -7.424  8.416   -7.091  1.00 19.06 ? 34  GLU A C   1 
ATOM   272  O O   . GLU A 1 43  ? -6.667  7.483   -7.207  1.00 16.50 ? 34  GLU A O   1 
ATOM   273  C CB  . GLU A 1 43  ? -9.237  8.123   -5.461  1.00 16.56 ? 34  GLU A CB  1 
ATOM   274  C CG  . GLU A 1 43  ? -9.807  8.511   -4.128  1.00 19.76 ? 34  GLU A CG  1 
ATOM   275  C CD  . GLU A 1 43  ? -11.188 7.957   -3.909  1.00 21.86 ? 34  GLU A CD  1 
ATOM   276  O OE1 . GLU A 1 43  ? -11.834 7.672   -4.941  1.00 21.50 ? 34  GLU A OE1 1 
ATOM   277  O OE2 . GLU A 1 43  ? -11.600 7.819   -2.718  1.00 19.97 ? 34  GLU A OE2 1 
ATOM   278  N N   . ALA A 1 44  ? -7.821  9.165   -8.115  1.00 13.47 ? 35  ALA A N   1 
ATOM   279  C CA  . ALA A 1 44  ? -7.435  8.843   -9.502  1.00 14.13 ? 35  ALA A CA  1 
ATOM   280  C C   . ALA A 1 44  ? -5.906  8.943   -9.608  1.00 13.10 ? 35  ALA A C   1 
ATOM   281  O O   . ALA A 1 44  ? -5.247  8.179   -10.304 1.00 21.05 ? 35  ALA A O   1 
ATOM   282  C CB  . ALA A 1 44  ? -8.122  9.832   -10.479 1.00 9.34  ? 35  ALA A CB  1 
ATOM   283  N N   . ASP A 1 45  ? -5.359  9.914   -8.894  1.00 18.06 ? 36  ASP A N   1 
ATOM   284  C CA  . ASP A 1 45  ? -3.930  10.063  -8.856  1.00 17.64 ? 36  ASP A CA  1 
ATOM   285  C C   . ASP A 1 45  ? -3.318  8.713   -8.422  1.00 20.64 ? 36  ASP A C   1 
ATOM   286  O O   . ASP A 1 45  ? -2.415  8.196   -9.125  1.00 16.11 ? 36  ASP A O   1 
ATOM   287  C CB  . ASP A 1 45  ? -3.511  11.134  -7.873  1.00 24.68 ? 36  ASP A CB  1 
ATOM   288  C CG  . ASP A 1 45  ? -2.213  11.771  -8.276  1.00 28.28 ? 36  ASP A CG  1 
ATOM   289  O OD1 . ASP A 1 45  ? -2.209  12.507  -9.291  1.00 37.90 ? 36  ASP A OD1 1 
ATOM   290  O OD2 . ASP A 1 45  ? -1.191  11.516  -7.613  1.00 38.82 ? 36  ASP A OD2 1 
ATOM   291  N N   . LEU A 1 46  ? -3.837  8.118   -7.343  1.00 11.99 ? 37  LEU A N   1 
ATOM   292  C CA  . LEU A 1 46  ? -3.270  6.849   -6.855  1.00 17.32 ? 37  LEU A CA  1 
ATOM   293  C C   . LEU A 1 46  ? -3.436  5.801   -7.910  1.00 9.99  ? 37  LEU A C   1 
ATOM   294  O O   . LEU A 1 46  ? -2.492  5.024   -8.186  1.00 14.23 ? 37  LEU A O   1 
ATOM   295  C CB  . LEU A 1 46  ? -3.952  6.302   -5.592  1.00 18.35 ? 37  LEU A CB  1 
ATOM   296  C CG  . LEU A 1 46  ? -3.863  7.039   -4.248  1.00 27.20 ? 37  LEU A CG  1 
ATOM   297  C CD1 . LEU A 1 46  ? -4.366  6.090   -3.093  1.00 26.60 ? 37  LEU A CD1 1 
ATOM   298  C CD2 . LEU A 1 46  ? -2.474  7.457   -3.990  1.00 27.79 ? 37  LEU A CD2 1 
ATOM   299  N N   . ALA A 1 47  ? -4.638  5.808   -8.487  1.00 14.29 ? 38  ALA A N   1 
ATOM   300  C CA  . ALA A 1 47  ? -5.008  4.864   -9.524  1.00 15.50 ? 38  ALA A CA  1 
ATOM   301  C C   . ALA A 1 47  ? -3.964  4.804   -10.690 1.00 11.65 ? 38  ALA A C   1 
ATOM   302  O O   . ALA A 1 47  ? -3.493  3.729   -11.073 1.00 16.25 ? 38  ALA A O   1 
ATOM   303  C CB  . ALA A 1 47  ? -6.360  5.247   -10.091 1.00 9.82  ? 38  ALA A CB  1 
ATOM   304  N N   . VAL A 1 48  ? -3.632  5.983   -11.204 1.00 14.54 ? 39  VAL A N   1 
ATOM   305  C CA  . VAL A 1 48  ? -2.718  6.129   -12.326 1.00 11.74 ? 39  VAL A CA  1 
ATOM   306  C C   . VAL A 1 48  ? -1.330  5.606   -11.983 1.00 13.83 ? 39  VAL A C   1 
ATOM   307  O O   . VAL A 1 48  ? -0.778  4.814   -12.705 1.00 9.58  ? 39  VAL A O   1 
ATOM   308  C CB  . VAL A 1 48  ? -2.639  7.650   -12.814 1.00 8.51  ? 39  VAL A CB  1 
ATOM   309  C CG1 . VAL A 1 48  ? -1.551  7.812   -13.839 1.00 14.48 ? 39  VAL A CG1 1 
ATOM   310  C CG2 . VAL A 1 48  ? -3.971  8.091   -13.315 1.00 10.68 ? 39  VAL A CG2 1 
ATOM   311  N N   . ARG A 1 49  ? -0.764  6.081   -10.896 1.00 12.47 ? 40  ARG A N   1 
ATOM   312  C CA  . ARG A 1 49  ? 0.514   5.568   -10.488 1.00 11.82 ? 40  ARG A CA  1 
ATOM   313  C C   . ARG A 1 49  ? 0.444   4.074   -10.313 1.00 8.53  ? 40  ARG A C   1 
ATOM   314  O O   . ARG A 1 49  ? 1.330   3.394   -10.731 1.00 11.23 ? 40  ARG A O   1 
ATOM   315  C CB  . ARG A 1 49  ? 0.933   6.171   -9.176  1.00 14.46 ? 40  ARG A CB  1 
ATOM   316  C CG  . ARG A 1 49  ? 1.530   7.495   -9.302  1.00 22.20 ? 40  ARG A CG  1 
ATOM   317  C CD  . ARG A 1 49  ? 2.391   7.735   -8.089  1.00 29.39 ? 40  ARG A CD  1 
ATOM   318  N NE  . ARG A 1 49  ? 3.752   7.403   -8.430  1.00 26.54 ? 40  ARG A NE  1 
ATOM   319  C CZ  . ARG A 1 49  ? 4.517   8.220   -9.127  1.00 23.32 ? 40  ARG A CZ  1 
ATOM   320  N NH1 . ARG A 1 49  ? 4.023   9.390   -9.525  1.00 23.38 ? 40  ARG A NH1 1 
ATOM   321  N NH2 . ARG A 1 49  ? 5.771   7.856   -9.415  1.00 26.65 ? 40  ARG A NH2 1 
ATOM   322  N N   . MET A 1 50  ? -0.640  3.582   -9.697  1.00 10.43 ? 41  MET A N   1 
ATOM   323  C CA  . MET A 1 50  ? -0.773  2.164   -9.487  1.00 8.79  ? 41  MET A CA  1 
ATOM   324  C C   . MET A 1 50  ? -0.837  1.426   -10.807 1.00 7.40  ? 41  MET A C   1 
ATOM   325  O O   . MET A 1 50  ? -0.248  0.358   -10.979 1.00 8.57  ? 41  MET A O   1 
ATOM   326  C CB  . MET A 1 50  ? -2.009  1.827   -8.615  1.00 7.02  ? 41  MET A CB  1 
ATOM   327  C CG  . MET A 1 50  ? -1.921  2.285   -7.145  1.00 12.75 ? 41  MET A CG  1 
ATOM   328  S SD  . MET A 1 50  ? -3.404  1.830   -6.188  1.00 23.18 ? 41  MET A SD  1 
ATOM   329  C CE  . MET A 1 50  ? -3.697  3.282   -5.576  1.00 24.46 ? 41  MET A CE  1 
ATOM   330  N N   . VAL A 1 51  ? -1.530  2.024   -11.749 1.00 10.89 ? 42  VAL A N   1 
ATOM   331  C CA  . VAL A 1 51  ? -1.623  1.392   -13.054 1.00 12.93 ? 42  VAL A CA  1 
ATOM   332  C C   . VAL A 1 51  ? -0.227  1.514   -13.661 1.00 12.14 ? 42  VAL A C   1 
ATOM   333  O O   . VAL A 1 51  ? 0.263   0.598   -14.287 1.00 15.07 ? 42  VAL A O   1 
ATOM   334  C CB  . VAL A 1 51  ? -2.652  2.101   -13.981 1.00 10.66 ? 42  VAL A CB  1 
ATOM   335  C CG1 . VAL A 1 51  ? -2.324  1.758   -15.522 1.00 8.41  ? 42  VAL A CG1 1 
ATOM   336  C CG2 . VAL A 1 51  ? -4.061  1.591   -13.664 1.00 17.86 ? 42  VAL A CG2 1 
ATOM   337  N N   . HIS A 1 52  ? 0.427   2.646   -13.428 1.00 15.97 ? 43  HIS A N   1 
ATOM   338  C CA  . HIS A 1 52  ? 1.752   2.850   -14.020 1.00 20.11 ? 43  HIS A CA  1 
ATOM   339  C C   . HIS A 1 52  ? 2.638   1.692   -13.607 1.00 19.85 ? 43  HIS A C   1 
ATOM   340  O O   . HIS A 1 52  ? 3.282   1.080   -14.425 1.00 17.49 ? 43  HIS A O   1 
ATOM   341  C CB  . HIS A 1 52  ? 2.369   4.146   -13.544 1.00 16.52 ? 43  HIS A CB  1 
ATOM   342  C CG  . HIS A 1 52  ? 3.732   4.391   -14.078 1.00 27.68 ? 43  HIS A CG  1 
ATOM   343  N ND1 . HIS A 1 52  ? 3.961   4.748   -15.393 1.00 29.03 ? 43  HIS A ND1 1 
ATOM   344  C CD2 . HIS A 1 52  ? 4.943   4.347   -13.478 1.00 22.63 ? 43  HIS A CD2 1 
ATOM   345  C CE1 . HIS A 1 52  ? 5.262   4.908   -15.576 1.00 27.83 ? 43  HIS A CE1 1 
ATOM   346  N NE2 . HIS A 1 52  ? 5.879   4.671   -14.432 1.00 29.20 ? 43  HIS A NE2 1 
ATOM   347  N N   . ALA A 1 53  ? 2.563   1.349   -12.326 1.00 22.35 ? 44  ALA A N   1 
ATOM   348  C CA  . ALA A 1 53  ? 3.390   0.308   -11.740 1.00 17.72 ? 44  ALA A CA  1 
ATOM   349  C C   . ALA A 1 53  ? 3.145   -1.100  -12.177 1.00 15.17 ? 44  ALA A C   1 
ATOM   350  O O   . ALA A 1 53  ? 4.042   -1.864  -12.109 1.00 9.70  ? 44  ALA A O   1 
ATOM   351  C CB  . ALA A 1 53  ? 3.312   0.398   -10.165 1.00 18.00 ? 44  ALA A CB  1 
ATOM   352  N N   . CYS A 1 54  ? 1.959   -1.479  -12.634 1.00 13.97 ? 45  CYS A N   1 
ATOM   353  C CA  . CYS A 1 54  ? 1.743   -2.892  -12.985 1.00 13.67 ? 45  CYS A CA  1 
ATOM   354  C C   . CYS A 1 54  ? 1.583   -3.062  -14.515 1.00 13.51 ? 45  CYS A C   1 
ATOM   355  O O   . CYS A 1 54  ? 1.654   -4.170  -15.067 1.00 14.45 ? 45  CYS A O   1 
ATOM   356  C CB  . CYS A 1 54  ? 0.491   -3.453  -12.233 1.00 16.46 ? 45  CYS A CB  1 
ATOM   357  S SG  . CYS A 1 54  ? -1.120  -2.613  -12.636 1.00 20.47 ? 45  CYS A SG  1 
ATOM   358  N N   . GLY A 1 55  ? 1.408   -1.935  -15.173 1.00 12.10 ? 46  GLY A N   1 
ATOM   359  C CA  . GLY A 1 55  ? 1.272   -1.908  -16.609 1.00 14.85 ? 46  GLY A CA  1 
ATOM   360  C C   . GLY A 1 55  ? -0.113  -2.344  -17.052 1.00 16.89 ? 46  GLY A C   1 
ATOM   361  O O   . GLY A 1 55  ? -0.368  -2.488  -18.240 1.00 17.26 ? 46  GLY A O   1 
ATOM   362  N N   . SER A 1 56  ? -1.026  -2.517  -16.109 1.00 19.39 ? 47  SER A N   1 
ATOM   363  C CA  . SER A 1 56  ? -2.354  -2.997  -16.502 1.00 18.71 ? 47  SER A CA  1 
ATOM   364  C C   . SER A 1 56  ? -3.438  -1.982  -16.251 1.00 17.29 ? 47  SER A C   1 
ATOM   365  O O   . SER A 1 56  ? -3.847  -1.761  -15.099 1.00 12.28 ? 47  SER A O   1 
ATOM   366  C CB  . SER A 1 56  ? -2.675  -4.285  -15.764 1.00 19.72 ? 47  SER A CB  1 
ATOM   367  O OG  . SER A 1 56  ? -4.056  -4.538  -15.846 1.00 25.13 ? 47  SER A OG  1 
ATOM   368  N N   . VAL A 1 57  ? -3.917  -1.347  -17.316 1.00 14.45 ? 48  VAL A N   1 
ATOM   369  C CA  . VAL A 1 57  ? -4.928  -0.338  -17.090 1.00 14.11 ? 48  VAL A CA  1 
ATOM   370  C C   . VAL A 1 57  ? -6.193  -0.923  -16.449 1.00 17.23 ? 48  VAL A C   1 
ATOM   371  O O   . VAL A 1 57  ? -6.904  -0.218  -15.738 1.00 18.60 ? 48  VAL A O   1 
ATOM   372  C CB  . VAL A 1 57  ? -5.301  0.421   -18.418 1.00 18.23 ? 48  VAL A CB  1 
ATOM   373  C CG1 . VAL A 1 57  ? -6.436  1.347   -18.146 1.00 18.80 ? 48  VAL A CG1 1 
ATOM   374  C CG2 . VAL A 1 57  ? -4.093  1.273   -18.911 1.00 18.68 ? 48  VAL A CG2 1 
ATOM   375  N N   . GLU A 1 58  ? -6.480  -2.199  -16.679 1.00 15.48 ? 49  GLU A N   1 
ATOM   376  C CA  . GLU A 1 58  ? -7.692  -2.806  -16.099 1.00 21.94 ? 49  GLU A CA  1 
ATOM   377  C C   . GLU A 1 58  ? -7.729  -3.030  -14.573 1.00 19.59 ? 49  GLU A C   1 
ATOM   378  O O   . GLU A 1 58  ? -8.808  -3.259  -14.031 1.00 14.59 ? 49  GLU A O   1 
ATOM   379  C CB  . GLU A 1 58  ? -8.019  -4.105  -16.817 1.00 21.91 ? 49  GLU A CB  1 
ATOM   380  C CG  . GLU A 1 58  ? -8.801  -3.779  -18.071 1.00 35.61 ? 49  GLU A CG  1 
ATOM   381  C CD  . GLU A 1 58  ? -8.613  -4.773  -19.192 1.00 45.15 ? 49  GLU A CD  1 
ATOM   382  O OE1 . GLU A 1 58  ? -9.083  -5.923  -19.022 1.00 50.31 ? 49  GLU A OE1 1 
ATOM   383  O OE2 . GLU A 1 58  ? -8.004  -4.388  -20.235 1.00 49.46 ? 49  GLU A OE2 1 
ATOM   384  N N   . ALA A 1 59  ? -6.563  -2.950  -13.920 1.00 18.07 ? 50  ALA A N   1 
ATOM   385  C CA  . ALA A 1 59  ? -6.429  -3.127  -12.492 1.00 18.27 ? 50  ALA A CA  1 
ATOM   386  C C   . ALA A 1 59  ? -7.306  -2.133  -11.727 1.00 18.29 ? 50  ALA A C   1 
ATOM   387  O O   . ALA A 1 59  ? -7.789  -2.443  -10.638 1.00 17.67 ? 50  ALA A O   1 
ATOM   388  C CB  . ALA A 1 59  ? -5.009  -2.956  -12.073 1.00 9.07  ? 50  ALA A CB  1 
ATOM   389  N N   . THR A 1 60  ? -7.528  -0.975  -12.331 1.00 14.96 ? 51  THR A N   1 
ATOM   390  C CA  . THR A 1 60  ? -8.323  0.035   -11.725 1.00 18.28 ? 51  THR A CA  1 
ATOM   391  C C   . THR A 1 60  ? -9.671  -0.491  -11.321 1.00 18.13 ? 51  THR A C   1 
ATOM   392  O O   . THR A 1 60  ? -10.248 0.043   -10.416 1.00 19.46 ? 51  THR A O   1 
ATOM   393  C CB  . THR A 1 60  ? -8.594  1.275   -12.638 1.00 16.60 ? 51  THR A CB  1 
ATOM   394  O OG1 . THR A 1 60  ? -9.455  0.912   -13.705 1.00 14.03 ? 51  THR A OG1 1 
ATOM   395  C CG2 . THR A 1 60  ? -7.310  1.845   -13.192 1.00 19.76 ? 51  THR A CG2 1 
ATOM   396  N N   . ARG A 1 61  ? -10.179 -1.507  -11.993 1.00 14.53 ? 52  ARG A N   1 
ATOM   397  C CA  . ARG A 1 61  ? -11.500 -2.013  -11.676 1.00 18.62 ? 52  ARG A CA  1 
ATOM   398  C C   . ARG A 1 61  ? -11.474 -2.645  -10.303 1.00 19.07 ? 52  ARG A C   1 
ATOM   399  O O   . ARG A 1 61  ? -12.510 -2.720  -9.644  1.00 15.94 ? 52  ARG A O   1 
ATOM   400  C CB  . ARG A 1 61  ? -11.963 -3.037  -12.723 1.00 19.76 ? 52  ARG A CB  1 
ATOM   401  C CG  . ARG A 1 61  ? -11.448 -2.627  -14.104 1.00 33.41 ? 52  ARG A CG  1 
ATOM   402  C CD  . ARG A 1 61  ? -12.467 -2.716  -15.207 1.00 35.77 ? 52  ARG A CD  1 
ATOM   403  N NE  . ARG A 1 61  ? -12.109 -3.756  -16.142 1.00 41.37 ? 52  ARG A NE  1 
ATOM   404  C CZ  . ARG A 1 61  ? -12.228 -3.631  -17.456 1.00 41.24 ? 52  ARG A CZ  1 
ATOM   405  N NH1 . ARG A 1 61  ? -12.706 -2.506  -17.960 1.00 36.68 ? 52  ARG A NH1 1 
ATOM   406  N NH2 . ARG A 1 61  ? -11.824 -4.607  -18.257 1.00 39.11 ? 52  ARG A NH2 1 
ATOM   407  N N   . GLN A 1 62  ? -10.282 -3.043  -9.868  1.00 12.69 ? 53  GLN A N   1 
ATOM   408  C CA  . GLN A 1 62  ? -10.136 -3.711  -8.582  1.00 15.30 ? 53  GLN A CA  1 
ATOM   409  C C   . GLN A 1 62  ? -9.713  -2.820  -7.430  1.00 11.53 ? 53  GLN A C   1 
ATOM   410  O O   . GLN A 1 62  ? -9.637  -3.259  -6.284  1.00 15.06 ? 53  GLN A O   1 
ATOM   411  C CB  . GLN A 1 62  ? -9.229  -4.962  -8.750  1.00 21.34 ? 53  GLN A CB  1 
ATOM   412  C CG  . GLN A 1 62  ? -9.928  -6.049  -9.632  1.00 27.76 ? 53  GLN A CG  1 
ATOM   413  C CD  . GLN A 1 62  ? -9.090  -7.300  -9.896  1.00 37.56 ? 53  GLN A CD  1 
ATOM   414  O OE1 . GLN A 1 62  ? -8.605  -7.964  -8.959  1.00 37.49 ? 53  GLN A OE1 1 
ATOM   415  N NE2 . GLN A 1 62  ? -8.923  -7.645  -11.183 1.00 40.20 ? 53  GLN A NE2 1 
ATOM   416  N N   . PHE A 1 63  ? -9.540  -1.540  -7.714  1.00 16.21 ? 54  PHE A N   1 
ATOM   417  C CA  . PHE A 1 63  ? -9.148  -0.666  -6.657  1.00 14.01 ? 54  PHE A CA  1 
ATOM   418  C C   . PHE A 1 63  ? -10.362 -0.198  -5.818  1.00 17.65 ? 54  PHE A C   1 
ATOM   419  O O   . PHE A 1 63  ? -11.372 0.221   -6.376  1.00 13.61 ? 54  PHE A O   1 
ATOM   420  C CB  . PHE A 1 63  ? -8.404  0.562   -7.234  1.00 16.55 ? 54  PHE A CB  1 
ATOM   421  C CG  . PHE A 1 63  ? -7.118  0.214   -7.941  1.00 14.28 ? 54  PHE A CG  1 
ATOM   422  C CD1 . PHE A 1 63  ? -6.409  1.194   -8.634  1.00 19.64 ? 54  PHE A CD1 1 
ATOM   423  C CD2 . PHE A 1 63  ? -6.708  -1.090  -8.041  1.00 17.09 ? 54  PHE A CD2 1 
ATOM   424  C CE1 . PHE A 1 63  ? -5.311  0.850   -9.434  1.00 14.74 ? 54  PHE A CE1 1 
ATOM   425  C CE2 . PHE A 1 63  ? -5.638  -1.454  -8.815  1.00 18.90 ? 54  PHE A CE2 1 
ATOM   426  C CZ  . PHE A 1 63  ? -4.937  -0.506  -9.518  1.00 19.52 ? 54  PHE A CZ  1 
ATOM   427  N N   . VAL A 1 64  ? -10.224 -0.228  -4.495  1.00 14.52 ? 55  VAL A N   1 
ATOM   428  C CA  . VAL A 1 64  ? -11.276 0.252   -3.591  1.00 13.03 ? 55  VAL A CA  1 
ATOM   429  C C   . VAL A 1 64  ? -10.639 1.147   -2.527  1.00 16.63 ? 55  VAL A C   1 
ATOM   430  O O   . VAL A 1 64  ? -9.773  0.721   -1.745  1.00 18.10 ? 55  VAL A O   1 
ATOM   431  C CB  . VAL A 1 64  ? -12.022 -0.932  -2.870  1.00 10.86 ? 55  VAL A CB  1 
ATOM   432  C CG1 . VAL A 1 64  ? -12.973 -0.411  -1.783  1.00 14.77 ? 55  VAL A CG1 1 
ATOM   433  C CG2 . VAL A 1 64  ? -12.788 -1.729  -3.879  1.00 17.35 ? 55  VAL A CG2 1 
ATOM   434  N N   . PHE A 1 65  ? -11.065 2.398   -2.507  1.00 17.40 ? 56  PHE A N   1 
ATOM   435  C CA  . PHE A 1 65  ? -10.577 3.348   -1.532  1.00 19.82 ? 56  PHE A CA  1 
ATOM   436  C C   . PHE A 1 65  ? -11.752 3.684   -0.620  1.00 22.91 ? 56  PHE A C   1 
ATOM   437  O O   . PHE A 1 65  ? -12.792 4.190   -1.102  1.00 19.89 ? 56  PHE A O   1 
ATOM   438  C CB  . PHE A 1 65  ? -10.109 4.618   -2.201  1.00 20.34 ? 56  PHE A CB  1 
ATOM   439  C CG  . PHE A 1 65  ? -9.100  4.396   -3.261  1.00 20.09 ? 56  PHE A CG  1 
ATOM   440  C CD1 . PHE A 1 65  ? -9.479  4.407   -4.609  1.00 21.24 ? 56  PHE A CD1 1 
ATOM   441  C CD2 . PHE A 1 65  ? -7.764  4.143   -2.925  1.00 26.67 ? 56  PHE A CD2 1 
ATOM   442  C CE1 . PHE A 1 65  ? -8.525  4.155   -5.638  1.00 24.59 ? 56  PHE A CE1 1 
ATOM   443  C CE2 . PHE A 1 65  ? -6.820  3.894   -3.909  1.00 25.25 ? 56  PHE A CE2 1 
ATOM   444  C CZ  . PHE A 1 65  ? -7.210  3.895   -5.296  1.00 26.09 ? 56  PHE A CZ  1 
ATOM   445  N N   . SER A 1 66  ? -11.611 3.400   0.676   1.00 17.70 ? 57  SER A N   1 
ATOM   446  C CA  . SER A 1 66  ? -12.691 3.729   1.569   1.00 20.88 ? 57  SER A CA  1 
ATOM   447  C C   . SER A 1 66  ? -12.807 5.253   1.442   1.00 21.26 ? 57  SER A C   1 
ATOM   448  O O   . SER A 1 66  ? -11.889 5.934   0.936   1.00 20.63 ? 57  SER A O   1 
ATOM   449  C CB  . SER A 1 66  ? -12.403 3.246   3.011   1.00 15.16 ? 57  SER A CB  1 
ATOM   450  O OG  . SER A 1 66  ? -11.477 4.062   3.655   1.00 17.02 ? 57  SER A OG  1 
ATOM   451  N N   . PRO A 1 67  ? -13.946 5.813   1.871   1.00 21.06 ? 58  PRO A N   1 
ATOM   452  C CA  . PRO A 1 67  ? -14.209 7.261   1.784   1.00 21.70 ? 58  PRO A CA  1 
ATOM   453  C C   . PRO A 1 67  ? -13.095 8.206   2.192   1.00 23.75 ? 58  PRO A C   1 
ATOM   454  O O   . PRO A 1 67  ? -12.732 9.109   1.445   1.00 23.74 ? 58  PRO A O   1 
ATOM   455  C CB  . PRO A 1 67  ? -15.466 7.442   2.640   1.00 26.15 ? 58  PRO A CB  1 
ATOM   456  C CG  . PRO A 1 67  ? -16.151 6.065   2.569   1.00 24.26 ? 58  PRO A CG  1 
ATOM   457  C CD  . PRO A 1 67  ? -14.970 5.136   2.697   1.00 23.46 ? 58  PRO A CD  1 
ATOM   458  N N   . ASP A 1 68  ? -12.560 8.034   3.385   1.00 19.78 ? 59  ASP A N   1 
ATOM   459  C CA  . ASP A 1 68  ? -11.501 8.935   3.797   1.00 23.04 ? 59  ASP A CA  1 
ATOM   460  C C   . ASP A 1 68  ? -10.136 8.301   3.684   1.00 23.07 ? 59  ASP A C   1 
ATOM   461  O O   . ASP A 1 68  ? -9.226  8.781   4.342   1.00 20.10 ? 59  ASP A O   1 
ATOM   462  C CB  . ASP A 1 68  ? -11.696 9.386   5.238   1.00 26.15 ? 59  ASP A CB  1 
ATOM   463  C CG  . ASP A 1 68  ? -13.067 9.945   5.462   1.00 34.10 ? 59  ASP A CG  1 
ATOM   464  O OD1 . ASP A 1 68  ? -13.424 10.923  4.768   1.00 37.63 ? 59  ASP A OD1 1 
ATOM   465  O OD2 . ASP A 1 68  ? -13.788 9.382   6.318   1.00 36.45 ? 59  ASP A OD2 1 
ATOM   466  N N   . PHE A 1 69  ? -9.979  7.246   2.866   1.00 18.28 ? 60  PHE A N   1 
ATOM   467  C CA  . PHE A 1 69  ? -8.665  6.662   2.756   1.00 18.41 ? 60  PHE A CA  1 
ATOM   468  C C   . PHE A 1 69  ? -7.624  7.682   2.322   1.00 14.57 ? 60  PHE A C   1 
ATOM   469  O O   . PHE A 1 69  ? -6.730  7.947   3.091   1.00 16.89 ? 60  PHE A O   1 
ATOM   470  C CB  . PHE A 1 69  ? -8.625  5.463   1.823   1.00 15.18 ? 60  PHE A CB  1 
ATOM   471  C CG  . PHE A 1 69  ? -7.243  4.991   1.562   1.00 19.10 ? 60  PHE A CG  1 
ATOM   472  C CD1 . PHE A 1 69  ? -6.669  4.026   2.361   1.00 21.37 ? 60  PHE A CD1 1 
ATOM   473  C CD2 . PHE A 1 69  ? -6.464  5.621   0.591   1.00 22.74 ? 60  PHE A CD2 1 
ATOM   474  C CE1 . PHE A 1 69  ? -5.333  3.674   2.232   1.00 24.61 ? 60  PHE A CE1 1 
ATOM   475  C CE2 . PHE A 1 69  ? -5.123  5.293   0.442   1.00 19.28 ? 60  PHE A CE2 1 
ATOM   476  C CZ  . PHE A 1 69  ? -4.541  4.300   1.283   1.00 20.68 ? 60  PHE A CZ  1 
ATOM   477  N N   . VAL A 1 70  ? -7.737  8.321   1.147   1.00 12.27 ? 61  VAL A N   1 
ATOM   478  C CA  . VAL A 1 70  ? -6.641  9.226   0.811   1.00 20.36 ? 61  VAL A CA  1 
ATOM   479  C C   . VAL A 1 70  ? -6.505  10.404  1.723   1.00 17.41 ? 61  VAL A C   1 
ATOM   480  O O   . VAL A 1 70  ? -5.404  10.770  2.040   1.00 18.07 ? 61  VAL A O   1 
ATOM   481  C CB  . VAL A 1 70  ? -6.672  9.819   -0.617  1.00 21.91 ? 61  VAL A CB  1 
ATOM   482  C CG1 . VAL A 1 70  ? -6.894  8.739   -1.638  1.00 19.20 ? 61  VAL A CG1 1 
ATOM   483  C CG2 . VAL A 1 70  ? -7.672  10.941  -0.675  1.00 28.91 ? 61  VAL A CG2 1 
ATOM   484  N N   . SER A 1 71  ? -7.603  10.996  2.178   1.00 15.72 ? 62  SER A N   1 
ATOM   485  C CA  . SER A 1 71  ? -7.434  12.165  3.041   1.00 20.46 ? 62  SER A CA  1 
ATOM   486  C C   . SER A 1 71  ? -6.711  11.796  4.307   1.00 20.25 ? 62  SER A C   1 
ATOM   487  O O   . SER A 1 71  ? -5.660  12.381  4.622   1.00 26.29 ? 62  SER A O   1 
ATOM   488  C CB  . SER A 1 71  ? -8.765  12.858  3.349   1.00 21.60 ? 62  SER A CB  1 
ATOM   489  O OG  . SER A 1 71  ? -9.644  12.008  4.039   1.00 34.47 ? 62  SER A OG  1 
ATOM   490  N N   . SER A 1 72  ? -7.239  10.801  5.013   1.00 23.18 ? 63  SER A N   1 
ATOM   491  C CA  . SER A 1 72  ? -6.609  10.397  6.257   1.00 25.21 ? 63  SER A CA  1 
ATOM   492  C C   . SER A 1 72  ? -5.224  9.837   6.072   1.00 19.60 ? 63  SER A C   1 
ATOM   493  O O   . SER A 1 72  ? -4.356  10.103  6.874   1.00 19.56 ? 63  SER A O   1 
ATOM   494  C CB  . SER A 1 72  ? -7.499  9.452   7.086   1.00 25.88 ? 63  SER A CB  1 
ATOM   495  O OG  . SER A 1 72  ? -8.345  8.685   6.293   1.00 39.29 ? 63  SER A OG  1 
ATOM   496  N N   . ALA A 1 73  ? -4.991  9.070   5.033   1.00 17.67 ? 64  ALA A N   1 
ATOM   497  C CA  . ALA A 1 73  ? -3.653  8.569   4.818   1.00 15.17 ? 64  ALA A CA  1 
ATOM   498  C C   . ALA A 1 73  ? -2.705  9.733   4.345   1.00 17.21 ? 64  ALA A C   1 
ATOM   499  O O   . ALA A 1 73  ? -1.514  9.800   4.676   1.00 20.13 ? 64  ALA A O   1 
ATOM   500  C CB  . ALA A 1 73  ? -3.711  7.481   3.800   1.00 17.90 ? 64  ALA A CB  1 
ATOM   501  N N   . ARG A 1 74  ? -3.222  10.668  3.575   1.00 12.71 ? 65  ARG A N   1 
ATOM   502  C CA  . ARG A 1 74  ? -2.340  11.777  3.155   1.00 18.53 ? 65  ARG A CA  1 
ATOM   503  C C   . ARG A 1 74  ? -2.053  12.712  4.350   1.00 18.40 ? 65  ARG A C   1 
ATOM   504  O O   . ARG A 1 74  ? -0.913  13.176  4.551   1.00 18.87 ? 65  ARG A O   1 
ATOM   505  C CB  . ARG A 1 74  ? -2.942  12.516  1.968   1.00 14.77 ? 65  ARG A CB  1 
ATOM   506  C CG  . ARG A 1 74  ? -2.095  13.587  1.392   1.00 27.76 ? 65  ARG A CG  1 
ATOM   507  C CD  . ARG A 1 74  ? -2.538  13.908  -0.056  1.00 29.17 ? 65  ARG A CD  1 
ATOM   508  N NE  . ARG A 1 74  ? -1.989  12.965  -1.033  1.00 28.86 ? 65  ARG A NE  1 
ATOM   509  C CZ  . ARG A 1 74  ? -2.455  12.830  -2.269  1.00 32.99 ? 65  ARG A CZ  1 
ATOM   510  N NH1 . ARG A 1 74  ? -3.485  13.556  -2.665  1.00 28.94 ? 65  ARG A NH1 1 
ATOM   511  N NH2 . ARG A 1 74  ? -1.859  12.036  -3.133  1.00 29.43 ? 65  ARG A NH2 1 
ATOM   512  N N   . ALA A 1 75  ? -3.070  12.913  5.182   1.00 19.60 ? 66  ALA A N   1 
ATOM   513  C CA  . ALA A 1 75  ? -2.889  13.745  6.390   1.00 20.49 ? 66  ALA A CA  1 
ATOM   514  C C   . ALA A 1 75  ? -1.881  13.072  7.325   1.00 19.78 ? 66  ALA A C   1 
ATOM   515  O O   . ALA A 1 75  ? -0.976  13.713  7.861   1.00 13.78 ? 66  ALA A O   1 
ATOM   516  C CB  . ALA A 1 75  ? -4.246  13.941  7.147   1.00 18.96 ? 66  ALA A CB  1 
ATOM   517  N N   . ALA A 1 76  ? -2.034  11.767  7.509   1.00 21.99 ? 67  ALA A N   1 
ATOM   518  C CA  . ALA A 1 76  ? -1.130  11.045  8.390   1.00 20.95 ? 67  ALA A CA  1 
ATOM   519  C C   . ALA A 1 76  ? 0.316   11.242  7.960   1.00 21.94 ? 67  ALA A C   1 
ATOM   520  O O   . ALA A 1 76  ? 1.180   11.462  8.779   1.00 23.06 ? 67  ALA A O   1 
ATOM   521  C CB  . ALA A 1 76  ? -1.443  9.598   8.376   1.00 14.98 ? 67  ALA A CB  1 
ATOM   522  N N   . LEU A 1 77  ? 0.551   11.130  6.658   1.00 25.44 ? 68  LEU A N   1 
ATOM   523  C CA  . LEU A 1 77  ? 1.891   11.254  6.063   1.00 18.65 ? 68  LEU A CA  1 
ATOM   524  C C   . LEU A 1 77  ? 2.411   12.661  6.146   1.00 21.87 ? 68  LEU A C   1 
ATOM   525  O O   . LEU A 1 77  ? 3.605   12.871  6.417   1.00 20.23 ? 68  LEU A O   1 
ATOM   526  C CB  . LEU A 1 77  ? 1.867   10.791  4.606   1.00 16.68 ? 68  LEU A CB  1 
ATOM   527  C CG  . LEU A 1 77  ? 2.507   9.421   4.352   1.00 22.20 ? 68  LEU A CG  1 
ATOM   528  C CD1 . LEU A 1 77  ? 2.504   8.522   5.565   1.00 20.06 ? 68  LEU A CD1 1 
ATOM   529  C CD2 . LEU A 1 77  ? 1.772   8.818   3.248   1.00 25.74 ? 68  LEU A CD2 1 
ATOM   530  N N   . LYS A 1 78  ? 1.530   13.627  5.914   1.00 20.42 ? 69  LYS A N   1 
ATOM   531  C CA  . LYS A 1 78  ? 1.932   15.007  6.034   1.00 26.02 ? 69  LYS A CA  1 
ATOM   532  C C   . LYS A 1 78  ? 2.216   15.274  7.521   1.00 24.45 ? 69  LYS A C   1 
ATOM   533  O O   . LYS A 1 78  ? 3.031   16.123  7.857   1.00 24.39 ? 69  LYS A O   1 
ATOM   534  C CB  . LYS A 1 78  ? 0.818   15.925  5.565   1.00 23.00 ? 69  LYS A CB  1 
ATOM   535  C CG  . LYS A 1 78  ? 0.841   16.259  4.059   1.00 37.35 ? 69  LYS A CG  1 
ATOM   536  C CD  . LYS A 1 78  ? -0.291  17.236  3.736   1.00 39.57 ? 69  LYS A CD  1 
ATOM   537  C CE  . LYS A 1 78  ? -0.323  17.693  2.272   1.00 43.74 ? 69  LYS A CE  1 
ATOM   538  N NZ  . LYS A 1 78  ? -1.548  18.508  1.952   1.00 45.48 ? 69  LYS A NZ  1 
ATOM   539  N N   . ALA A 1 79  ? 1.567   14.522  8.407   1.00 23.54 ? 70  ALA A N   1 
ATOM   540  C CA  . ALA A 1 79  ? 1.747   14.738  9.839   1.00 22.76 ? 70  ALA A CA  1 
ATOM   541  C C   . ALA A 1 79  ? 3.048   14.144  10.326  1.00 21.34 ? 70  ALA A C   1 
ATOM   542  O O   . ALA A 1 79  ? 3.475   14.417  11.462  1.00 22.09 ? 70  ALA A O   1 
ATOM   543  C CB  . ALA A 1 79  ? 0.557   14.134  10.630  1.00 23.56 ? 70  ALA A CB  1 
ATOM   544  N N   . GLY A 1 80  ? 3.665   13.340  9.471   1.00 18.78 ? 71  GLY A N   1 
ATOM   545  C CA  . GLY A 1 80  ? 4.898   12.695  9.843   1.00 18.71 ? 71  GLY A CA  1 
ATOM   546  C C   . GLY A 1 80  ? 4.703   11.231  10.197  1.00 20.03 ? 71  GLY A C   1 
ATOM   547  O O   . GLY A 1 80  ? 5.635   10.583  10.679  1.00 22.04 ? 71  GLY A O   1 
ATOM   548  N N   . ALA A 1 81  ? 3.507   10.699  9.968   1.00 17.74 ? 72  ALA A N   1 
ATOM   549  C CA  . ALA A 1 81  ? 3.223   9.298   10.285  1.00 17.02 ? 72  ALA A CA  1 
ATOM   550  C C   . ALA A 1 81  ? 4.153   8.295   9.521   1.00 16.25 ? 72  ALA A C   1 
ATOM   551  O O   . ALA A 1 81  ? 4.404   8.431   8.307   1.00 19.84 ? 72  ALA A O   1 
ATOM   552  C CB  . ALA A 1 81  ? 1.770   8.976   9.961   1.00 17.44 ? 72  ALA A CB  1 
ATOM   553  N N   . PRO A 1 82  ? 4.634   7.261   10.221  1.00 15.99 ? 73  PRO A N   1 
ATOM   554  C CA  . PRO A 1 82  ? 5.501   6.306   9.558   1.00 16.00 ? 73  PRO A CA  1 
ATOM   555  C C   . PRO A 1 82  ? 4.654   5.445   8.654   1.00 15.73 ? 73  PRO A C   1 
ATOM   556  O O   . PRO A 1 82  ? 3.429   5.355   8.797   1.00 11.68 ? 73  PRO A O   1 
ATOM   557  C CB  . PRO A 1 82  ? 6.055   5.493   10.722  1.00 13.94 ? 73  PRO A CB  1 
ATOM   558  C CG  . PRO A 1 82  ? 4.980   5.463   11.621  1.00 18.81 ? 73  PRO A CG  1 
ATOM   559  C CD  . PRO A 1 82  ? 4.364   6.834   11.597  1.00 16.65 ? 73  PRO A CD  1 
ATOM   560  N N   . ILE A 1 83  ? 5.325   4.826   7.713   1.00 15.10 ? 74  ILE A N   1 
ATOM   561  C CA  . ILE A 1 83  ? 4.646   3.909   6.841   1.00 16.06 ? 74  ILE A CA  1 
ATOM   562  C C   . ILE A 1 83  ? 5.145   2.546   7.295   1.00 16.69 ? 74  ILE A C   1 
ATOM   563  O O   . ILE A 1 83  ? 6.323   2.274   7.157   1.00 20.53 ? 74  ILE A O   1 
ATOM   564  C CB  . ILE A 1 83  ? 5.044   4.106   5.367   1.00 20.62 ? 74  ILE A CB  1 
ATOM   565  C CG1 . ILE A 1 83  ? 4.495   5.440   4.856   1.00 20.57 ? 74  ILE A CG1 1 
ATOM   566  C CG2 . ILE A 1 83  ? 4.567   2.925   4.577   1.00 12.23 ? 74  ILE A CG2 1 
ATOM   567  C CD1 . ILE A 1 83  ? 5.011   5.903   3.501   1.00 14.63 ? 74  ILE A CD1 1 
ATOM   568  N N   . LEU A 1 84  ? 4.277   1.727   7.887   1.00 13.96 ? 75  LEU A N   1 
ATOM   569  C CA  . LEU A 1 84  ? 4.639   0.373   8.300   1.00 12.93 ? 75  LEU A CA  1 
ATOM   570  C C   . LEU A 1 84  ? 4.352   -0.493  7.093   1.00 12.50 ? 75  LEU A C   1 
ATOM   571  O O   . LEU A 1 84  ? 3.270   -0.458  6.563   1.00 15.07 ? 75  LEU A O   1 
ATOM   572  C CB  . LEU A 1 84  ? 3.798   -0.098  9.504   1.00 17.37 ? 75  LEU A CB  1 
ATOM   573  C CG  . LEU A 1 84  ? 3.815   0.849   10.709  1.00 15.98 ? 75  LEU A CG  1 
ATOM   574  C CD1 . LEU A 1 84  ? 3.084   0.185   11.877  1.00 24.39 ? 75  LEU A CD1 1 
ATOM   575  C CD2 . LEU A 1 84  ? 5.257   1.174   11.079  1.00 19.51 ? 75  LEU A CD2 1 
ATOM   576  N N   . CYS A 1 85  ? 5.328   -1.260  6.657   1.00 15.84 ? 76  CYS A N   1 
ATOM   577  C CA  . CYS A 1 85  ? 5.209   -2.104  5.507   1.00 11.79 ? 76  CYS A CA  1 
ATOM   578  C C   . CYS A 1 85  ? 5.382   -3.527  5.894   1.00 8.84  ? 76  CYS A C   1 
ATOM   579  O O   . CYS A 1 85  ? 6.301   -3.863  6.669   1.00 10.82 ? 76  CYS A O   1 
ATOM   580  C CB  . CYS A 1 85  ? 6.333   -1.778  4.509   1.00 11.08 ? 76  CYS A CB  1 
ATOM   581  S SG  . CYS A 1 85  ? 6.181   -0.169  3.854   1.00 26.16 ? 76  CYS A SG  1 
ATOM   582  N N   . ASP A 1 86  ? 4.552   -4.382  5.327   1.00 8.87  ? 77  ASP A N   1 
ATOM   583  C CA  . ASP A 1 86  ? 4.718   -5.793  5.586   1.00 11.09 ? 77  ASP A CA  1 
ATOM   584  C C   . ASP A 1 86  ? 5.960   -6.375  4.894   1.00 15.10 ? 77  ASP A C   1 
ATOM   585  O O   . ASP A 1 86  ? 6.552   -7.304  5.392   1.00 13.63 ? 77  ASP A O   1 
ATOM   586  C CB  . ASP A 1 86  ? 3.512   -6.567  5.095   1.00 13.64 ? 77  ASP A CB  1 
ATOM   587  C CG  . ASP A 1 86  ? 3.387   -6.566  3.575   1.00 15.04 ? 77  ASP A CG  1 
ATOM   588  O OD1 . ASP A 1 86  ? 3.617   -5.522  2.899   1.00 13.14 ? 77  ASP A OD1 1 
ATOM   589  O OD2 . ASP A 1 86  ? 3.023   -7.627  3.076   1.00 21.08 ? 77  ASP A OD2 1 
ATOM   590  N N   . ALA A 1 87  ? 6.347   -5.820  3.743   1.00 11.93 ? 78  ALA A N   1 
ATOM   591  C CA  . ALA A 1 87  ? 7.470   -6.348  2.963   1.00 13.97 ? 78  ALA A CA  1 
ATOM   592  C C   . ALA A 1 87  ? 8.490   -5.271  2.577   1.00 14.85 ? 78  ALA A C   1 
ATOM   593  O O   . ALA A 1 87  ? 8.131   -4.115  2.298   1.00 9.12  ? 78  ALA A O   1 
ATOM   594  C CB  . ALA A 1 87  ? 6.908   -6.982  1.710   1.00 14.74 ? 78  ALA A CB  1 
ATOM   595  N N   . GLU A 1 88  ? 9.745   -5.663  2.487   1.00 19.91 ? 79  GLU A N   1 
ATOM   596  C CA  . GLU A 1 88  ? 10.785  -4.731  2.099   1.00 19.28 ? 79  GLU A CA  1 
ATOM   597  C C   . GLU A 1 88  ? 10.546  -4.140  0.707   1.00 19.80 ? 79  GLU A C   1 
ATOM   598  O O   . GLU A 1 88  ? 10.785  -2.950  0.518   1.00 13.81 ? 79  GLU A O   1 
ATOM   599  C CB  . GLU A 1 88  ? 12.152  -5.403  2.162   1.00 24.51 ? 79  GLU A CB  1 
ATOM   600  C CG  . GLU A 1 88  ? 12.441  -5.937  3.532   1.00 35.06 ? 79  GLU A CG  1 
ATOM   601  C CD  . GLU A 1 88  ? 13.929  -5.966  3.891   1.00 42.00 ? 79  GLU A CD  1 
ATOM   602  O OE1 . GLU A 1 88  ? 14.682  -6.770  3.297   1.00 42.52 ? 79  GLU A OE1 1 
ATOM   603  O OE2 . GLU A 1 88  ? 14.336  -5.191  4.787   1.00 45.86 ? 79  GLU A OE2 1 
ATOM   604  N N   . MET A 1 89  ? 10.039  -4.956  -0.228  1.00 18.75 ? 80  MET A N   1 
ATOM   605  C CA  . MET A 1 89  ? 9.779   -4.511  -1.594  1.00 21.46 ? 80  MET A CA  1 
ATOM   606  C C   . MET A 1 89  ? 8.920   -3.258  -1.614  1.00 22.70 ? 80  MET A C   1 
ATOM   607  O O   . MET A 1 89  ? 9.166   -2.340  -2.365  1.00 18.94 ? 80  MET A O   1 
ATOM   608  C CB  . MET A 1 89  ? 9.081   -5.621  -2.394  1.00 25.50 ? 80  MET A CB  1 
ATOM   609  C CG  . MET A 1 89  ? 10.006  -6.761  -2.830  1.00 32.51 ? 80  MET A CG  1 
ATOM   610  S SD  . MET A 1 89  ? 10.977  -6.235  -4.285  1.00 47.53 ? 80  MET A SD  1 
ATOM   611  C CE  . MET A 1 89  ? 9.790   -6.801  -5.652  1.00 34.47 ? 80  MET A CE  1 
ATOM   612  N N   . VAL A 1 90  ? 7.893   -3.234  -0.784  1.00 20.48 ? 81  VAL A N   1 
ATOM   613  C CA  . VAL A 1 90  ? 7.039   -2.071  -0.682  1.00 14.95 ? 81  VAL A CA  1 
ATOM   614  C C   . VAL A 1 90  ? 7.917   -0.932  -0.219  1.00 15.35 ? 81  VAL A C   1 
ATOM   615  O O   . VAL A 1 90  ? 7.943   0.139   -0.816  1.00 17.59 ? 81  VAL A O   1 
ATOM   616  C CB  . VAL A 1 90  ? 5.997   -2.264  0.391   1.00 19.01 ? 81  VAL A CB  1 
ATOM   617  C CG1 . VAL A 1 90  ? 5.376   -0.969  0.699   1.00 8.70  ? 81  VAL A CG1 1 
ATOM   618  C CG2 . VAL A 1 90  ? 5.003   -3.324  -0.019  1.00 20.64 ? 81  VAL A CG2 1 
ATOM   619  N N   . ALA A 1 91  ? 8.627   -1.167  0.878   1.00 17.40 ? 82  ALA A N   1 
ATOM   620  C CA  . ALA A 1 91  ? 9.523   -0.145  1.416   1.00 24.46 ? 82  ALA A CA  1 
ATOM   621  C C   . ALA A 1 91  ? 10.531  0.333   0.348   1.00 24.45 ? 82  ALA A C   1 
ATOM   622  O O   . ALA A 1 91  ? 10.822  1.522   0.263   1.00 23.59 ? 82  ALA A O   1 
ATOM   623  C CB  . ALA A 1 91  ? 10.270  -0.681  2.606   1.00 22.45 ? 82  ALA A CB  1 
ATOM   624  N N   . HIS A 1 92  ? 11.034  -0.576  -0.481  1.00 24.62 ? 83  HIS A N   1 
ATOM   625  C CA  . HIS A 1 92  ? 11.983  -0.159  -1.521  1.00 28.76 ? 83  HIS A CA  1 
ATOM   626  C C   . HIS A 1 92  ? 11.344  0.664   -2.633  1.00 28.03 ? 83  HIS A C   1 
ATOM   627  O O   . HIS A 1 92  ? 12.008  1.470   -3.238  1.00 31.04 ? 83  HIS A O   1 
ATOM   628  C CB  . HIS A 1 92  ? 12.698  -1.377  -2.141  1.00 33.21 ? 83  HIS A CB  1 
ATOM   629  C CG  . HIS A 1 92  ? 13.665  -2.031  -1.202  1.00 39.25 ? 83  HIS A CG  1 
ATOM   630  N ND1 . HIS A 1 92  ? 13.828  -3.399  -1.126  1.00 44.31 ? 83  HIS A ND1 1 
ATOM   631  C CD2 . HIS A 1 92  ? 14.458  -1.506  -0.234  1.00 38.98 ? 83  HIS A CD2 1 
ATOM   632  C CE1 . HIS A 1 92  ? 14.671  -3.690  -0.146  1.00 41.49 ? 83  HIS A CE1 1 
ATOM   633  N NE2 . HIS A 1 92  ? 15.066  -2.559  0.412   1.00 43.50 ? 83  HIS A NE2 1 
ATOM   634  N N   . GLY A 1 93  ? 10.054  0.470   -2.893  1.00 25.19 ? 84  GLY A N   1 
ATOM   635  C CA  . GLY A 1 93  ? 9.402   1.186   -3.962  1.00 20.98 ? 84  GLY A CA  1 
ATOM   636  C C   . GLY A 1 93  ? 9.003   2.572   -3.564  1.00 18.93 ? 84  GLY A C   1 
ATOM   637  O O   . GLY A 1 93  ? 8.570   3.332   -4.417  1.00 16.23 ? 84  GLY A O   1 
ATOM   638  N N   . VAL A 1 94  ? 9.134   2.897   -2.273  1.00 20.41 ? 85  VAL A N   1 
ATOM   639  C CA  . VAL A 1 94  ? 8.762   4.225   -1.780  1.00 20.58 ? 85  VAL A CA  1 
ATOM   640  C C   . VAL A 1 94  ? 9.879   5.218   -2.089  1.00 24.71 ? 85  VAL A C   1 
ATOM   641  O O   . VAL A 1 94  ? 10.968  5.159   -1.498  1.00 27.42 ? 85  VAL A O   1 
ATOM   642  C CB  . VAL A 1 94  ? 8.476   4.291   -0.213  1.00 20.38 ? 85  VAL A CB  1 
ATOM   643  C CG1 . VAL A 1 94  ? 7.988   5.719   0.143   1.00 18.09 ? 85  VAL A CG1 1 
ATOM   644  C CG2 . VAL A 1 94  ? 7.320   3.293   0.220   1.00 12.15 ? 85  VAL A CG2 1 
ATOM   645  N N   . THR A 1 95  ? 9.587   6.140   -3.013  1.00 22.14 ? 86  THR A N   1 
ATOM   646  C CA  . THR A 1 95  ? 10.542  7.180   -3.438  1.00 24.22 ? 86  THR A CA  1 
ATOM   647  C C   . THR A 1 95  ? 10.580  8.141   -2.298  1.00 23.53 ? 86  THR A C   1 
ATOM   648  O O   . THR A 1 95  ? 9.638   8.903   -2.121  1.00 24.75 ? 86  THR A O   1 
ATOM   649  C CB  . THR A 1 95  ? 10.051  7.886   -4.668  1.00 21.53 ? 86  THR A CB  1 
ATOM   650  O OG1 . THR A 1 95  ? 10.017  6.944   -5.751  1.00 25.59 ? 86  THR A OG1 1 
ATOM   651  C CG2 . THR A 1 95  ? 10.979  9.069   -5.009  1.00 22.98 ? 86  THR A CG2 1 
ATOM   652  N N   . ARG A 1 96  ? 11.674  8.090   -1.532  1.00 22.78 ? 87  ARG A N   1 
ATOM   653  C CA  . ARG A 1 96  ? 11.827  8.892   -0.344  1.00 25.04 ? 87  ARG A CA  1 
ATOM   654  C C   . ARG A 1 96  ? 11.729  10.383  -0.599  1.00 24.75 ? 87  ARG A C   1 
ATOM   655  O O   . ARG A 1 96  ? 11.060  11.086  0.170   1.00 25.56 ? 87  ARG A O   1 
ATOM   656  C CB  . ARG A 1 96  ? 13.154  8.589   0.382   1.00 26.99 ? 87  ARG A CB  1 
ATOM   657  C CG  . ARG A 1 96  ? 13.468  7.144   0.705   1.00 28.75 ? 87  ARG A CG  1 
ATOM   658  C CD  . ARG A 1 96  ? 12.306  6.430   1.307   1.00 31.38 ? 87  ARG A CD  1 
ATOM   659  N NE  . ARG A 1 96  ? 12.618  5.039   1.652   1.00 34.84 ? 87  ARG A NE  1 
ATOM   660  C CZ  . ARG A 1 96  ? 12.980  4.626   2.866   1.00 34.64 ? 87  ARG A CZ  1 
ATOM   661  N NH1 . ARG A 1 96  ? 13.081  5.486   3.873   1.00 39.21 ? 87  ARG A NH1 1 
ATOM   662  N NH2 . ARG A 1 96  ? 13.216  3.341   3.079   1.00 40.38 ? 87  ARG A NH2 1 
ATOM   663  N N   . ALA A 1 97  ? 12.375  10.874  -1.650  1.00 25.47 ? 88  ALA A N   1 
ATOM   664  C CA  . ALA A 1 97  ? 12.343  12.289  -1.940  1.00 24.51 ? 88  ALA A CA  1 
ATOM   665  C C   . ALA A 1 97  ? 10.913  12.778  -2.070  1.00 26.89 ? 88  ALA A C   1 
ATOM   666  O O   . ALA A 1 97  ? 10.669  13.995  -2.142  1.00 24.40 ? 88  ALA A O   1 
ATOM   667  C CB  . ALA A 1 97  ? 13.100  12.571  -3.235  1.00 26.30 ? 88  ALA A CB  1 
ATOM   668  N N   . ARG A 1 98  ? 9.963   11.851  -2.143  1.00 26.60 ? 89  ARG A N   1 
ATOM   669  C CA  . ARG A 1 98  ? 8.564   12.236  -2.281  1.00 32.05 ? 89  ARG A CA  1 
ATOM   670  C C   . ARG A 1 98  ? 7.882   12.410  -0.922  1.00 29.80 ? 89  ARG A C   1 
ATOM   671  O O   . ARG A 1 98  ? 6.952   13.226  -0.791  1.00 31.95 ? 89  ARG A O   1 
ATOM   672  C CB  . ARG A 1 98  ? 7.790   11.183  -3.069  1.00 33.35 ? 89  ARG A CB  1 
ATOM   673  C CG  . ARG A 1 98  ? 7.567   11.452  -4.530  1.00 42.70 ? 89  ARG A CG  1 
ATOM   674  C CD  . ARG A 1 98  ? 6.935   10.201  -5.175  1.00 45.38 ? 89  ARG A CD  1 
ATOM   675  N NE  . ARG A 1 98  ? 6.634   10.382  -6.584  1.00 51.40 ? 89  ARG A NE  1 
ATOM   676  C CZ  . ARG A 1 98  ? 5.702   11.201  -7.050  1.00 48.44 ? 89  ARG A CZ  1 
ATOM   677  N NH1 . ARG A 1 98  ? 4.969   11.916  -6.223  1.00 49.24 ? 89  ARG A NH1 1 
ATOM   678  N NH2 . ARG A 1 98  ? 5.497   11.302  -8.351  1.00 52.14 ? 89  ARG A NH2 1 
ATOM   679  N N   . LEU A 1 99  ? 8.310   11.626  0.075   1.00 25.96 ? 90  LEU A N   1 
ATOM   680  C CA  . LEU A 1 99  ? 7.693   11.724  1.389   1.00 23.26 ? 90  LEU A CA  1 
ATOM   681  C C   . LEU A 1 99  ? 7.699   13.197  1.789   1.00 24.07 ? 90  LEU A C   1 
ATOM   682  O O   . LEU A 1 99  ? 8.646   13.931  1.498   1.00 24.80 ? 90  LEU A O   1 
ATOM   683  C CB  . LEU A 1 99  ? 8.431   10.866  2.402   1.00 20.02 ? 90  LEU A CB  1 
ATOM   684  C CG  . LEU A 1 99  ? 8.444   9.359   2.075   1.00 17.63 ? 90  LEU A CG  1 
ATOM   685  C CD1 . LEU A 1 99  ? 9.415   8.602   2.993   1.00 16.34 ? 90  LEU A CD1 1 
ATOM   686  C CD2 . LEU A 1 99  ? 7.052   8.826   2.203   1.00 20.13 ? 90  LEU A CD2 1 
ATOM   687  N N   . PRO A 1 100 ? 6.600   13.657  2.403   1.00 24.23 ? 91  PRO A N   1 
ATOM   688  C CA  . PRO A 1 100 ? 6.343   15.015  2.876   1.00 24.92 ? 91  PRO A CA  1 
ATOM   689  C C   . PRO A 1 100 ? 7.089   15.469  4.122   1.00 27.04 ? 91  PRO A C   1 
ATOM   690  O O   . PRO A 1 100 ? 7.526   16.614  4.221   1.00 31.10 ? 91  PRO A O   1 
ATOM   691  C CB  . PRO A 1 100 ? 4.851   15.001  3.186   1.00 24.51 ? 91  PRO A CB  1 
ATOM   692  C CG  . PRO A 1 100 ? 4.319   13.733  2.544   1.00 30.17 ? 91  PRO A CG  1 
ATOM   693  C CD  . PRO A 1 100 ? 5.439   12.789  2.662   1.00 22.06 ? 91  PRO A CD  1 
ATOM   694  N N   . ALA A 1 101 ? 7.227   14.556  5.066   1.00 24.24 ? 92  ALA A N   1 
ATOM   695  C CA  . ALA A 1 101 ? 7.761   14.883  6.379   1.00 25.19 ? 92  ALA A CA  1 
ATOM   696  C C   . ALA A 1 101 ? 8.763   13.879  6.911   1.00 27.37 ? 92  ALA A C   1 
ATOM   697  O O   . ALA A 1 101 ? 8.607   13.379  8.001   1.00 26.79 ? 92  ALA A O   1 
ATOM   698  C CB  . ALA A 1 101 ? 6.589   14.988  7.354   1.00 21.89 ? 92  ALA A CB  1 
ATOM   699  N N   . GLY A 1 102 ? 9.772   13.568  6.118   1.00 22.60 ? 93  GLY A N   1 
ATOM   700  C CA  . GLY A 1 102 ? 10.762  12.640  6.570   1.00 23.43 ? 93  GLY A CA  1 
ATOM   701  C C   . GLY A 1 102 ? 10.129  11.477  7.280   1.00 24.33 ? 93  GLY A C   1 
ATOM   702  O O   . GLY A 1 102 ? 10.590  11.059  8.367   1.00 27.00 ? 93  GLY A O   1 
ATOM   703  N N   . ASN A 1 103 ? 9.043   10.995  6.681   1.00 24.25 ? 94  ASN A N   1 
ATOM   704  C CA  . ASN A 1 103 ? 8.321   9.852   7.176   1.00 20.23 ? 94  ASN A CA  1 
ATOM   705  C C   . ASN A 1 103 ? 9.218   8.636   7.143   1.00 22.03 ? 94  ASN A C   1 
ATOM   706  O O   . ASN A 1 103 ? 9.978   8.400   6.179   1.00 23.65 ? 94  ASN A O   1 
ATOM   707  C CB  . ASN A 1 103 ? 7.154   9.548   6.275   1.00 21.38 ? 94  ASN A CB  1 
ATOM   708  C CG  . ASN A 1 103 ? 6.275   10.744  6.054   1.00 21.23 ? 94  ASN A CG  1 
ATOM   709  O OD1 . ASN A 1 103 ? 5.145   10.798  6.581   1.00 25.69 ? 94  ASN A OD1 1 
ATOM   710  N ND2 . ASN A 1 103 ? 6.773   11.715  5.272   1.00 21.54 ? 94  ASN A ND2 1 
ATOM   711  N N   . GLU A 1 104 ? 9.077   7.833   8.177   1.00 20.99 ? 95  GLU A N   1 
ATOM   712  C CA  . GLU A 1 104 ? 9.850   6.635   8.267   1.00 16.56 ? 95  GLU A CA  1 
ATOM   713  C C   . GLU A 1 104 ? 9.096   5.584   7.504   1.00 19.30 ? 95  GLU A C   1 
ATOM   714  O O   . GLU A 1 104 ? 7.840   5.624   7.468   1.00 15.52 ? 95  GLU A O   1 
ATOM   715  C CB  . GLU A 1 104 ? 9.996   6.190   9.700   1.00 22.58 ? 95  GLU A CB  1 
ATOM   716  C CG  . GLU A 1 104 ? 10.640  7.207   10.564  1.00 21.94 ? 95  GLU A CG  1 
ATOM   717  C CD  . GLU A 1 104 ? 11.142  6.603   11.858  1.00 30.55 ? 95  GLU A CD  1 
ATOM   718  O OE1 . GLU A 1 104 ? 10.842  7.212   12.895  1.00 34.83 ? 95  GLU A OE1 1 
ATOM   719  O OE2 . GLU A 1 104 ? 11.824  5.551   11.837  1.00 29.94 ? 95  GLU A OE2 1 
ATOM   720  N N   . VAL A 1 105 ? 9.860   4.682   6.885   1.00 15.32 ? 96  VAL A N   1 
ATOM   721  C CA  . VAL A 1 105 ? 9.347   3.564   6.129   1.00 17.21 ? 96  VAL A CA  1 
ATOM   722  C C   . VAL A 1 105 ? 9.995   2.388   6.819   1.00 16.84 ? 96  VAL A C   1 
ATOM   723  O O   . VAL A 1 105 ? 11.168  2.119   6.646   1.00 18.46 ? 96  VAL A O   1 
ATOM   724  C CB  . VAL A 1 105 ? 9.768   3.643   4.664   1.00 18.88 ? 96  VAL A CB  1 
ATOM   725  C CG1 . VAL A 1 105 ? 9.211   2.438   3.894   1.00 16.85 ? 96  VAL A CG1 1 
ATOM   726  C CG2 . VAL A 1 105 ? 9.303   4.949   4.098   1.00 16.54 ? 96  VAL A CG2 1 
ATOM   727  N N   . ILE A 1 106 ? 9.179   1.724   7.625   1.00 16.24 ? 97  ILE A N   1 
ATOM   728  C CA  . ILE A 1 106 ? 9.512   0.608   8.471   1.00 12.96 ? 97  ILE A CA  1 
ATOM   729  C C   . ILE A 1 106 ? 8.939   -0.676  7.945   1.00 14.47 ? 97  ILE A C   1 
ATOM   730  O O   . ILE A 1 106 ? 7.766   -0.773  7.550   1.00 18.78 ? 97  ILE A O   1 
ATOM   731  C CB  . ILE A 1 106 ? 8.913   0.831   9.889   1.00 15.37 ? 97  ILE A CB  1 
ATOM   732  C CG1 . ILE A 1 106 ? 9.563   2.063   10.530  1.00 24.28 ? 97  ILE A CG1 1 
ATOM   733  C CG2 . ILE A 1 106 ? 9.102   -0.367  10.751  1.00 20.20 ? 97  ILE A CG2 1 
ATOM   734  C CD1 . ILE A 1 106 ? 9.103   2.378   11.949  1.00 30.88 ? 97  ILE A CD1 1 
ATOM   735  N N   . CYS A 1 107 ? 9.789   -1.666  7.933   1.00 18.32 ? 98  CYS A N   1 
ATOM   736  C CA  . CYS A 1 107 ? 9.415   -2.983  7.529   1.00 16.52 ? 98  CYS A CA  1 
ATOM   737  C C   . CYS A 1 107 ? 10.186  -3.735  8.563   1.00 17.15 ? 98  CYS A C   1 
ATOM   738  O O   . CYS A 1 107 ? 11.364  -3.479  8.754   1.00 22.40 ? 98  CYS A O   1 
ATOM   739  C CB  . CYS A 1 107 ? 9.957   -3.326  6.140   1.00 20.90 ? 98  CYS A CB  1 
ATOM   740  S SG  . CYS A 1 107 ? 9.515   -5.001  5.762   1.00 23.58 ? 98  CYS A SG  1 
ATOM   741  N N   . THR A 1 108 ? 9.549   -4.666  9.231   1.00 13.10 ? 99  THR A N   1 
ATOM   742  C CA  . THR A 1 108 ? 10.258  -5.363  10.272  1.00 11.63 ? 99  THR A CA  1 
ATOM   743  C C   . THR A 1 108 ? 10.314  -6.777  9.906   1.00 11.33 ? 99  THR A C   1 
ATOM   744  O O   . THR A 1 108 ? 10.695  -7.637  10.721  1.00 15.14 ? 99  THR A O   1 
ATOM   745  C CB  . THR A 1 108 ? 9.541   -5.271  11.643  1.00 16.17 ? 99  THR A CB  1 
ATOM   746  O OG1 . THR A 1 108 ? 8.173   -5.679  11.505  1.00 13.83 ? 99  THR A OG1 1 
ATOM   747  C CG2 . THR A 1 108 ? 9.646   -3.899  12.195  1.00 14.45 ? 99  THR A CG2 1 
ATOM   748  N N   . LEU A 1 109 ? 9.915   -7.033  8.668   1.00 14.46 ? 100 LEU A N   1 
ATOM   749  C CA  . LEU A 1 109 ? 9.881   -8.387  8.191   1.00 15.63 ? 100 LEU A CA  1 
ATOM   750  C C   . LEU A 1 109 ? 11.214  -9.009  8.359   1.00 12.99 ? 100 LEU A C   1 
ATOM   751  O O   . LEU A 1 109 ? 11.289  -10.186 8.643   1.00 13.72 ? 100 LEU A O   1 
ATOM   752  C CB  . LEU A 1 109 ? 9.466   -8.444  6.717   1.00 18.52 ? 100 LEU A CB  1 
ATOM   753  C CG  . LEU A 1 109 ? 9.363   -9.869  6.136   1.00 25.25 ? 100 LEU A CG  1 
ATOM   754  C CD1 . LEU A 1 109 ? 10.770  -10.279 5.775   1.00 31.55 ? 100 LEU A CD1 1 
ATOM   755  C CD2 . LEU A 1 109 ? 8.694   -10.920 7.080   1.00 26.87 ? 100 LEU A CD2 1 
ATOM   756  N N   . ARG A 1 110 ? 12.267  -8.203  8.265   1.00 11.97 ? 101 ARG A N   1 
ATOM   757  C CA  . ARG A 1 110 ? 13.604  -8.775  8.339   1.00 21.97 ? 101 ARG A CA  1 
ATOM   758  C C   . ARG A 1 110 ? 14.231  -8.614  9.694   1.00 16.68 ? 101 ARG A C   1 
ATOM   759  O O   . ARG A 1 110 ? 15.339  -9.042  9.913   1.00 19.83 ? 101 ARG A O   1 
ATOM   760  C CB  . ARG A 1 110 ? 14.518  -8.201  7.238   1.00 24.57 ? 101 ARG A CB  1 
ATOM   761  C CG  . ARG A 1 110 ? 13.916  -8.239  5.838   1.00 32.44 ? 101 ARG A CG  1 
ATOM   762  C CD  . ARG A 1 110 ? 13.894  -9.626  5.264   1.00 45.08 ? 101 ARG A CD  1 
ATOM   763  N NE  . ARG A 1 110 ? 15.084  -9.941  4.465   1.00 55.56 ? 101 ARG A NE  1 
ATOM   764  C CZ  . ARG A 1 110 ? 15.425  -11.183 4.094   1.00 57.61 ? 101 ARG A CZ  1 
ATOM   765  N NH1 . ARG A 1 110 ? 14.664  -12.215 4.458   1.00 55.68 ? 101 ARG A NH1 1 
ATOM   766  N NH2 . ARG A 1 110 ? 16.522  -11.404 3.360   1.00 57.23 ? 101 ARG A NH2 1 
ATOM   767  N N   . ASP A 1 111 ? 13.516  -8.009  10.620  1.00 18.20 ? 102 ASP A N   1 
ATOM   768  C CA  . ASP A 1 111 ? 14.060  -7.919  11.951  1.00 12.59 ? 102 ASP A CA  1 
ATOM   769  C C   . ASP A 1 111 ? 14.420  -9.351  12.416  1.00 14.79 ? 102 ASP A C   1 
ATOM   770  O O   . ASP A 1 111 ? 13.641  -10.315 12.247  1.00 18.83 ? 102 ASP A O   1 
ATOM   771  C CB  . ASP A 1 111 ? 13.031  -7.301  12.859  1.00 17.16 ? 102 ASP A CB  1 
ATOM   772  C CG  . ASP A 1 111 ? 13.596  -6.949  14.224  1.00 8.16  ? 102 ASP A CG  1 
ATOM   773  O OD1 . ASP A 1 111 ? 13.882  -7.902  14.992  1.00 18.17 ? 102 ASP A OD1 1 
ATOM   774  O OD2 . ASP A 1 111 ? 13.756  -5.740  14.496  1.00 17.75 ? 102 ASP A OD2 1 
ATOM   775  N N   . PRO A 1 112 ? 15.630  -9.523  12.974  1.00 17.33 ? 103 PRO A N   1 
ATOM   776  C CA  . PRO A 1 112 ? 16.116  -10.824 13.473  1.00 18.13 ? 103 PRO A CA  1 
ATOM   777  C C   . PRO A 1 112 ? 15.109  -11.558 14.411  1.00 19.78 ? 103 PRO A C   1 
ATOM   778  O O   . PRO A 1 112 ? 15.128  -12.783 14.491  1.00 20.04 ? 103 PRO A O   1 
ATOM   779  C CB  . PRO A 1 112 ? 17.398  -10.449 14.225  1.00 22.84 ? 103 PRO A CB  1 
ATOM   780  C CG  . PRO A 1 112 ? 17.861  -9.222  13.538  1.00 27.05 ? 103 PRO A CG  1 
ATOM   781  C CD  . PRO A 1 112 ? 16.630  -8.455  13.198  1.00 22.46 ? 103 PRO A CD  1 
ATOM   782  N N   . ARG A 1 113 ? 14.249  -10.846 15.136  1.00 20.90 ? 104 ARG A N   1 
ATOM   783  C CA  . ARG A 1 113 ? 13.328  -11.581 16.030  1.00 23.24 ? 104 ARG A CA  1 
ATOM   784  C C   . ARG A 1 113 ? 12.098  -12.076 15.345  1.00 22.19 ? 104 ARG A C   1 
ATOM   785  O O   . ARG A 1 113 ? 11.270  -12.757 15.941  1.00 24.72 ? 104 ARG A O   1 
ATOM   786  C CB  . ARG A 1 113 ? 12.851  -10.755 17.226  1.00 21.56 ? 104 ARG A CB  1 
ATOM   787  C CG  . ARG A 1 113 ? 13.972  -10.047 17.948  1.00 28.41 ? 104 ARG A CG  1 
ATOM   788  C CD  . ARG A 1 113 ? 13.916  -8.579  17.603  1.00 32.75 ? 104 ARG A CD  1 
ATOM   789  N NE  . ARG A 1 113 ? 13.236  -7.816  18.624  1.00 30.65 ? 104 ARG A NE  1 
ATOM   790  C CZ  . ARG A 1 113 ? 12.805  -6.573  18.478  1.00 31.50 ? 104 ARG A CZ  1 
ATOM   791  N NH1 . ARG A 1 113 ? 12.974  -5.922  17.324  1.00 28.74 ? 104 ARG A NH1 1 
ATOM   792  N NH2 . ARG A 1 113 ? 12.215  -5.989  19.523  1.00 31.32 ? 104 ARG A NH2 1 
ATOM   793  N N   . THR A 1 114 ? 11.991  -11.791 14.069  1.00 23.07 ? 105 THR A N   1 
ATOM   794  C CA  . THR A 1 114 ? 10.769  -12.179 13.426  1.00 18.75 ? 105 THR A CA  1 
ATOM   795  C C   . THR A 1 114 ? 10.531  -13.649 13.293  1.00 18.12 ? 105 THR A C   1 
ATOM   796  O O   . THR A 1 114 ? 9.455   -14.113 13.609  1.00 15.35 ? 105 THR A O   1 
ATOM   797  C CB  . THR A 1 114 ? 10.624  -11.419 12.147  1.00 18.81 ? 105 THR A CB  1 
ATOM   798  O OG1 . THR A 1 114 ? 10.380  -10.058 12.506  1.00 15.24 ? 105 THR A OG1 1 
ATOM   799  C CG2 . THR A 1 114 ? 9.488   -11.943 11.296  1.00 15.34 ? 105 THR A CG2 1 
ATOM   800  N N   . PRO A 1 115 ? 11.543  -14.406 12.859  1.00 13.12 ? 106 PRO A N   1 
ATOM   801  C CA  . PRO A 1 115 ? 11.373  -15.837 12.713  1.00 14.72 ? 106 PRO A CA  1 
ATOM   802  C C   . PRO A 1 115 ? 11.006  -16.427 14.075  1.00 17.38 ? 106 PRO A C   1 
ATOM   803  O O   . PRO A 1 115 ? 10.070  -17.206 14.184  1.00 20.55 ? 106 PRO A O   1 
ATOM   804  C CB  . PRO A 1 115 ? 12.743  -16.298 12.207  1.00 16.33 ? 106 PRO A CB  1 
ATOM   805  C CG  . PRO A 1 115 ? 13.239  -15.137 11.467  1.00 19.81 ? 106 PRO A CG  1 
ATOM   806  C CD  . PRO A 1 115 ? 12.872  -13.993 12.377  1.00 15.61 ? 106 PRO A CD  1 
ATOM   807  N N   . ALA A 1 116 ? 11.754  -16.054 15.096  1.00 17.83 ? 107 ALA A N   1 
ATOM   808  C CA  . ALA A 1 116 ? 11.477  -16.501 16.471  1.00 18.01 ? 107 ALA A CA  1 
ATOM   809  C C   . ALA A 1 116 ? 9.980   -16.312 16.841  1.00 15.80 ? 107 ALA A C   1 
ATOM   810  O O   . ALA A 1 116 ? 9.291   -17.239 17.311  1.00 19.67 ? 107 ALA A O   1 
ATOM   811  C CB  . ALA A 1 116 ? 12.375  -15.699 17.467  1.00 16.48 ? 107 ALA A CB  1 
ATOM   812  N N   . LEU A 1 117 ? 9.498   -15.115 16.604  1.00 14.32 ? 108 LEU A N   1 
ATOM   813  C CA  . LEU A 1 117 ? 8.124   -14.781 16.894  1.00 13.42 ? 108 LEU A CA  1 
ATOM   814  C C   . LEU A 1 117 ? 7.187   -15.583 16.045  1.00 19.58 ? 108 LEU A C   1 
ATOM   815  O O   . LEU A 1 117 ? 6.200   -16.054 16.531  1.00 23.68 ? 108 LEU A O   1 
ATOM   816  C CB  . LEU A 1 117 ? 7.852   -13.314 16.614  1.00 17.52 ? 108 LEU A CB  1 
ATOM   817  C CG  . LEU A 1 117 ? 8.622   -12.366 17.512  1.00 23.44 ? 108 LEU A CG  1 
ATOM   818  C CD1 . LEU A 1 117 ? 8.806   -11.035 16.813  1.00 23.77 ? 108 LEU A CD1 1 
ATOM   819  C CD2 . LEU A 1 117 ? 7.870   -12.215 18.829  1.00 26.91 ? 108 LEU A CD2 1 
ATOM   820  N N   . ALA A 1 118 ? 7.472   -15.710 14.761  1.00 19.15 ? 109 ALA A N   1 
ATOM   821  C CA  . ALA A 1 118 ? 6.556   -16.442 13.945  1.00 23.40 ? 109 ALA A CA  1 
ATOM   822  C C   . ALA A 1 118 ? 6.437   -17.812 14.538  1.00 24.50 ? 109 ALA A C   1 
ATOM   823  O O   . ALA A 1 118 ? 5.370   -18.368 14.579  1.00 25.41 ? 109 ALA A O   1 
ATOM   824  C CB  . ALA A 1 118 ? 7.052   -16.542 12.510  1.00 18.43 ? 109 ALA A CB  1 
ATOM   825  N N   . ALA A 1 119 ? 7.533   -18.344 15.028  1.00 23.80 ? 110 ALA A N   1 
ATOM   826  C CA  . ALA A 1 119 ? 7.493   -19.692 15.529  1.00 24.13 ? 110 ALA A CA  1 
ATOM   827  C C   . ALA A 1 119 ? 6.737   -19.809 16.832  1.00 20.26 ? 110 ALA A C   1 
ATOM   828  O O   . ALA A 1 119 ? 6.000   -20.716 17.011  1.00 26.20 ? 110 ALA A O   1 
ATOM   829  C CB  . ALA A 1 119 ? 8.894   -20.235 15.682  1.00 21.21 ? 110 ALA A CB  1 
ATOM   830  N N   . GLU A 1 120 ? 6.913   -18.879 17.726  1.00 20.37 ? 111 GLU A N   1 
ATOM   831  C CA  . GLU A 1 120 ? 6.236   -18.953 18.991  1.00 24.69 ? 111 GLU A CA  1 
ATOM   832  C C   . GLU A 1 120 ? 4.733   -18.760 18.904  1.00 27.18 ? 111 GLU A C   1 
ATOM   833  O O   . GLU A 1 120 ? 3.968   -19.400 19.636  1.00 28.01 ? 111 GLU A O   1 
ATOM   834  C CB  . GLU A 1 120 ? 6.809   -17.896 19.927  1.00 23.32 ? 111 GLU A CB  1 
ATOM   835  C CG  . GLU A 1 120 ? 8.238   -18.153 20.342  1.00 27.31 ? 111 GLU A CG  1 
ATOM   836  C CD  . GLU A 1 120 ? 8.763   -17.046 21.220  1.00 23.60 ? 111 GLU A CD  1 
ATOM   837  O OE1 . GLU A 1 120 ? 8.612   -15.874 20.832  1.00 33.61 ? 111 GLU A OE1 1 
ATOM   838  O OE2 . GLU A 1 120 ? 9.331   -17.328 22.278  1.00 35.85 ? 111 GLU A OE2 1 
ATOM   839  N N   . ILE A 1 121 ? 4.309   -17.875 18.001  1.00 23.44 ? 112 ILE A N   1 
ATOM   840  C CA  . ILE A 1 121 ? 2.891   -17.535 17.852  1.00 24.73 ? 112 ILE A CA  1 
ATOM   841  C C   . ILE A 1 121 ? 2.174   -18.517 16.936  1.00 24.95 ? 112 ILE A C   1 
ATOM   842  O O   . ILE A 1 121 ? 0.941   -18.579 16.922  1.00 24.25 ? 112 ILE A O   1 
ATOM   843  C CB  . ILE A 1 121 ? 2.755   -16.133 17.214  1.00 28.90 ? 112 ILE A CB  1 
ATOM   844  C CG1 . ILE A 1 121 ? 3.489   -15.089 18.051  1.00 33.60 ? 112 ILE A CG1 1 
ATOM   845  C CG2 . ILE A 1 121 ? 1.298   -15.758 17.083  1.00 37.20 ? 112 ILE A CG2 1 
ATOM   846  C CD1 . ILE A 1 121 ? 2.731   -14.631 19.239  1.00 39.77 ? 112 ILE A CD1 1 
ATOM   847  N N   . GLY A 1 122 ? 2.931   -19.280 16.157  1.00 19.46 ? 113 GLY A N   1 
ATOM   848  C CA  . GLY A 1 122 ? 2.287   -20.173 15.222  1.00 23.73 ? 113 GLY A CA  1 
ATOM   849  C C   . GLY A 1 122 ? 1.641   -19.338 14.105  1.00 24.55 ? 113 GLY A C   1 
ATOM   850  O O   . GLY A 1 122 ? 0.407   -19.358 13.917  1.00 25.83 ? 113 GLY A O   1 
ATOM   851  N N   . ASN A 1 123 ? 2.483   -18.590 13.381  1.00 21.90 ? 114 ASN A N   1 
ATOM   852  C CA  . ASN A 1 123 ? 2.035   -17.739 12.285  1.00 23.17 ? 114 ASN A CA  1 
ATOM   853  C C   . ASN A 1 123 ? 3.210   -17.423 11.317  1.00 20.23 ? 114 ASN A C   1 
ATOM   854  O O   . ASN A 1 123 ? 4.351   -17.795 11.569  1.00 18.54 ? 114 ASN A O   1 
ATOM   855  C CB  . ASN A 1 123 ? 1.443   -16.423 12.848  1.00 24.17 ? 114 ASN A CB  1 
ATOM   856  C CG  . ASN A 1 123 ? 0.311   -15.857 11.956  1.00 21.90 ? 114 ASN A CG  1 
ATOM   857  O OD1 . ASN A 1 123 ? -0.659  -15.281 12.437  1.00 24.17 ? 114 ASN A OD1 1 
ATOM   858  N ND2 . ASN A 1 123 ? 0.454   -16.020 10.684  1.00 16.99 ? 114 ASN A ND2 1 
ATOM   859  N N   . THR A 1 124 ? 2.936   -16.737 10.220  1.00 18.16 ? 115 THR A N   1 
ATOM   860  C CA  . THR A 1 124 ? 4.011   -16.388 9.289   1.00 18.78 ? 115 THR A CA  1 
ATOM   861  C C   . THR A 1 124 ? 4.944   -15.288 9.772   1.00 13.99 ? 115 THR A C   1 
ATOM   862  O O   . THR A 1 124 ? 4.611   -14.469 10.612  1.00 13.34 ? 115 THR A O   1 
ATOM   863  C CB  . THR A 1 124 ? 3.484   -15.844 7.976   1.00 17.12 ? 115 THR A CB  1 
ATOM   864  O OG1 . THR A 1 124 ? 2.638   -14.721 8.252   1.00 23.85 ? 115 THR A OG1 1 
ATOM   865  C CG2 . THR A 1 124 ? 2.771   -16.909 7.209   1.00 19.60 ? 115 THR A CG2 1 
ATOM   866  N N   . ARG A 1 125 ? 6.091   -15.226 9.144   1.00 11.34 ? 116 ARG A N   1 
ATOM   867  C CA  . ARG A 1 125 ? 7.040   -14.193 9.515   1.00 14.45 ? 116 ARG A CA  1 
ATOM   868  C C   . ARG A 1 125 ? 6.453   -12.858 9.220   1.00 13.08 ? 116 ARG A C   1 
ATOM   869  O O   . ARG A 1 125 ? 6.584   -11.940 10.028  1.00 9.69  ? 116 ARG A O   1 
ATOM   870  C CB  . ARG A 1 125 ? 8.347   -14.350 8.779   1.00 20.21 ? 116 ARG A CB  1 
ATOM   871  C CG  . ARG A 1 125 ? 9.034   -15.613 9.124   1.00 24.65 ? 116 ARG A CG  1 
ATOM   872  C CD  . ARG A 1 125 ? 10.348  -15.645 8.367   1.00 33.51 ? 116 ARG A CD  1 
ATOM   873  N NE  . ARG A 1 125 ? 11.073  -16.877 8.617   1.00 41.24 ? 116 ARG A NE  1 
ATOM   874  C CZ  . ARG A 1 125 ? 12.273  -17.138 8.120   1.00 47.17 ? 116 ARG A CZ  1 
ATOM   875  N NH1 . ARG A 1 125 ? 12.871  -16.236 7.336   1.00 44.58 ? 116 ARG A NH1 1 
ATOM   876  N NH2 . ARG A 1 125 ? 12.885  -18.278 8.432   1.00 49.60 ? 116 ARG A NH2 1 
ATOM   877  N N   . SER A 1 126 ? 5.762   -12.749 8.092   1.00 10.13 ? 117 SER A N   1 
ATOM   878  C CA  . SER A 1 126 ? 5.156   -11.474 7.705   1.00 12.74 ? 117 SER A CA  1 
ATOM   879  C C   . SER A 1 126 ? 4.170   -11.052 8.797   1.00 10.51 ? 117 SER A C   1 
ATOM   880  O O   . SER A 1 126 ? 4.134   -9.917  9.163   1.00 15.07 ? 117 SER A O   1 
ATOM   881  C CB  . SER A 1 126 ? 4.423   -11.611 6.347   1.00 16.30 ? 117 SER A CB  1 
ATOM   882  O OG  . SER A 1 126 ? 5.371   -11.789 5.298   1.00 14.98 ? 117 SER A OG  1 
ATOM   883  N N   . ALA A 1 127 ? 3.406   -12.004 9.338   1.00 11.95 ? 118 ALA A N   1 
ATOM   884  C CA  . ALA A 1 127 ? 2.421   -11.696 10.364  1.00 11.93 ? 118 ALA A CA  1 
ATOM   885  C C   . ALA A 1 127 ? 3.102   -11.295 11.689  1.00 7.06  ? 118 ALA A C   1 
ATOM   886  O O   . ALA A 1 127 ? 2.866   -10.241 12.243  1.00 14.03 ? 118 ALA A O   1 
ATOM   887  C CB  . ALA A 1 127 ? 1.475   -12.976 10.625  1.00 11.29 ? 118 ALA A CB  1 
ATOM   888  N N   . ALA A 1 128 ? 3.954   -12.203 12.151  1.00 12.09 ? 119 ALA A N   1 
ATOM   889  C CA  . ALA A 1 128 ? 4.638   -12.077 13.425  1.00 11.58 ? 119 ALA A CA  1 
ATOM   890  C C   . ALA A 1 128 ? 5.378   -10.760 13.503  1.00 11.86 ? 119 ALA A C   1 
ATOM   891  O O   . ALA A 1 128 ? 5.407   -10.118 14.541  1.00 16.34 ? 119 ALA A O   1 
ATOM   892  C CB  . ALA A 1 128 ? 5.568   -13.262 13.615  1.00 7.08  ? 119 ALA A CB  1 
ATOM   893  N N   . ALA A 1 129 ? 5.949   -10.354 12.367  1.00 11.65 ? 120 ALA A N   1 
ATOM   894  C CA  . ALA A 1 129 ? 6.681   -9.085  12.303  1.00 9.58  ? 120 ALA A CA  1 
ATOM   895  C C   . ALA A 1 129 ? 5.837   -7.984  12.832  1.00 11.13 ? 120 ALA A C   1 
ATOM   896  O O   . ALA A 1 129 ? 6.361   -7.045  13.416  1.00 16.93 ? 120 ALA A O   1 
ATOM   897  C CB  . ALA A 1 129 ? 7.072   -8.734  10.877  1.00 14.30 ? 120 ALA A CB  1 
ATOM   898  N N   . LEU A 1 130 ? 4.516   -8.089  12.637  1.00 11.04 ? 121 LEU A N   1 
ATOM   899  C CA  . LEU A 1 130 ? 3.684   -6.966  13.030  1.00 9.82  ? 121 LEU A CA  1 
ATOM   900  C C   . LEU A 1 130 ? 3.646   -6.823  14.571  1.00 11.45 ? 121 LEU A C   1 
ATOM   901  O O   . LEU A 1 130 ? 3.253   -5.826  15.059  1.00 10.20 ? 121 LEU A O   1 
ATOM   902  C CB  . LEU A 1 130 ? 2.278   -7.063  12.426  1.00 11.73 ? 121 LEU A CB  1 
ATOM   903  C CG  . LEU A 1 130 ? 1.889   -7.263  10.936  1.00 22.90 ? 121 LEU A CG  1 
ATOM   904  C CD1 . LEU A 1 130 ? 0.778   -6.265  10.627  1.00 19.25 ? 121 LEU A CD1 1 
ATOM   905  C CD2 . LEU A 1 130 ? 3.090   -7.139  9.951   1.00 11.36 ? 121 LEU A CD2 1 
ATOM   906  N N   . LYS A 1 131 ? 4.096   -7.823  15.308  1.00 10.98 ? 122 LYS A N   1 
ATOM   907  C CA  . LYS A 1 131 ? 4.122   -7.673  16.753  1.00 19.37 ? 122 LYS A CA  1 
ATOM   908  C C   . LYS A 1 131 ? 5.186   -6.595  17.008  1.00 20.23 ? 122 LYS A C   1 
ATOM   909  O O   . LYS A 1 131 ? 5.090   -5.830  17.982  1.00 21.61 ? 122 LYS A O   1 
ATOM   910  C CB  . LYS A 1 131 ? 4.490   -9.001  17.479  1.00 15.99 ? 122 LYS A CB  1 
ATOM   911  C CG  . LYS A 1 131 ? 3.418   -10.060 17.353  1.00 21.41 ? 122 LYS A CG  1 
ATOM   912  C CD  . LYS A 1 131 ? 3.769   -11.371 18.071  1.00 32.37 ? 122 LYS A CD  1 
ATOM   913  C CE  . LYS A 1 131 ? 3.641   -11.331 19.608  1.00 31.23 ? 122 LYS A CE  1 
ATOM   914  N NZ  . LYS A 1 131 ? 2.250   -11.115 20.128  1.00 34.61 ? 122 LYS A NZ  1 
ATOM   915  N N   . LEU A 1 132 ? 6.141   -6.465  16.089  1.00 20.05 ? 123 LEU A N   1 
ATOM   916  C CA  . LEU A 1 132 ? 7.211   -5.497  16.274  1.00 14.22 ? 123 LEU A CA  1 
ATOM   917  C C   . LEU A 1 132 ? 6.802   -4.082  15.875  1.00 18.38 ? 123 LEU A C   1 
ATOM   918  O O   . LEU A 1 132 ? 7.572   -3.128  15.971  1.00 18.13 ? 123 LEU A O   1 
ATOM   919  C CB  . LEU A 1 132 ? 8.433   -5.953  15.479  1.00 18.80 ? 123 LEU A CB  1 
ATOM   920  C CG  . LEU A 1 132 ? 9.222   -7.152  16.033  1.00 25.57 ? 123 LEU A CG  1 
ATOM   921  C CD1 . LEU A 1 132 ? 8.265   -8.109  16.700  1.00 23.03 ? 123 LEU A CD1 1 
ATOM   922  C CD2 . LEU A 1 132 ? 10.009  -7.863  14.943  1.00 19.48 ? 123 LEU A CD2 1 
ATOM   923  N N   . TRP A 1 133 ? 5.574   -3.961  15.412  1.00 20.61 ? 124 TRP A N   1 
ATOM   924  C CA  . TRP A 1 133 ? 5.033   -2.681  15.026  1.00 21.31 ? 124 TRP A CA  1 
ATOM   925  C C   . TRP A 1 133 ? 4.531   -1.914  16.245  1.00 23.72 ? 124 TRP A C   1 
ATOM   926  O O   . TRP A 1 133 ? 4.561   -0.700  16.239  1.00 26.79 ? 124 TRP A O   1 
ATOM   927  C CB  . TRP A 1 133 ? 3.884   -2.876  14.043  1.00 22.14 ? 124 TRP A CB  1 
ATOM   928  C CG  . TRP A 1 133 ? 4.324   -3.200  12.649  1.00 20.60 ? 124 TRP A CG  1 
ATOM   929  C CD1 . TRP A 1 133 ? 5.555   -3.680  12.250  1.00 15.57 ? 124 TRP A CD1 1 
ATOM   930  C CD2 . TRP A 1 133 ? 3.481   -3.248  11.506  1.00 15.84 ? 124 TRP A CD2 1 
ATOM   931  N NE1 . TRP A 1 133 ? 5.494   -4.051  10.916  1.00 16.62 ? 124 TRP A NE1 1 
ATOM   932  C CE2 . TRP A 1 133 ? 4.231   -3.789  10.449  1.00 19.34 ? 124 TRP A CE2 1 
ATOM   933  C CE3 . TRP A 1 133 ? 2.141   -2.887  11.280  1.00 13.27 ? 124 TRP A CE3 1 
ATOM   934  C CZ2 . TRP A 1 133 ? 3.678   -3.992  9.178   1.00 18.52 ? 124 TRP A CZ2 1 
ATOM   935  C CZ3 . TRP A 1 133 ? 1.602   -3.077  10.057  1.00 10.99 ? 124 TRP A CZ3 1 
ATOM   936  C CH2 . TRP A 1 133 ? 2.352   -3.632  9.011   1.00 15.87 ? 124 TRP A CH2 1 
ATOM   937  N N   . SER A 1 134 ? 4.074   -2.642  17.276  1.00 30.15 ? 125 SER A N   1 
ATOM   938  C CA  . SER A 1 134 ? 3.526   -2.071  18.520  1.00 27.79 ? 125 SER A CA  1 
ATOM   939  C C   . SER A 1 134 ? 3.674   -0.556  18.729  1.00 29.13 ? 125 SER A C   1 
ATOM   940  O O   . SER A 1 134 ? 2.739   0.181   18.546  1.00 28.89 ? 125 SER A O   1 
ATOM   941  C CB  . SER A 1 134 ? 4.099   -2.800  19.755  1.00 32.88 ? 125 SER A CB  1 
ATOM   942  O OG  . SER A 1 134 ? 3.461   -4.068  19.991  1.00 34.46 ? 125 SER A OG  1 
ATOM   943  N N   . GLU A 1 135 ? 4.840   -0.079  19.109  1.00 27.13 ? 126 GLU A N   1 
ATOM   944  C CA  . GLU A 1 135 ? 4.978   1.350   19.349  1.00 32.59 ? 126 GLU A CA  1 
ATOM   945  C C   . GLU A 1 135 ? 4.486   2.259   18.229  1.00 28.92 ? 126 GLU A C   1 
ATOM   946  O O   . GLU A 1 135 ? 3.899   3.299   18.470  1.00 30.90 ? 126 GLU A O   1 
ATOM   947  C CB  . GLU A 1 135 ? 6.441   1.711   19.605  1.00 37.18 ? 126 GLU A CB  1 
ATOM   948  C CG  . GLU A 1 135 ? 6.768   2.161   21.013  1.00 46.98 ? 126 GLU A CG  1 
ATOM   949  C CD  . GLU A 1 135 ? 6.906   0.974   21.945  1.00 54.62 ? 126 GLU A CD  1 
ATOM   950  O OE1 . GLU A 1 135 ? 7.452   -0.063  21.468  1.00 58.60 ? 126 GLU A OE1 1 
ATOM   951  O OE2 . GLU A 1 135 ? 6.478   1.086   23.129  1.00 58.20 ? 126 GLU A OE2 1 
ATOM   952  N N   . ARG A 1 136 ? 4.758   1.857   17.002  1.00 25.47 ? 127 ARG A N   1 
ATOM   953  C CA  . ARG A 1 136 ? 4.452   2.662   15.818  1.00 23.98 ? 127 ARG A CA  1 
ATOM   954  C C   . ARG A 1 136 ? 3.048   2.526   15.234  1.00 21.17 ? 127 ARG A C   1 
ATOM   955  O O   . ARG A 1 136 ? 2.633   3.399   14.463  1.00 21.04 ? 127 ARG A O   1 
ATOM   956  C CB  . ARG A 1 136 ? 5.463   2.331   14.702  1.00 21.59 ? 127 ARG A CB  1 
ATOM   957  C CG  . ARG A 1 136 ? 6.892   2.060   15.183  1.00 22.85 ? 127 ARG A CG  1 
ATOM   958  C CD  . ARG A 1 136 ? 7.666   3.335   15.281  1.00 36.41 ? 127 ARG A CD  1 
ATOM   959  N NE  . ARG A 1 136 ? 6.782   4.423   15.659  1.00 41.83 ? 127 ARG A NE  1 
ATOM   960  C CZ  . ARG A 1 136 ? 6.827   5.640   15.120  1.00 45.09 ? 127 ARG A CZ  1 
ATOM   961  N NH1 . ARG A 1 136 ? 7.735   5.929   14.173  1.00 40.21 ? 127 ARG A NH1 1 
ATOM   962  N NH2 . ARG A 1 136 ? 5.931   6.559   15.494  1.00 47.82 ? 127 ARG A NH2 1 
ATOM   963  N N   . LEU A 1 137 ? 2.334   1.465   15.598  1.00 16.65 ? 128 LEU A N   1 
ATOM   964  C CA  . LEU A 1 137 ? 1.020   1.205   14.984  1.00 21.97 ? 128 LEU A CA  1 
ATOM   965  C C   . LEU A 1 137 ? 0.091   2.377   14.958  1.00 21.20 ? 128 LEU A C   1 
ATOM   966  O O   . LEU A 1 137 ? -0.458  2.684   13.902  1.00 16.34 ? 128 LEU A O   1 
ATOM   967  C CB  . LEU A 1 137 ? 0.292   0.044   15.641  1.00 24.72 ? 128 LEU A CB  1 
ATOM   968  C CG  . LEU A 1 137 ? -0.270  -1.025  14.683  1.00 31.82 ? 128 LEU A CG  1 
ATOM   969  C CD1 . LEU A 1 137 ? -1.491  -1.642  15.319  1.00 23.70 ? 128 LEU A CD1 1 
ATOM   970  C CD2 . LEU A 1 137 ? -0.611  -0.458  13.320  1.00 29.73 ? 128 LEU A CD2 1 
ATOM   971  N N   . ALA A 1 138 ? -0.056  3.032   16.108  1.00 17.29 ? 129 ALA A N   1 
ATOM   972  C CA  . ALA A 1 138 ? -0.957  4.151   16.258  1.00 16.95 ? 129 ALA A CA  1 
ATOM   973  C C   . ALA A 1 138 ? -0.729  5.293   15.252  1.00 18.06 ? 129 ALA A C   1 
ATOM   974  O O   . ALA A 1 138 ? 0.356   5.833   15.138  1.00 18.32 ? 129 ALA A O   1 
ATOM   975  C CB  . ALA A 1 138 ? -0.863  4.683   17.710  1.00 16.30 ? 129 ALA A CB  1 
ATOM   976  N N   . GLY A 1 139 ? -1.761  5.651   14.514  1.00 19.06 ? 130 GLY A N   1 
ATOM   977  C CA  . GLY A 1 139 ? -1.635  6.750   13.575  1.00 19.22 ? 130 GLY A CA  1 
ATOM   978  C C   . GLY A 1 139 ? -0.759  6.519   12.346  1.00 14.34 ? 130 GLY A C   1 
ATOM   979  O O   . GLY A 1 139 ? -0.561  7.400   11.541  1.00 13.05 ? 130 GLY A O   1 
ATOM   980  N N   . SER A 1 140 ? -0.277  5.310   12.179  1.00 14.67 ? 131 SER A N   1 
ATOM   981  C CA  . SER A 1 140 ? 0.588   5.055   11.071  1.00 13.85 ? 131 SER A CA  1 
ATOM   982  C C   . SER A 1 140 ? -0.189  4.805   9.787   1.00 13.32 ? 131 SER A C   1 
ATOM   983  O O   . SER A 1 140 ? -1.420  4.701   9.767   1.00 7.88  ? 131 SER A O   1 
ATOM   984  C CB  . SER A 1 140 ? 1.407   3.814   11.388  1.00 16.51 ? 131 SER A CB  1 
ATOM   985  O OG  . SER A 1 140 ? 0.546   2.698   11.413  1.00 13.94 ? 131 SER A OG  1 
ATOM   986  N N   . VAL A 1 141 ? 0.557   4.642   8.718   1.00 11.64 ? 132 VAL A N   1 
ATOM   987  C CA  . VAL A 1 141 ? -0.055  4.270   7.443   1.00 12.64 ? 132 VAL A CA  1 
ATOM   988  C C   . VAL A 1 141 ? 0.538   2.873   7.231   1.00 11.39 ? 132 VAL A C   1 
ATOM   989  O O   . VAL A 1 141 ? 1.762   2.687   7.111   1.00 12.46 ? 132 VAL A O   1 
ATOM   990  C CB  . VAL A 1 141 ? 0.364   5.215   6.307   1.00 9.49  ? 132 VAL A CB  1 
ATOM   991  C CG1 . VAL A 1 141 ? 0.052   4.635   5.026   1.00 17.57 ? 132 VAL A CG1 1 
ATOM   992  C CG2 . VAL A 1 141 ? -0.292  6.490   6.459   1.00 15.81 ? 132 VAL A CG2 1 
ATOM   993  N N   . VAL A 1 142 ? -0.335  1.892   7.197   1.00 8.98  ? 133 VAL A N   1 
ATOM   994  C CA  . VAL A 1 142 ? 0.075   0.523   7.020   1.00 9.85  ? 133 VAL A CA  1 
ATOM   995  C C   . VAL A 1 142 ? -0.026  0.178   5.575   1.00 15.97 ? 133 VAL A C   1 
ATOM   996  O O   . VAL A 1 142 ? -1.065  0.398   4.955   1.00 16.56 ? 133 VAL A O   1 
ATOM   997  C CB  . VAL A 1 142 ? -0.827  -0.428  7.847   1.00 10.99 ? 133 VAL A CB  1 
ATOM   998  C CG1 . VAL A 1 142 ? -0.440  -1.836  7.661   1.00 15.90 ? 133 VAL A CG1 1 
ATOM   999  C CG2 . VAL A 1 142 ? -0.721  -0.099  9.272   1.00 14.20 ? 133 VAL A CG2 1 
ATOM   1000 N N   . ALA A 1 143 ? 1.057   -0.348  5.033   1.00 13.57 ? 134 ALA A N   1 
ATOM   1001 C CA  . ALA A 1 143 ? 1.100   -0.758  3.639   1.00 14.57 ? 134 ALA A CA  1 
ATOM   1002 C C   . ALA A 1 143 ? 1.308   -2.252  3.667   1.00 10.90 ? 134 ALA A C   1 
ATOM   1003 O O   . ALA A 1 143 ? 2.328   -2.762  4.093   1.00 16.24 ? 134 ALA A O   1 
ATOM   1004 C CB  . ALA A 1 143 ? 2.214   -0.026  2.903   1.00 20.79 ? 134 ALA A CB  1 
ATOM   1005 N N   . ILE A 1 144 ? 0.287   -2.983  3.280   1.00 18.25 ? 135 ILE A N   1 
ATOM   1006 C CA  . ILE A 1 144 ? 0.437   -4.425  3.255   1.00 16.89 ? 135 ILE A CA  1 
ATOM   1007 C C   . ILE A 1 144 ? 0.328   -4.697  1.791   1.00 13.57 ? 135 ILE A C   1 
ATOM   1008 O O   . ILE A 1 144 ? -0.772  -4.691  1.177   1.00 17.90 ? 135 ILE A O   1 
ATOM   1009 C CB  . ILE A 1 144 ? -0.632  -5.144  4.143   1.00 11.53 ? 135 ILE A CB  1 
ATOM   1010 C CG1 . ILE A 1 144 ? -0.448  -4.699  5.581   1.00 18.14 ? 135 ILE A CG1 1 
ATOM   1011 C CG2 . ILE A 1 144 ? -0.525  -6.672  3.959   1.00 6.48  ? 135 ILE A CG2 1 
ATOM   1012 C CD1 . ILE A 1 144 ? -0.982  -5.690  6.694   1.00 15.28 ? 135 ILE A CD1 1 
ATOM   1013 N N   . GLY A 1 145 ? 1.517   -4.840  1.223   1.00 19.93 ? 136 GLY A N   1 
ATOM   1014 C CA  . GLY A 1 145 ? 1.656   -5.042  -0.212  1.00 14.72 ? 136 GLY A CA  1 
ATOM   1015 C C   . GLY A 1 145 ? 1.879   -6.449  -0.658  1.00 19.44 ? 136 GLY A C   1 
ATOM   1016 O O   . GLY A 1 145 ? 1.731   -6.745  -1.843  1.00 20.48 ? 136 GLY A O   1 
ATOM   1017 N N   . ASN A 1 146 ? 2.191   -7.334  0.283   1.00 14.86 ? 137 ASN A N   1 
ATOM   1018 C CA  . ASN A 1 146 ? 2.427   -8.682  -0.110  1.00 14.53 ? 137 ASN A CA  1 
ATOM   1019 C C   . ASN A 1 146 ? 1.788   -9.835  0.675   1.00 14.26 ? 137 ASN A C   1 
ATOM   1020 O O   . ASN A 1 146 ? 1.124   -10.697 0.091   1.00 21.99 ? 137 ASN A O   1 
ATOM   1021 C CB  . ASN A 1 146 ? 3.940   -8.868  -0.206  1.00 18.87 ? 137 ASN A CB  1 
ATOM   1022 C CG  . ASN A 1 146 ? 4.326   -10.282 -0.518  1.00 28.01 ? 137 ASN A CG  1 
ATOM   1023 O OD1 . ASN A 1 146 ? 4.285   -11.141 0.369   1.00 35.26 ? 137 ASN A OD1 1 
ATOM   1024 N ND2 . ASN A 1 146 ? 4.686   -10.549 -1.775  1.00 32.14 ? 137 ASN A ND2 1 
ATOM   1025 N N   . ALA A 1 147 ? 1.994   -9.851  1.980   1.00 17.88 ? 138 ALA A N   1 
ATOM   1026 C CA  . ALA A 1 147 ? 1.497   -10.906 2.839   1.00 15.08 ? 138 ALA A CA  1 
ATOM   1027 C C   . ALA A 1 147 ? 0.025   -10.843 3.396   1.00 13.16 ? 138 ALA A C   1 
ATOM   1028 O O   . ALA A 1 147 ? -0.315  -10.008 4.221   1.00 15.41 ? 138 ALA A O   1 
ATOM   1029 C CB  . ALA A 1 147 ? 2.483   -11.066 3.960   1.00 15.96 ? 138 ALA A CB  1 
ATOM   1030 N N   . PRO A 1 148 ? -0.861  -11.723 2.907   1.00 17.99 ? 139 PRO A N   1 
ATOM   1031 C CA  . PRO A 1 148 ? -2.235  -11.682 3.429   1.00 13.55 ? 139 PRO A CA  1 
ATOM   1032 C C   . PRO A 1 148 ? -2.291  -11.953 4.985   1.00 13.12 ? 139 PRO A C   1 
ATOM   1033 O O   . PRO A 1 148 ? -3.033  -11.316 5.694   1.00 10.79 ? 139 PRO A O   1 
ATOM   1034 C CB  . PRO A 1 148 ? -2.939  -12.761 2.615   1.00 21.68 ? 139 PRO A CB  1 
ATOM   1035 C CG  . PRO A 1 148 ? -2.320  -12.631 1.299   1.00 23.17 ? 139 PRO A CG  1 
ATOM   1036 C CD  . PRO A 1 148 ? -0.808  -12.544 1.689   1.00 22.20 ? 139 PRO A CD  1 
ATOM   1037 N N   . THR A 1 149 ? -1.471  -12.876 5.474   1.00 12.95 ? 140 THR A N   1 
ATOM   1038 C CA  . THR A 1 149 ? -1.459  -13.201 6.892   1.00 16.23 ? 140 THR A CA  1 
ATOM   1039 C C   . THR A 1 149 ? -1.064  -11.930 7.701   1.00 16.14 ? 140 THR A C   1 
ATOM   1040 O O   . THR A 1 149 ? -1.546  -11.722 8.820   1.00 16.91 ? 140 THR A O   1 
ATOM   1041 C CB  . THR A 1 149 ? -0.489  -14.336 7.125   1.00 13.52 ? 140 THR A CB  1 
ATOM   1042 O OG1 . THR A 1 149 ? 0.827   -13.921 6.674   1.00 11.98 ? 140 THR A OG1 1 
ATOM   1043 C CG2 . THR A 1 149 ? -0.952  -15.601 6.320   1.00 14.61 ? 140 THR A CG2 1 
ATOM   1044 N N   . ALA A 1 150 ? -0.207  -11.069 7.125   1.00 11.09 ? 141 ALA A N   1 
ATOM   1045 C CA  . ALA A 1 150 ? 0.099   -9.857  7.860   1.00 11.53 ? 141 ALA A CA  1 
ATOM   1046 C C   . ALA A 1 150 ? -1.226  -9.104  7.942   1.00 13.65 ? 141 ALA A C   1 
ATOM   1047 O O   . ALA A 1 150 ? -1.532  -8.547  8.974   1.00 11.21 ? 141 ALA A O   1 
ATOM   1048 C CB  . ALA A 1 150 ? 1.167   -8.991  7.177   1.00 12.90 ? 141 ALA A CB  1 
ATOM   1049 N N   . LEU A 1 151 ? -2.031  -9.126  6.869   1.00 11.14 ? 142 LEU A N   1 
ATOM   1050 C CA  . LEU A 1 151 ? -3.297  -8.348  6.932   1.00 12.61 ? 142 LEU A CA  1 
ATOM   1051 C C   . LEU A 1 151 ? -4.280  -8.944  7.962   1.00 11.90 ? 142 LEU A C   1 
ATOM   1052 O O   . LEU A 1 151 ? -4.819  -8.217  8.764   1.00 11.84 ? 142 LEU A O   1 
ATOM   1053 C CB  . LEU A 1 151 ? -3.966  -8.208  5.583   1.00 11.51 ? 142 LEU A CB  1 
ATOM   1054 C CG  . LEU A 1 151 ? -4.689  -6.893  5.239   1.00 15.27 ? 142 LEU A CG  1 
ATOM   1055 C CD1 . LEU A 1 151 ? -5.833  -7.180  4.304   1.00 8.78  ? 142 LEU A CD1 1 
ATOM   1056 C CD2 . LEU A 1 151 ? -5.217  -6.189  6.487   1.00 7.17  ? 142 LEU A CD2 1 
ATOM   1057 N N   . PHE A 1 152 ? -4.464  -10.259 7.938   1.00 11.12 ? 143 PHE A N   1 
ATOM   1058 C CA  . PHE A 1 152 ? -5.345  -10.901 8.912   1.00 13.51 ? 143 PHE A CA  1 
ATOM   1059 C C   . PHE A 1 152 ? -4.838  -10.643 10.333  1.00 15.38 ? 143 PHE A C   1 
ATOM   1060 O O   . PHE A 1 152 ? -5.623  -10.296 11.211  1.00 14.66 ? 143 PHE A O   1 
ATOM   1061 C CB  . PHE A 1 152 ? -5.428  -12.413 8.693   1.00 14.13 ? 143 PHE A CB  1 
ATOM   1062 C CG  . PHE A 1 152 ? -6.404  -12.824 7.637   1.00 14.02 ? 143 PHE A CG  1 
ATOM   1063 C CD1 . PHE A 1 152 ? -5.974  -13.489 6.512   1.00 17.53 ? 143 PHE A CD1 1 
ATOM   1064 C CD2 . PHE A 1 152 ? -7.753  -12.591 7.798   1.00 15.88 ? 143 PHE A CD2 1 
ATOM   1065 C CE1 . PHE A 1 152 ? -6.912  -13.933 5.526   1.00 19.88 ? 143 PHE A CE1 1 
ATOM   1066 C CE2 . PHE A 1 152 ? -8.700  -13.014 6.860   1.00 18.82 ? 143 PHE A CE2 1 
ATOM   1067 C CZ  . PHE A 1 152 ? -8.288  -13.690 5.715   1.00 18.72 ? 143 PHE A CZ  1 
ATOM   1068 N N   . PHE A 1 153 ? -3.518  -10.761 10.523  1.00 13.68 ? 144 PHE A N   1 
ATOM   1069 C CA  . PHE A 1 153 ? -2.916  -10.566 11.822  1.00 13.12 ? 144 PHE A CA  1 
ATOM   1070 C C   . PHE A 1 153 ? -3.150  -9.191  12.324  1.00 15.98 ? 144 PHE A C   1 
ATOM   1071 O O   . PHE A 1 153 ? -3.390  -9.041  13.490  1.00 15.15 ? 144 PHE A O   1 
ATOM   1072 C CB  . PHE A 1 153 ? -1.419  -10.813 11.839  1.00 15.05 ? 144 PHE A CB  1 
ATOM   1073 C CG  . PHE A 1 153 ? -0.876  -11.020 13.228  1.00 18.11 ? 144 PHE A CG  1 
ATOM   1074 C CD1 . PHE A 1 153 ? -1.184  -12.172 13.937  1.00 23.20 ? 144 PHE A CD1 1 
ATOM   1075 C CD2 . PHE A 1 153 ? -0.072  -10.085 13.826  1.00 18.39 ? 144 PHE A CD2 1 
ATOM   1076 C CE1 . PHE A 1 153 ? -0.698  -12.393 15.213  1.00 19.61 ? 144 PHE A CE1 1 
ATOM   1077 C CE2 . PHE A 1 153 ? 0.423   -10.304 15.127  1.00 19.80 ? 144 PHE A CE2 1 
ATOM   1078 C CZ  . PHE A 1 153 ? 0.104   -11.465 15.804  1.00 17.50 ? 144 PHE A CZ  1 
ATOM   1079 N N   . LEU A 1 154 ? -3.081  -8.194  11.450  1.00 10.97 ? 145 LEU A N   1 
ATOM   1080 C CA  . LEU A 1 154 ? -3.317  -6.800  11.814  1.00 12.99 ? 145 LEU A CA  1 
ATOM   1081 C C   . LEU A 1 154 ? -4.807  -6.648  12.262  1.00 16.92 ? 145 LEU A C   1 
ATOM   1082 O O   . LEU A 1 154 ? -5.121  -5.860  13.155  1.00 16.42 ? 145 LEU A O   1 
ATOM   1083 C CB  . LEU A 1 154 ? -3.016  -5.883  10.607  1.00 17.65 ? 145 LEU A CB  1 
ATOM   1084 C CG  . LEU A 1 154 ? -3.236  -4.380  10.657  1.00 14.09 ? 145 LEU A CG  1 
ATOM   1085 C CD1 . LEU A 1 154 ? -4.652  -4.064  10.769  1.00 24.13 ? 145 LEU A CD1 1 
ATOM   1086 C CD2 . LEU A 1 154 ? -2.453  -3.810  11.848  1.00 21.61 ? 145 LEU A CD2 1 
ATOM   1087 N N   . LEU A 1 155 ? -5.712  -7.370  11.603  1.00 14.34 ? 146 LEU A N   1 
ATOM   1088 C CA  . LEU A 1 155 ? -7.105  -7.340  11.984  1.00 14.73 ? 146 LEU A CA  1 
ATOM   1089 C C   . LEU A 1 155 ? -7.227  -8.011  13.369  1.00 13.46 ? 146 LEU A C   1 
ATOM   1090 O O   . LEU A 1 155 ? -7.885  -7.486  14.216  1.00 17.41 ? 146 LEU A O   1 
ATOM   1091 C CB  . LEU A 1 155 ? -7.965  -8.044  10.952  1.00 13.44 ? 146 LEU A CB  1 
ATOM   1092 C CG  . LEU A 1 155 ? -7.912  -7.230  9.674   1.00 12.46 ? 146 LEU A CG  1 
ATOM   1093 C CD1 . LEU A 1 155 ? -8.530  -8.074  8.595   1.00 11.21 ? 146 LEU A CD1 1 
ATOM   1094 C CD2 . LEU A 1 155 ? -8.691  -5.882  9.801   1.00 9.02  ? 146 LEU A CD2 1 
ATOM   1095 N N   . GLU A 1 156 ? -6.608  -9.161  13.598  1.00 13.36 ? 147 GLU A N   1 
ATOM   1096 C CA  . GLU A 1 156 ? -6.665  -9.736  14.945  1.00 17.17 ? 147 GLU A CA  1 
ATOM   1097 C C   . GLU A 1 156 ? -6.098  -8.726  15.979  1.00 18.33 ? 147 GLU A C   1 
ATOM   1098 O O   . GLU A 1 156 ? -6.695  -8.539  17.024  1.00 20.26 ? 147 GLU A O   1 
ATOM   1099 C CB  . GLU A 1 156 ? -5.921  -11.056 15.024  1.00 18.58 ? 147 GLU A CB  1 
ATOM   1100 C CG  . GLU A 1 156 ? -6.641  -12.200 14.347  1.00 23.69 ? 147 GLU A CG  1 
ATOM   1101 C CD  . GLU A 1 156 ? -5.733  -13.400 14.071  1.00 26.34 ? 147 GLU A CD  1 
ATOM   1102 O OE1 . GLU A 1 156 ? -4.515  -13.220 13.850  1.00 21.80 ? 147 GLU A OE1 1 
ATOM   1103 O OE2 . GLU A 1 156 ? -6.239  -14.527 14.052  1.00 34.24 ? 147 GLU A OE2 1 
ATOM   1104 N N   . MET A 1 157 ? -4.982  -8.056  15.700  1.00 15.47 ? 148 MET A N   1 
ATOM   1105 C CA  . MET A 1 157 ? -4.482  -7.088  16.667  1.00 18.77 ? 148 MET A CA  1 
ATOM   1106 C C   . MET A 1 157 ? -5.494  -5.985  16.857  1.00 22.23 ? 148 MET A C   1 
ATOM   1107 O O   . MET A 1 157 ? -5.769  -5.546  17.963  1.00 22.18 ? 148 MET A O   1 
ATOM   1108 C CB  . MET A 1 157 ? -3.171  -6.475  16.222  1.00 21.48 ? 148 MET A CB  1 
ATOM   1109 C CG  . MET A 1 157 ? -1.982  -7.350  16.412  1.00 22.82 ? 148 MET A CG  1 
ATOM   1110 S SD  . MET A 1 157 ? -0.735  -6.620  15.432  1.00 34.57 ? 148 MET A SD  1 
ATOM   1111 C CE  . MET A 1 157 ? -0.544  -5.095  16.329  1.00 28.42 ? 148 MET A CE  1 
ATOM   1112 N N   . LEU A 1 158 ? -6.058  -5.500  15.783  1.00 18.66 ? 149 LEU A N   1 
ATOM   1113 C CA  . LEU A 1 158 ? -7.064  -4.471  15.956  1.00 20.93 ? 149 LEU A CA  1 
ATOM   1114 C C   . LEU A 1 158 ? -8.288  -4.936  16.806  1.00 21.92 ? 149 LEU A C   1 
ATOM   1115 O O   . LEU A 1 158 ? -8.756  -4.225  17.664  1.00 16.25 ? 149 LEU A O   1 
ATOM   1116 C CB  . LEU A 1 158 ? -7.509  -3.992  14.595  1.00 18.81 ? 149 LEU A CB  1 
ATOM   1117 C CG  . LEU A 1 158 ? -6.463  -3.238  13.781  1.00 16.51 ? 149 LEU A CG  1 
ATOM   1118 C CD1 . LEU A 1 158 ? -7.083  -2.902  12.444  1.00 9.36  ? 149 LEU A CD1 1 
ATOM   1119 C CD2 . LEU A 1 158 ? -6.045  -2.014  14.467  1.00 12.89 ? 149 LEU A CD2 1 
ATOM   1120 N N   . ARG A 1 159 ? -8.776  -6.142  16.547  1.00 18.97 ? 150 ARG A N   1 
ATOM   1121 C CA  . ARG A 1 159 ? -9.920  -6.708  17.237  1.00 24.63 ? 150 ARG A CA  1 
ATOM   1122 C C   . ARG A 1 159 ? -9.649  -6.788  18.754  1.00 24.87 ? 150 ARG A C   1 
ATOM   1123 O O   . ARG A 1 159 ? -10.471 -6.399  19.565  1.00 20.56 ? 150 ARG A O   1 
ATOM   1124 C CB  . ARG A 1 159 ? -10.173 -8.101  16.691  1.00 17.81 ? 150 ARG A CB  1 
ATOM   1125 C CG  . ARG A 1 159 ? -11.393 -8.755  17.221  1.00 21.55 ? 150 ARG A CG  1 
ATOM   1126 C CD  . ARG A 1 159 ? -11.269 -10.266 17.085  1.00 16.72 ? 150 ARG A CD  1 
ATOM   1127 N NE  . ARG A 1 159 ? -10.013 -10.745 17.686  1.00 24.55 ? 150 ARG A NE  1 
ATOM   1128 C CZ  . ARG A 1 159 ? -9.378  -11.857 17.320  1.00 21.13 ? 150 ARG A CZ  1 
ATOM   1129 N NH1 . ARG A 1 159 ? -9.871  -12.635 16.338  1.00 22.63 ? 150 ARG A NH1 1 
ATOM   1130 N NH2 . ARG A 1 159 ? -8.242  -12.184 17.919  1.00 20.71 ? 150 ARG A NH2 1 
ATOM   1131 N N   . ASP A 1 160 ? -8.456  -7.276  19.073  1.00 24.55 ? 151 ASP A N   1 
ATOM   1132 C CA  . ASP A 1 160 ? -7.966  -7.484  20.411  1.00 22.76 ? 151 ASP A CA  1 
ATOM   1133 C C   . ASP A 1 160 ? -7.467  -6.245  21.142  1.00 23.69 ? 151 ASP A C   1 
ATOM   1134 O O   . ASP A 1 160 ? -6.705  -6.342  22.104  1.00 26.42 ? 151 ASP A O   1 
ATOM   1135 C CB  . ASP A 1 160 ? -6.864  -8.522  20.349  1.00 23.86 ? 151 ASP A CB  1 
ATOM   1136 C CG  . ASP A 1 160 ? -7.384  -9.882  19.914  1.00 21.97 ? 151 ASP A CG  1 
ATOM   1137 O OD1 . ASP A 1 160 ? -6.544  -10.791 19.711  1.00 29.21 ? 151 ASP A OD1 1 
ATOM   1138 O OD2 . ASP A 1 160 ? -8.629  -10.017 19.776  1.00 24.41 ? 151 ASP A OD2 1 
ATOM   1139 N N   . GLY A 1 161 ? -7.878  -5.085  20.638  1.00 25.77 ? 152 GLY A N   1 
ATOM   1140 C CA  . GLY A 1 161 ? -7.565  -3.819  21.267  1.00 26.03 ? 152 GLY A CA  1 
ATOM   1141 C C   . GLY A 1 161 ? -6.320  -3.063  20.883  1.00 29.25 ? 152 GLY A C   1 
ATOM   1142 O O   . GLY A 1 161 ? -5.978  -2.105  21.572  1.00 30.04 ? 152 GLY A O   1 
ATOM   1143 N N   . ALA A 1 162 ? -5.640  -3.464  19.817  1.00 24.23 ? 153 ALA A N   1 
ATOM   1144 C CA  . ALA A 1 162 ? -4.431  -2.757  19.445  1.00 24.54 ? 153 ALA A CA  1 
ATOM   1145 C C   . ALA A 1 162 ? -4.736  -1.295  19.056  1.00 22.37 ? 153 ALA A C   1 
ATOM   1146 O O   . ALA A 1 162 ? -5.831  -0.981  18.677  1.00 27.40 ? 153 ALA A O   1 
ATOM   1147 C CB  . ALA A 1 162 ? -3.758  -3.492  18.299  1.00 19.97 ? 153 ALA A CB  1 
ATOM   1148 N N   . PRO A 1 163 ? -3.775  -0.381  19.191  1.00 19.13 ? 154 PRO A N   1 
ATOM   1149 C CA  . PRO A 1 163 ? -4.073  1.019   18.806  1.00 18.94 ? 154 PRO A CA  1 
ATOM   1150 C C   . PRO A 1 163 ? -4.258  1.058   17.281  1.00 20.30 ? 154 PRO A C   1 
ATOM   1151 O O   . PRO A 1 163 ? -3.616  0.302   16.562  1.00 11.56 ? 154 PRO A O   1 
ATOM   1152 C CB  . PRO A 1 163 ? -2.835  1.793   19.246  1.00 17.83 ? 154 PRO A CB  1 
ATOM   1153 C CG  . PRO A 1 163 ? -2.340  0.909   20.483  1.00 25.82 ? 154 PRO A CG  1 
ATOM   1154 C CD  . PRO A 1 163 ? -2.502  -0.484  19.918  1.00 23.40 ? 154 PRO A CD  1 
ATOM   1155 N N   . LYS A 1 164 ? -5.060  1.987   16.800  1.00 14.94 ? 155 LYS A N   1 
ATOM   1156 C CA  . LYS A 1 164 ? -5.402  2.037   15.392  1.00 21.39 ? 155 LYS A CA  1 
ATOM   1157 C C   . LYS A 1 164 ? -4.505  2.877   14.477  1.00 18.71 ? 155 LYS A C   1 
ATOM   1158 O O   . LYS A 1 164 ? -4.076  3.974   14.848  1.00 13.18 ? 155 LYS A O   1 
ATOM   1159 C CB  . LYS A 1 164 ? -6.840  2.536   15.276  1.00 19.53 ? 155 LYS A CB  1 
ATOM   1160 C CG  . LYS A 1 164 ? -7.920  1.656   15.922  1.00 23.92 ? 155 LYS A CG  1 
ATOM   1161 C CD  . LYS A 1 164 ? -9.272  2.344   15.807  1.00 30.98 ? 155 LYS A CD  1 
ATOM   1162 C CE  . LYS A 1 164 ? -10.436 1.442   16.285  1.00 26.48 ? 155 LYS A CE  1 
ATOM   1163 N NZ  . LYS A 1 164 ? -10.114 0.892   17.596  1.00 22.72 ? 155 LYS A NZ  1 
ATOM   1164 N N   . PRO A 1 165 ? -4.217  2.348   13.268  1.00 18.97 ? 156 PRO A N   1 
ATOM   1165 C CA  . PRO A 1 165 ? -3.381  3.030   12.257  1.00 16.38 ? 156 PRO A CA  1 
ATOM   1166 C C   . PRO A 1 165 ? -4.274  4.126   11.728  1.00 14.86 ? 156 PRO A C   1 
ATOM   1167 O O   . PRO A 1 165 ? -5.503  4.035   11.911  1.00 14.67 ? 156 PRO A O   1 
ATOM   1168 C CB  . PRO A 1 165 ? -3.154  1.971   11.171  1.00 13.82 ? 156 PRO A CB  1 
ATOM   1169 C CG  . PRO A 1 165 ? -3.434  0.648   11.869  1.00 18.83 ? 156 PRO A CG  1 
ATOM   1170 C CD  . PRO A 1 165 ? -4.535  0.960   12.886  1.00 20.01 ? 156 PRO A CD  1 
ATOM   1171 N N   . ALA A 1 166 ? -3.686  5.160   11.125  1.00 13.79 ? 157 ALA A N   1 
ATOM   1172 C CA  . ALA A 1 166 ? -4.498  6.211   10.515  1.00 14.27 ? 157 ALA A CA  1 
ATOM   1173 C C   . ALA A 1 166 ? -5.097  5.669   9.189   1.00 17.34 ? 157 ALA A C   1 
ATOM   1174 O O   . ALA A 1 166 ? -6.203  6.057   8.801   1.00 14.81 ? 157 ALA A O   1 
ATOM   1175 C CB  . ALA A 1 166 ? -3.655  7.477   10.238  1.00 19.69 ? 157 ALA A CB  1 
ATOM   1176 N N   . ALA A 1 167 ? -4.382  4.775   8.497   1.00 16.81 ? 158 ALA A N   1 
ATOM   1177 C CA  . ALA A 1 167 ? -4.886  4.213   7.236   1.00 15.91 ? 158 ALA A CA  1 
ATOM   1178 C C   . ALA A 1 167 ? -4.190  2.914   6.965   1.00 16.66 ? 158 ALA A C   1 
ATOM   1179 O O   . ALA A 1 167 ? -3.007  2.701   7.328   1.00 13.44 ? 158 ALA A O   1 
ATOM   1180 C CB  . ALA A 1 167 ? -4.658  5.194   6.044   1.00 19.25 ? 158 ALA A CB  1 
ATOM   1181 N N   . ILE A 1 168 ? -4.923  2.023   6.330   1.00 9.75  ? 159 ILE A N   1 
ATOM   1182 C CA  . ILE A 1 168 ? -4.369  0.725   5.990   1.00 12.79 ? 159 ILE A CA  1 
ATOM   1183 C C   . ILE A 1 168 ? -4.460  0.474   4.464   1.00 13.92 ? 159 ILE A C   1 
ATOM   1184 O O   . ILE A 1 168 ? -5.557  0.460   3.906   1.00 16.73 ? 159 ILE A O   1 
ATOM   1185 C CB  . ILE A 1 168 ? -5.130  -0.428  6.665   1.00 14.71 ? 159 ILE A CB  1 
ATOM   1186 C CG1 . ILE A 1 168 ? -5.091  -0.297  8.202   1.00 13.12 ? 159 ILE A CG1 1 
ATOM   1187 C CG2 . ILE A 1 168 ? -4.579  -1.766  6.171   1.00 7.94  ? 159 ILE A CG2 1 
ATOM   1188 C CD1 . ILE A 1 168 ? -6.190  -1.161  8.847   1.00 13.16 ? 159 ILE A CD1 1 
ATOM   1189 N N   . LEU A 1 169 ? -3.320  0.294   3.808   1.00 13.58 ? 160 LEU A N   1 
ATOM   1190 C CA  . LEU A 1 169 ? -3.290  -0.082  2.383   1.00 13.00 ? 160 LEU A CA  1 
ATOM   1191 C C   . LEU A 1 169 ? -3.298  -1.614  2.443   1.00 14.05 ? 160 LEU A C   1 
ATOM   1192 O O   . LEU A 1 169 ? -2.301  -2.262  2.768   1.00 16.56 ? 160 LEU A O   1 
ATOM   1193 C CB  . LEU A 1 169 ? -2.011  0.380   1.676   1.00 17.01 ? 160 LEU A CB  1 
ATOM   1194 C CG  . LEU A 1 169 ? -1.605  1.824   1.352   1.00 20.40 ? 160 LEU A CG  1 
ATOM   1195 C CD1 . LEU A 1 169 ? -2.190  2.236   0.069   1.00 27.31 ? 160 LEU A CD1 1 
ATOM   1196 C CD2 . LEU A 1 169 ? -1.999  2.800   2.452   1.00 20.28 ? 160 LEU A CD2 1 
ATOM   1197 N N   . GLY A 1 170 ? -4.449  -2.188  2.183   1.00 9.02  ? 161 GLY A N   1 
ATOM   1198 C CA  . GLY A 1 170 ? -4.565  -3.625  2.190   1.00 12.18 ? 161 GLY A CA  1 
ATOM   1199 C C   . GLY A 1 170 ? -4.441  -4.115  0.740   1.00 9.64  ? 161 GLY A C   1 
ATOM   1200 O O   . GLY A 1 170 ? -5.448  -4.265  0.096   1.00 13.21 ? 161 GLY A O   1 
ATOM   1201 N N   . MET A 1 171 ? -3.228  -4.391  0.281   1.00 14.61 ? 162 MET A N   1 
ATOM   1202 C CA  . MET A 1 171 ? -2.970  -4.796  -1.092  1.00 16.11 ? 162 MET A CA  1 
ATOM   1203 C C   . MET A 1 171 ? -2.094  -5.996  -1.206  1.00 11.65 ? 162 MET A C   1 
ATOM   1204 O O   . MET A 1 171 ? -1.241  -6.027  -2.057  1.00 15.45 ? 162 MET A O   1 
ATOM   1205 C CB  . MET A 1 171 ? -2.307  -3.665  -1.892  1.00 7.92  ? 162 MET A CB  1 
ATOM   1206 C CG  . MET A 1 171 ? -3.077  -2.385  -1.821  1.00 18.00 ? 162 MET A CG  1 
ATOM   1207 S SD  . MET A 1 171 ? -2.543  -0.947  -2.791  1.00 16.77 ? 162 MET A SD  1 
ATOM   1208 C CE  . MET A 1 171 ? -1.460  -0.350  -1.691  1.00 35.87 ? 162 MET A CE  1 
ATOM   1209 N N   . PRO A 1 172 ? -2.252  -6.975  -0.307  1.00 7.94  ? 163 PRO A N   1 
ATOM   1210 C CA  . PRO A 1 172 ? -1.385  -8.124  -0.484  1.00 7.11  ? 163 PRO A CA  1 
ATOM   1211 C C   . PRO A 1 172 ? -1.842  -8.761  -1.799  1.00 10.24 ? 163 PRO A C   1 
ATOM   1212 O O   . PRO A 1 172 ? -3.034  -8.680  -2.177  1.00 12.61 ? 163 PRO A O   1 
ATOM   1213 C CB  . PRO A 1 172 ? -1.710  -9.015  0.716   1.00 10.62 ? 163 PRO A CB  1 
ATOM   1214 C CG  . PRO A 1 172 ? -3.155  -8.584  1.083   1.00 9.54  ? 163 PRO A CG  1 
ATOM   1215 C CD  . PRO A 1 172 ? -3.143  -7.122  0.857   1.00 11.63 ? 163 PRO A CD  1 
ATOM   1216 N N   . VAL A 1 173 ? -0.891  -9.360  -2.527  1.00 15.34 ? 164 VAL A N   1 
ATOM   1217 C CA  . VAL A 1 173 ? -1.223  -10.012 -3.811  1.00 15.54 ? 164 VAL A CA  1 
ATOM   1218 C C   . VAL A 1 173 ? -1.227  -11.495 -3.456  1.00 13.66 ? 164 VAL A C   1 
ATOM   1219 O O   . VAL A 1 173 ? -0.591  -11.880 -2.490  1.00 15.38 ? 164 VAL A O   1 
ATOM   1220 C CB  . VAL A 1 173 ? -0.090  -9.810  -4.828  1.00 17.35 ? 164 VAL A CB  1 
ATOM   1221 C CG1 . VAL A 1 173 ? 1.219   -10.456 -4.263  1.00 19.45 ? 164 VAL A CG1 1 
ATOM   1222 C CG2 . VAL A 1 173 ? -0.440  -10.431 -6.147  1.00 16.39 ? 164 VAL A CG2 1 
ATOM   1223 N N   . GLY A 1 174 ? -1.915  -12.329 -4.240  1.00 10.42 ? 165 GLY A N   1 
ATOM   1224 C CA  . GLY A 1 174 ? -1.843  -13.739 -3.944  1.00 12.99 ? 165 GLY A CA  1 
ATOM   1225 C C   . GLY A 1 174 ? -3.119  -14.504 -4.154  1.00 11.51 ? 165 GLY A C   1 
ATOM   1226 O O   . GLY A 1 174 ? -4.218  -13.967 -4.353  1.00 11.35 ? 165 GLY A O   1 
ATOM   1227 N N   . PHE A 1 175 ? -2.934  -15.816 -4.071  1.00 13.38 ? 166 PHE A N   1 
ATOM   1228 C CA  . PHE A 1 175 ? -3.994  -16.760 -4.260  1.00 13.60 ? 166 PHE A CA  1 
ATOM   1229 C C   . PHE A 1 175 ? -4.502  -17.363 -2.957  1.00 14.55 ? 166 PHE A C   1 
ATOM   1230 O O   . PHE A 1 175 ? -5.553  -17.953 -2.925  1.00 15.66 ? 166 PHE A O   1 
ATOM   1231 C CB  . PHE A 1 175 ? -3.469  -17.842 -5.185  1.00 14.49 ? 166 PHE A CB  1 
ATOM   1232 C CG  . PHE A 1 175 ? -3.026  -17.307 -6.522  1.00 18.92 ? 166 PHE A CG  1 
ATOM   1233 C CD1 . PHE A 1 175 ? -1.781  -16.715 -6.660  1.00 18.94 ? 166 PHE A CD1 1 
ATOM   1234 C CD2 . PHE A 1 175 ? -3.903  -17.317 -7.612  1.00 19.58 ? 166 PHE A CD2 1 
ATOM   1235 C CE1 . PHE A 1 175 ? -1.400  -16.131 -7.872  1.00 22.69 ? 166 PHE A CE1 1 
ATOM   1236 C CE2 . PHE A 1 175 ? -3.540  -16.737 -8.796  1.00 22.87 ? 166 PHE A CE2 1 
ATOM   1237 C CZ  . PHE A 1 175 ? -2.254  -16.128 -8.936  1.00 13.46 ? 166 PHE A CZ  1 
ATOM   1238 N N   . VAL A 1 176 ? -3.728  -17.219 -1.891  1.00 15.08 ? 167 VAL A N   1 
ATOM   1239 C CA  . VAL A 1 176 ? -4.107  -17.772 -0.590  1.00 17.75 ? 167 VAL A CA  1 
ATOM   1240 C C   . VAL A 1 176 ? -4.339  -16.731 0.502   1.00 17.24 ? 167 VAL A C   1 
ATOM   1241 O O   . VAL A 1 176 ? -3.405  -16.250 1.128   1.00 17.15 ? 167 VAL A O   1 
ATOM   1242 C CB  . VAL A 1 176 ? -3.057  -18.714 -0.065  1.00 20.69 ? 167 VAL A CB  1 
ATOM   1243 C CG1 . VAL A 1 176 ? -3.399  -19.096 1.383   1.00 21.60 ? 167 VAL A CG1 1 
ATOM   1244 C CG2 . VAL A 1 176 ? -2.973  -19.934 -0.925  1.00 18.82 ? 167 VAL A CG2 1 
ATOM   1245 N N   . GLY A 1 177 ? -5.580  -16.363 0.716   1.00 12.77 ? 168 GLY A N   1 
ATOM   1246 C CA  . GLY A 1 177 ? -5.820  -15.439 1.787   1.00 12.71 ? 168 GLY A CA  1 
ATOM   1247 C C   . GLY A 1 177 ? -5.750  -13.993 1.370   1.00 14.30 ? 168 GLY A C   1 
ATOM   1248 O O   . GLY A 1 177 ? -6.263  -13.137 2.117   1.00 11.66 ? 168 GLY A O   1 
ATOM   1249 N N   . ALA A 1 178 ? -5.184  -13.733 0.182   1.00 11.42 ? 169 ALA A N   1 
ATOM   1250 C CA  . ALA A 1 178 ? -5.111  -12.386 -0.320  1.00 11.54 ? 169 ALA A CA  1 
ATOM   1251 C C   . ALA A 1 178 ? -6.508  -11.786 -0.461  1.00 12.91 ? 169 ALA A C   1 
ATOM   1252 O O   . ALA A 1 178 ? -6.793  -10.727 0.119   1.00 13.92 ? 169 ALA A O   1 
ATOM   1253 C CB  . ALA A 1 178 ? -4.337  -12.320 -1.729  1.00 13.06 ? 169 ALA A CB  1 
ATOM   1254 N N   . ALA A 1 179 ? -7.392  -12.430 -1.225  1.00 12.25 ? 170 ALA A N   1 
ATOM   1255 C CA  . ALA A 1 179 ? -8.712  -11.835 -1.391  1.00 10.97 ? 170 ALA A CA  1 
ATOM   1256 C C   . ALA A 1 179 ? -9.478  -11.776 -0.044  1.00 8.63  ? 170 ALA A C   1 
ATOM   1257 O O   . ALA A 1 179 ? -9.997  -10.737 0.304   1.00 16.91 ? 170 ALA A O   1 
ATOM   1258 C CB  . ALA A 1 179 ? -9.515  -12.597 -2.395  1.00 10.13 ? 170 ALA A CB  1 
ATOM   1259 N N   . GLU A 1 180 ? -9.489  -12.879 0.707   1.00 8.22  ? 171 GLU A N   1 
ATOM   1260 C CA  . GLU A 1 180 ? -10.231 -12.862 1.950   1.00 14.01 ? 171 GLU A CA  1 
ATOM   1261 C C   . GLU A 1 180 ? -9.740  -11.883 2.989   1.00 9.24  ? 171 GLU A C   1 
ATOM   1262 O O   . GLU A 1 180 ? -10.541 -11.258 3.636   1.00 14.46 ? 171 GLU A O   1 
ATOM   1263 C CB  . GLU A 1 180 ? -10.400 -14.274 2.570   1.00 14.32 ? 171 GLU A CB  1 
ATOM   1264 C CG  . GLU A 1 180 ? -9.321  -15.251 2.272   1.00 28.55 ? 171 GLU A CG  1 
ATOM   1265 C CD  . GLU A 1 180 ? -9.249  -15.593 0.796   1.00 30.45 ? 171 GLU A CD  1 
ATOM   1266 O OE1 . GLU A 1 180 ? -10.075 -16.395 0.322   1.00 32.75 ? 171 GLU A OE1 1 
ATOM   1267 O OE2 . GLU A 1 180 ? -8.361  -15.035 0.120   1.00 25.19 ? 171 GLU A OE2 1 
ATOM   1268 N N   . SER A 1 181 ? -8.432  -11.715 3.102   1.00 14.11 ? 172 SER A N   1 
ATOM   1269 C CA  . SER A 1 181 ? -7.907  -10.806 4.085   1.00 10.53 ? 172 SER A CA  1 
ATOM   1270 C C   . SER A 1 181 ? -8.358  -9.401  3.691   1.00 11.32 ? 172 SER A C   1 
ATOM   1271 O O   . SER A 1 181 ? -8.718  -8.586  4.557   1.00 10.39 ? 172 SER A O   1 
ATOM   1272 C CB  . SER A 1 181 ? -6.378  -10.854 4.123   1.00 16.34 ? 172 SER A CB  1 
ATOM   1273 O OG  . SER A 1 181 ? -5.821  -10.230 3.003   1.00 11.52 ? 172 SER A OG  1 
ATOM   1274 N N   . LYS A 1 182 ? -8.356  -9.103  2.395   1.00 8.80  ? 173 LYS A N   1 
ATOM   1275 C CA  . LYS A 1 182 ? -8.740  -7.778  1.965   1.00 13.01 ? 173 LYS A CA  1 
ATOM   1276 C C   . LYS A 1 182 ? -10.256 -7.577  2.163   1.00 13.22 ? 173 LYS A C   1 
ATOM   1277 O O   . LYS A 1 182 ? -10.721 -6.480  2.447   1.00 17.24 ? 173 LYS A O   1 
ATOM   1278 C CB  . LYS A 1 182 ? -8.280  -7.565  0.506   1.00 15.39 ? 173 LYS A CB  1 
ATOM   1279 C CG  . LYS A 1 182 ? -6.753  -7.359  0.477   1.00 18.88 ? 173 LYS A CG  1 
ATOM   1280 C CD  . LYS A 1 182 ? -6.165  -7.244  -0.900  1.00 18.74 ? 173 LYS A CD  1 
ATOM   1281 C CE  . LYS A 1 182 ? -6.235  -8.547  -1.595  1.00 17.84 ? 173 LYS A CE  1 
ATOM   1282 N NZ  . LYS A 1 182 ? -5.707  -8.351  -2.932  1.00 13.34 ? 173 LYS A NZ  1 
ATOM   1283 N N   . ASP A 1 183 ? -10.992 -8.663  2.047   1.00 15.80 ? 174 ASP A N   1 
ATOM   1284 C CA  . ASP A 1 183 ? -12.419 -8.667  2.248   1.00 19.19 ? 174 ASP A CA  1 
ATOM   1285 C C   . ASP A 1 183 ? -12.687 -8.467  3.723   1.00 18.85 ? 174 ASP A C   1 
ATOM   1286 O O   . ASP A 1 183 ? -13.599 -7.746  4.081   1.00 26.75 ? 174 ASP A O   1 
ATOM   1287 C CB  . ASP A 1 183 ? -13.039 -10.007 1.829   1.00 22.38 ? 174 ASP A CB  1 
ATOM   1288 C CG  . ASP A 1 183 ? -13.653 -9.937  0.456   1.00 31.26 ? 174 ASP A CG  1 
ATOM   1289 O OD1 . ASP A 1 183 ? -14.331 -8.929  0.192   1.00 39.42 ? 174 ASP A OD1 1 
ATOM   1290 O OD2 . ASP A 1 183 ? -13.460 -10.864 -0.351  1.00 31.55 ? 174 ASP A OD2 1 
ATOM   1291 N N   . ALA A 1 184 ? -11.904 -9.123  4.570   1.00 16.77 ? 175 ALA A N   1 
ATOM   1292 C CA  . ALA A 1 184 ? -12.113 -8.971  5.999   1.00 21.33 ? 175 ALA A CA  1 
ATOM   1293 C C   . ALA A 1 184 ? -11.876 -7.535  6.321   1.00 15.74 ? 175 ALA A C   1 
ATOM   1294 O O   . ALA A 1 184 ? -12.633 -6.959  7.076   1.00 18.26 ? 175 ALA A O   1 
ATOM   1295 C CB  . ALA A 1 184 ? -11.180 -9.783  6.743   1.00 14.77 ? 175 ALA A CB  1 
ATOM   1296 N N   . LEU A 1 185 ? -10.841 -6.945  5.729   1.00 18.50 ? 176 LEU A N   1 
ATOM   1297 C CA  . LEU A 1 185 ? -10.510 -5.552  5.994   1.00 18.33 ? 176 LEU A CA  1 
ATOM   1298 C C   . LEU A 1 185 ? -11.690 -4.658  5.663   1.00 18.14 ? 176 LEU A C   1 
ATOM   1299 O O   . LEU A 1 185 ? -12.117 -3.824  6.494   1.00 16.68 ? 176 LEU A O   1 
ATOM   1300 C CB  . LEU A 1 185 ? -9.303  -5.108  5.162   1.00 19.47 ? 176 LEU A CB  1 
ATOM   1301 C CG  . LEU A 1 185 ? -8.609  -3.811  5.547   1.00 23.54 ? 176 LEU A CG  1 
ATOM   1302 C CD1 . LEU A 1 185 ? -7.622  -3.449  4.456   1.00 19.46 ? 176 LEU A CD1 1 
ATOM   1303 C CD2 . LEU A 1 185 ? -9.613  -2.695  5.736   1.00 32.17 ? 176 LEU A CD2 1 
ATOM   1304 N N   . ALA A 1 186 ? -12.236 -4.856  4.477   1.00 14.17 ? 177 ALA A N   1 
ATOM   1305 C CA  . ALA A 1 186 ? -13.350 -4.062  4.004   1.00 19.59 ? 177 ALA A CA  1 
ATOM   1306 C C   . ALA A 1 186 ? -14.617 -4.269  4.840   1.00 17.89 ? 177 ALA A C   1 
ATOM   1307 O O   . ALA A 1 186 ? -15.384 -3.363  4.953   1.00 20.96 ? 177 ALA A O   1 
ATOM   1308 C CB  . ALA A 1 186 ? -13.639 -4.377  2.529   1.00 20.46 ? 177 ALA A CB  1 
ATOM   1309 N N   . GLU A 1 187 ? -14.823 -5.469  5.386   1.00 20.75 ? 178 GLU A N   1 
ATOM   1310 C CA  . GLU A 1 187 ? -15.992 -5.772  6.232   1.00 25.77 ? 178 GLU A CA  1 
ATOM   1311 C C   . GLU A 1 187 ? -15.967 -4.993  7.548   1.00 20.39 ? 178 GLU A C   1 
ATOM   1312 O O   . GLU A 1 187 ? -16.973 -4.481  7.978   1.00 21.23 ? 178 GLU A O   1 
ATOM   1313 C CB  . GLU A 1 187 ? -16.054 -7.250  6.641   1.00 26.69 ? 178 GLU A CB  1 
ATOM   1314 C CG  . GLU A 1 187 ? -16.588 -8.238  5.614   1.00 42.06 ? 178 GLU A CG  1 
ATOM   1315 C CD  . GLU A 1 187 ? -16.250 -9.693  5.985   1.00 40.94 ? 178 GLU A CD  1 
ATOM   1316 O OE1 . GLU A 1 187 ? -17.071 -10.378 6.639   1.00 47.42 ? 178 GLU A OE1 1 
ATOM   1317 O OE2 . GLU A 1 187 ? -15.135 -10.149 5.632   1.00 44.45 ? 178 GLU A OE2 1 
ATOM   1318 N N   . ASN A 1 188 ? -14.812 -4.928  8.174   1.00 19.45 ? 179 ASN A N   1 
ATOM   1319 C CA  . ASN A 1 188 ? -14.662 -4.280  9.482   1.00 17.01 ? 179 ASN A CA  1 
ATOM   1320 C C   . ASN A 1 188 ? -13.214 -3.959  9.596   1.00 14.41 ? 179 ASN A C   1 
ATOM   1321 O O   . ASN A 1 188 ? -12.389 -4.846  9.851   1.00 15.83 ? 179 ASN A O   1 
ATOM   1322 C CB  . ASN A 1 188 ? -15.019 -5.269  10.610  1.00 17.65 ? 179 ASN A CB  1 
ATOM   1323 C CG  . ASN A 1 188 ? -14.905 -4.647  12.009  1.00 15.57 ? 179 ASN A CG  1 
ATOM   1324 O OD1 . ASN A 1 188 ? -14.688 -3.445  12.154  1.00 23.80 ? 179 ASN A OD1 1 
ATOM   1325 N ND2 . ASN A 1 188 ? -15.052 -5.473  13.038  1.00 21.73 ? 179 ASN A ND2 1 
ATOM   1326 N N   . SER A 1 189 ? -12.856 -2.708  9.368   1.00 14.51 ? 180 SER A N   1 
ATOM   1327 C CA  . SER A 1 189 ? -11.454 -2.419  9.513   1.00 20.47 ? 180 SER A CA  1 
ATOM   1328 C C   . SER A 1 189 ? -11.269 -1.798  10.900  1.00 23.79 ? 180 SER A C   1 
ATOM   1329 O O   . SER A 1 189 ? -10.314 -1.049  11.144  1.00 26.19 ? 180 SER A O   1 
ATOM   1330 C CB  . SER A 1 189 ? -11.007 -1.483  8.412   1.00 17.27 ? 180 SER A CB  1 
ATOM   1331 O OG  . SER A 1 189 ? -11.777 -0.317  8.351   1.00 18.31 ? 180 SER A OG  1 
ATOM   1332 N N   . TYR A 1 190 ? -12.206 -2.097  11.804  1.00 22.51 ? 181 TYR A N   1 
ATOM   1333 C CA  . TYR A 1 190 ? -12.138 -1.518  13.134  1.00 20.60 ? 181 TYR A CA  1 
ATOM   1334 C C   . TYR A 1 190 ? -12.011 -0.010  13.084  1.00 19.75 ? 181 TYR A C   1 
ATOM   1335 O O   . TYR A 1 190 ? -11.229 0.568   13.802  1.00 19.88 ? 181 TYR A O   1 
ATOM   1336 C CB  . TYR A 1 190 ? -10.960 -2.114  13.871  1.00 19.02 ? 181 TYR A CB  1 
ATOM   1337 C CG  . TYR A 1 190 ? -11.179 -3.579  14.025  1.00 20.80 ? 181 TYR A CG  1 
ATOM   1338 C CD1 . TYR A 1 190 ? -10.759 -4.470  13.046  1.00 21.03 ? 181 TYR A CD1 1 
ATOM   1339 C CD2 . TYR A 1 190 ? -11.952 -4.073  15.075  1.00 21.22 ? 181 TYR A CD2 1 
ATOM   1340 C CE1 . TYR A 1 190 ? -11.099 -5.791  13.103  1.00 17.50 ? 181 TYR A CE1 1 
ATOM   1341 C CE2 . TYR A 1 190 ? -12.304 -5.427  15.134  1.00 19.37 ? 181 TYR A CE2 1 
ATOM   1342 C CZ  . TYR A 1 190 ? -11.871 -6.276  14.144  1.00 19.45 ? 181 TYR A CZ  1 
ATOM   1343 O OH  . TYR A 1 190 ? -12.223 -7.600  14.195  1.00 18.93 ? 181 TYR A OH  1 
ATOM   1344 N N   . GLY A 1 191 ? -12.781 0.624   12.216  1.00 20.23 ? 182 GLY A N   1 
ATOM   1345 C CA  . GLY A 1 191 ? -12.743 2.082   12.127  1.00 20.36 ? 182 GLY A CA  1 
ATOM   1346 C C   . GLY A 1 191 ? -11.546 2.750   11.409  1.00 17.64 ? 182 GLY A C   1 
ATOM   1347 O O   . GLY A 1 191 ? -11.341 3.951   11.561  1.00 16.68 ? 182 GLY A O   1 
ATOM   1348 N N   . VAL A 1 192 ? -10.767 2.010   10.632  1.00 14.60 ? 183 VAL A N   1 
ATOM   1349 C CA  . VAL A 1 192 ? -9.627  2.653   9.966   1.00 15.90 ? 183 VAL A CA  1 
ATOM   1350 C C   . VAL A 1 192 ? -9.829  2.744   8.468   1.00 10.76 ? 183 VAL A C   1 
ATOM   1351 O O   . VAL A 1 192 ? -10.236 1.780   7.834   1.00 15.12 ? 183 VAL A O   1 
ATOM   1352 C CB  . VAL A 1 192 ? -8.340  1.906   10.247  1.00 20.72 ? 183 VAL A CB  1 
ATOM   1353 C CG1 . VAL A 1 192 ? -8.573  0.474   9.990   1.00 25.39 ? 183 VAL A CG1 1 
ATOM   1354 C CG2 . VAL A 1 192 ? -7.175  2.468   9.382   1.00 15.03 ? 183 VAL A CG2 1 
ATOM   1355 N N   . PRO A 1 193 ? -9.636  3.938   7.913   1.00 11.43 ? 184 PRO A N   1 
ATOM   1356 C CA  . PRO A 1 193 ? -9.790  4.122   6.465   1.00 12.77 ? 184 PRO A CA  1 
ATOM   1357 C C   . PRO A 1 193 ? -8.894  3.048   5.809   1.00 18.20 ? 184 PRO A C   1 
ATOM   1358 O O   . PRO A 1 193 ? -7.859  2.627   6.393   1.00 19.79 ? 184 PRO A O   1 
ATOM   1359 C CB  . PRO A 1 193 ? -9.246  5.529   6.220   1.00 13.44 ? 184 PRO A CB  1 
ATOM   1360 C CG  . PRO A 1 193 ? -9.490  6.259   7.505   1.00 15.02 ? 184 PRO A CG  1 
ATOM   1361 C CD  . PRO A 1 193 ? -9.287  5.190   8.606   1.00 11.91 ? 184 PRO A CD  1 
ATOM   1362 N N   . PHE A 1 194 ? -9.276  2.571   4.638   1.00 16.27 ? 185 PHE A N   1 
ATOM   1363 C CA  . PHE A 1 194 ? -8.483  1.528   3.986   1.00 16.98 ? 185 PHE A CA  1 
ATOM   1364 C C   . PHE A 1 194 ? -8.555  1.694   2.512   1.00 14.22 ? 185 PHE A C   1 
ATOM   1365 O O   . PHE A 1 194 ? -9.359  2.443   2.022   1.00 16.74 ? 185 PHE A O   1 
ATOM   1366 C CB  . PHE A 1 194 ? -9.017  0.127   4.320   1.00 15.14 ? 185 PHE A CB  1 
ATOM   1367 C CG  . PHE A 1 194 ? -10.482 -0.075  3.943   1.00 15.71 ? 185 PHE A CG  1 
ATOM   1368 C CD1 . PHE A 1 194 ? -10.840 -0.517  2.692   1.00 18.92 ? 185 PHE A CD1 1 
ATOM   1369 C CD2 . PHE A 1 194 ? -11.517 0.166   4.891   1.00 18.67 ? 185 PHE A CD2 1 
ATOM   1370 C CE1 . PHE A 1 194 ? -12.163 -0.725  2.366   1.00 13.17 ? 185 PHE A CE1 1 
ATOM   1371 C CE2 . PHE A 1 194 ? -12.850 -0.043  4.558   1.00 17.17 ? 185 PHE A CE2 1 
ATOM   1372 C CZ  . PHE A 1 194 ? -13.163 -0.496  3.273   1.00 18.40 ? 185 PHE A CZ  1 
ATOM   1373 N N   . ALA A 1 195 ? -7.707  0.954   1.813   1.00 18.39 ? 186 ALA A N   1 
ATOM   1374 C CA  . ALA A 1 195 ? -7.675  0.950   0.359   1.00 12.33 ? 186 ALA A CA  1 
ATOM   1375 C C   . ALA A 1 195 ? -7.257  -0.460  0.063   1.00 12.37 ? 186 ALA A C   1 
ATOM   1376 O O   . ALA A 1 195 ? -6.348  -0.995  0.680   1.00 16.85 ? 186 ALA A O   1 
ATOM   1377 C CB  . ALA A 1 195 ? -6.689  1.934   -0.185  1.00 13.57 ? 186 ALA A CB  1 
ATOM   1378 N N   . ILE A 1 196 ? -7.953  -1.089  -0.847  1.00 11.00 ? 187 ILE A N   1 
ATOM   1379 C CA  . ILE A 1 196 ? -7.577  -2.409  -1.151  1.00 9.41  ? 187 ILE A CA  1 
ATOM   1380 C C   . ILE A 1 196 ? -7.560  -2.549  -2.656  1.00 12.59 ? 187 ILE A C   1 
ATOM   1381 O O   . ILE A 1 196 ? -8.065  -1.701  -3.383  1.00 11.27 ? 187 ILE A O   1 
ATOM   1382 C CB  . ILE A 1 196 ? -8.587  -3.506  -0.535  1.00 12.93 ? 187 ILE A CB  1 
ATOM   1383 C CG1 . ILE A 1 196 ? -9.973  -3.390  -1.131  1.00 16.56 ? 187 ILE A CG1 1 
ATOM   1384 C CG2 . ILE A 1 196 ? -8.671  -3.353  1.003   1.00 14.88 ? 187 ILE A CG2 1 
ATOM   1385 C CD1 . ILE A 1 196 ? -10.929 -4.607  -0.732  1.00 23.31 ? 187 ILE A CD1 1 
ATOM   1386 N N   . VAL A 1 197 ? -6.943  -3.614  -3.100  1.00 10.91 ? 188 VAL A N   1 
ATOM   1387 C CA  . VAL A 1 197 ? -6.990  -3.939  -4.481  1.00 12.65 ? 188 VAL A CA  1 
ATOM   1388 C C   . VAL A 1 197 ? -7.725  -5.237  -4.328  1.00 10.28 ? 188 VAL A C   1 
ATOM   1389 O O   . VAL A 1 197 ? -7.164  -6.186  -3.773  1.00 11.16 ? 188 VAL A O   1 
ATOM   1390 C CB  . VAL A 1 197 ? -5.578  -4.153  -5.085  1.00 12.07 ? 188 VAL A CB  1 
ATOM   1391 C CG1 . VAL A 1 197 ? -5.695  -4.791  -6.541  1.00 4.95  ? 188 VAL A CG1 1 
ATOM   1392 C CG2 . VAL A 1 197 ? -4.879  -2.772  -5.160  1.00 14.02 ? 188 VAL A CG2 1 
ATOM   1393 N N   . ARG A 1 198 ? -8.978  -5.288  -4.783  1.00 14.05 ? 189 ARG A N   1 
ATOM   1394 C CA  . ARG A 1 198 ? -9.802  -6.504  -4.667  1.00 21.03 ? 189 ARG A CA  1 
ATOM   1395 C C   . ARG A 1 198 ? -9.169  -7.759  -5.281  1.00 21.79 ? 189 ARG A C   1 
ATOM   1396 O O   . ARG A 1 198 ? -8.227  -7.689  -6.112  1.00 19.39 ? 189 ARG A O   1 
ATOM   1397 C CB  . ARG A 1 198 ? -11.169 -6.279  -5.306  1.00 25.57 ? 189 ARG A CB  1 
ATOM   1398 C CG  . ARG A 1 198 ? -12.051 -5.277  -4.603  1.00 28.07 ? 189 ARG A CG  1 
ATOM   1399 C CD  . ARG A 1 198 ? -13.225 -5.972  -3.896  1.00 38.14 ? 189 ARG A CD  1 
ATOM   1400 N NE  . ARG A 1 198 ? -12.818 -7.064  -2.999  1.00 45.39 ? 189 ARG A NE  1 
ATOM   1401 C CZ  . ARG A 1 198 ? -13.158 -7.191  -1.705  1.00 47.80 ? 189 ARG A CZ  1 
ATOM   1402 N NH1 . ARG A 1 198 ? -13.929 -6.297  -1.083  1.00 44.85 ? 189 ARG A NH1 1 
ATOM   1403 N NH2 . ARG A 1 198 ? -12.716 -8.239  -1.026  1.00 45.95 ? 189 ARG A NH2 1 
ATOM   1404 N N   . GLY A 1 199 ? -9.666  -8.913  -4.859  1.00 17.42 ? 190 GLY A N   1 
ATOM   1405 C CA  . GLY A 1 199 ? -9.174  -10.159 -5.435  1.00 17.32 ? 190 GLY A CA  1 
ATOM   1406 C C   . GLY A 1 199 ? -7.714  -10.468 -5.224  1.00 16.04 ? 190 GLY A C   1 
ATOM   1407 O O   . GLY A 1 199 ? -7.171  -10.099 -4.209  1.00 9.66  ? 190 GLY A O   1 
ATOM   1408 N N   . ARG A 1 200 ? -7.071  -11.105 -6.194  1.00 14.93 ? 191 ARG A N   1 
ATOM   1409 C CA  . ARG A 1 200 ? -5.681  -11.530 -6.045  1.00 12.34 ? 191 ARG A CA  1 
ATOM   1410 C C   . ARG A 1 200 ? -4.645  -10.525 -6.410  1.00 14.96 ? 191 ARG A C   1 
ATOM   1411 O O   . ARG A 1 200 ? -3.508  -10.735 -6.035  1.00 13.91 ? 191 ARG A O   1 
ATOM   1412 C CB  . ARG A 1 200 ? -5.417  -12.788 -6.842  1.00 14.85 ? 191 ARG A CB  1 
ATOM   1413 C CG  . ARG A 1 200 ? -6.517  -13.819 -6.593  1.00 16.61 ? 191 ARG A CG  1 
ATOM   1414 C CD  . ARG A 1 200 ? -6.675  -14.765 -7.708  1.00 17.77 ? 191 ARG A CD  1 
ATOM   1415 N NE  . ARG A 1 200 ? -7.110  -16.050 -7.184  1.00 16.74 ? 191 ARG A NE  1 
ATOM   1416 C CZ  . ARG A 1 200 ? -7.279  -17.117 -7.930  1.00 17.23 ? 191 ARG A CZ  1 
ATOM   1417 N NH1 . ARG A 1 200 ? -7.062  -17.014 -9.231  1.00 10.54 ? 191 ARG A NH1 1 
ATOM   1418 N NH2 . ARG A 1 200 ? -7.598  -18.265 -7.366  1.00 18.25 ? 191 ARG A NH2 1 
ATOM   1419 N N   . LEU A 1 201 ? -5.030  -9.461  -7.118  1.00 15.35 ? 192 LEU A N   1 
ATOM   1420 C CA  . LEU A 1 201 ? -4.072  -8.422  -7.528  1.00 15.58 ? 192 LEU A CA  1 
ATOM   1421 C C   . LEU A 1 201 ? -3.617  -7.583  -6.310  1.00 18.35 ? 192 LEU A C   1 
ATOM   1422 O O   . LEU A 1 201 ? -4.286  -7.538  -5.288  1.00 16.28 ? 192 LEU A O   1 
ATOM   1423 C CB  . LEU A 1 201 ? -4.660  -7.496  -8.608  1.00 14.73 ? 192 LEU A CB  1 
ATOM   1424 C CG  . LEU A 1 201 ? -5.003  -8.161  -9.955  1.00 20.96 ? 192 LEU A CG  1 
ATOM   1425 C CD1 . LEU A 1 201 ? -5.760  -7.215  -10.873 1.00 16.16 ? 192 LEU A CD1 1 
ATOM   1426 C CD2 . LEU A 1 201 ? -3.704  -8.595  -10.626 1.00 22.57 ? 192 LEU A CD2 1 
ATOM   1427 N N   . GLY A 1 202 ? -2.471  -6.931  -6.451  1.00 15.71 ? 193 GLY A N   1 
ATOM   1428 C CA  . GLY A 1 202 ? -1.939  -6.130  -5.383  1.00 16.25 ? 193 GLY A CA  1 
ATOM   1429 C C   . GLY A 1 202 ? -0.456  -6.243  -5.590  1.00 19.06 ? 193 GLY A C   1 
ATOM   1430 O O   . GLY A 1 202 ? -0.026  -6.326  -6.748  1.00 11.75 ? 193 GLY A O   1 
ATOM   1431 N N   . GLY A 1 203 ? 0.326   -6.263  -4.517  1.00 10.21 ? 194 GLY A N   1 
ATOM   1432 C CA  . GLY A 1 203 ? 1.739   -6.420  -4.730  1.00 10.96 ? 194 GLY A CA  1 
ATOM   1433 C C   . GLY A 1 203 ? 2.439   -5.198  -4.303  1.00 11.22 ? 194 GLY A C   1 
ATOM   1434 O O   . GLY A 1 203 ? 1.862   -4.085  -4.198  1.00 10.30 ? 194 GLY A O   1 
ATOM   1435 N N   . SER A 1 204 ? 3.710   -5.374  -4.063  1.00 9.79  ? 195 SER A N   1 
ATOM   1436 C CA  . SER A 1 204 ? 4.449   -4.251  -3.558  1.00 17.75 ? 195 SER A CA  1 
ATOM   1437 C C   . SER A 1 204 ? 4.641   -3.063  -4.501  1.00 13.57 ? 195 SER A C   1 
ATOM   1438 O O   . SER A 1 204 ? 4.647   -1.926  -4.039  1.00 18.33 ? 195 SER A O   1 
ATOM   1439 C CB  . SER A 1 204 ? 5.782   -4.736  -3.021  1.00 16.63 ? 195 SER A CB  1 
ATOM   1440 O OG  . SER A 1 204 ? 6.267   -5.702  -3.907  1.00 30.61 ? 195 SER A OG  1 
ATOM   1441 N N   . ALA A 1 205 ? 4.761   -3.298  -5.808  1.00 14.51 ? 196 ALA A N   1 
ATOM   1442 C CA  . ALA A 1 205 ? 4.967   -2.159  -6.745  1.00 13.91 ? 196 ALA A CA  1 
ATOM   1443 C C   . ALA A 1 205 ? 3.731   -1.234  -6.732  1.00 14.24 ? 196 ALA A C   1 
ATOM   1444 O O   . ALA A 1 205 ? 3.798   -0.023  -6.588  1.00 17.36 ? 196 ALA A O   1 
ATOM   1445 C CB  . ALA A 1 205 ? 5.199   -2.680  -8.128  1.00 9.46  ? 196 ALA A CB  1 
ATOM   1446 N N   . MET A 1 206 ? 2.591   -1.848  -6.863  1.00 15.73 ? 197 MET A N   1 
ATOM   1447 C CA  . MET A 1 206 ? 1.360   -1.113  -6.868  1.00 15.15 ? 197 MET A CA  1 
ATOM   1448 C C   . MET A 1 206 ? 1.208   -0.424  -5.467  1.00 11.33 ? 197 MET A C   1 
ATOM   1449 O O   . MET A 1 206 ? 0.842   0.752   -5.393  1.00 11.33 ? 197 MET A O   1 
ATOM   1450 C CB  . MET A 1 206 ? 0.258   -2.132  -7.141  1.00 12.49 ? 197 MET A CB  1 
ATOM   1451 C CG  . MET A 1 206 ? -0.847  -1.716  -8.061  1.00 26.94 ? 197 MET A CG  1 
ATOM   1452 S SD  . MET A 1 206 ? -1.958  -3.154  -8.017  1.00 30.20 ? 197 MET A SD  1 
ATOM   1453 C CE  . MET A 1 206 ? -2.315  -3.366  -9.738  1.00 25.88 ? 197 MET A CE  1 
ATOM   1454 N N   . THR A 1 207 ? 1.504   -1.155  -4.385  1.00 11.36 ? 198 THR A N   1 
ATOM   1455 C CA  . THR A 1 207 ? 1.366   -0.593  -3.039  1.00 9.78  ? 198 THR A CA  1 
ATOM   1456 C C   . THR A 1 207 ? 2.261   0.620   -2.904  1.00 10.44 ? 198 THR A C   1 
ATOM   1457 O O   . THR A 1 207 ? 1.778   1.687   -2.549  1.00 11.77 ? 198 THR A O   1 
ATOM   1458 C CB  . THR A 1 207 ? 1.681   -1.573  -1.914  1.00 8.86  ? 198 THR A CB  1 
ATOM   1459 O OG1 . THR A 1 207 ? 0.806   -2.721  -1.992  1.00 13.24 ? 198 THR A OG1 1 
ATOM   1460 C CG2 . THR A 1 207 ? 1.450   -0.890  -0.558  1.00 12.64 ? 198 THR A CG2 1 
ATOM   1461 N N   . ALA A 1 208 ? 3.546   0.451   -3.226  1.00 11.44 ? 199 ALA A N   1 
ATOM   1462 C CA  . ALA A 1 208 ? 4.518   1.558   -3.192  1.00 10.11 ? 199 ALA A CA  1 
ATOM   1463 C C   . ALA A 1 208 ? 4.027   2.675   -4.111  1.00 11.48 ? 199 ALA A C   1 
ATOM   1464 O O   . ALA A 1 208 ? 4.118   3.845   -3.735  1.00 16.26 ? 199 ALA A O   1 
ATOM   1465 C CB  . ALA A 1 208 ? 5.955   1.100   -3.660  1.00 11.55 ? 199 ALA A CB  1 
ATOM   1466 N N   . ALA A 1 209 ? 3.482   2.331   -5.289  1.00 15.26 ? 200 ALA A N   1 
ATOM   1467 C CA  . ALA A 1 209 ? 2.996   3.420   -6.185  1.00 14.00 ? 200 ALA A CA  1 
ATOM   1468 C C   . ALA A 1 209 ? 1.966   4.209   -5.461  1.00 10.59 ? 200 ALA A C   1 
ATOM   1469 O O   . ALA A 1 209 ? 1.956   5.414   -5.535  1.00 15.00 ? 200 ALA A O   1 
ATOM   1470 C CB  . ALA A 1 209 ? 2.382   2.910   -7.544  1.00 14.15 ? 200 ALA A CB  1 
ATOM   1471 N N   . ALA A 1 210 ? 1.091   3.490   -4.787  1.00 12.20 ? 201 ALA A N   1 
ATOM   1472 C CA  . ALA A 1 210 ? 0.002   4.061   -4.024  1.00 13.90 ? 201 ALA A CA  1 
ATOM   1473 C C   . ALA A 1 210 ? 0.597   4.995   -2.971  1.00 14.92 ? 201 ALA A C   1 
ATOM   1474 O O   . ALA A 1 210 ? 0.202   6.144   -2.838  1.00 16.43 ? 201 ALA A O   1 
ATOM   1475 C CB  . ALA A 1 210 ? -0.822  2.907   -3.354  1.00 15.97 ? 201 ALA A CB  1 
ATOM   1476 N N   . LEU A 1 211 ? 1.587   4.497   -2.241  1.00 16.11 ? 202 LEU A N   1 
ATOM   1477 C CA  . LEU A 1 211 ? 2.260   5.301   -1.222  1.00 16.47 ? 202 LEU A CA  1 
ATOM   1478 C C   . LEU A 1 211 ? 2.877   6.543   -1.906  1.00 18.45 ? 202 LEU A C   1 
ATOM   1479 O O   . LEU A 1 211 ? 2.679   7.668   -1.422  1.00 17.03 ? 202 LEU A O   1 
ATOM   1480 C CB  . LEU A 1 211 ? 3.354   4.460   -0.508  1.00 13.44 ? 202 LEU A CB  1 
ATOM   1481 C CG  . LEU A 1 211 ? 2.807   3.284   0.355   1.00 19.22 ? 202 LEU A CG  1 
ATOM   1482 C CD1 . LEU A 1 211 ? 3.891   2.505   0.983   1.00 13.67 ? 202 LEU A CD1 1 
ATOM   1483 C CD2 . LEU A 1 211 ? 1.902   3.833   1.479   1.00 18.26 ? 202 LEU A CD2 1 
ATOM   1484 N N   . ASN A 1 212 ? 3.543   6.333   -3.060  1.00 12.44 ? 203 ASN A N   1 
ATOM   1485 C CA  . ASN A 1 212 ? 4.218   7.435   -3.742  1.00 17.74 ? 203 ASN A CA  1 
ATOM   1486 C C   . ASN A 1 212 ? 3.291   8.583   -4.058  1.00 13.71 ? 203 ASN A C   1 
ATOM   1487 O O   . ASN A 1 212 ? 3.600   9.732   -3.802  1.00 20.11 ? 203 ASN A O   1 
ATOM   1488 C CB  . ASN A 1 212 ? 4.944   6.946   -5.012  1.00 16.16 ? 203 ASN A CB  1 
ATOM   1489 C CG  . ASN A 1 212 ? 6.273   6.341   -4.673  1.00 20.61 ? 203 ASN A CG  1 
ATOM   1490 O OD1 . ASN A 1 212 ? 6.952   6.840   -3.786  1.00 24.99 ? 203 ASN A OD1 1 
ATOM   1491 N ND2 . ASN A 1 212 ? 6.658   5.278   -5.352  1.00 14.49 ? 203 ASN A ND2 1 
ATOM   1492 N N   . SER A 1 213 ? 2.107   8.222   -4.497  1.00 15.50 ? 204 SER A N   1 
ATOM   1493 C CA  . SER A 1 213 ? 1.091   9.179   -4.879  1.00 13.89 ? 204 SER A CA  1 
ATOM   1494 C C   . SER A 1 213 ? 0.538   9.815   -3.595  1.00 17.07 ? 204 SER A C   1 
ATOM   1495 O O   . SER A 1 213 ? 0.371   11.076  -3.499  1.00 15.34 ? 204 SER A O   1 
ATOM   1496 C CB  . SER A 1 213 ? 0.026   8.403   -5.689  1.00 16.03 ? 204 SER A CB  1 
ATOM   1497 O OG  . SER A 1 213 ? -0.748  9.214   -6.517  1.00 30.96 ? 204 SER A OG  1 
ATOM   1498 N N   . LEU A 1 214 ? 0.250   8.973   -2.597  1.00 18.07 ? 205 LEU A N   1 
ATOM   1499 C CA  . LEU A 1 214 ? -0.193  9.518   -1.307  1.00 13.28 ? 205 LEU A CA  1 
ATOM   1500 C C   . LEU A 1 214 ? 0.885   10.544  -0.874  1.00 18.69 ? 205 LEU A C   1 
ATOM   1501 O O   . LEU A 1 214 ? 0.559   11.673  -0.532  1.00 19.90 ? 205 LEU A O   1 
ATOM   1502 C CB  . LEU A 1 214 ? -0.308  8.432   -0.235  1.00 14.33 ? 205 LEU A CB  1 
ATOM   1503 C CG  . LEU A 1 214 ? -1.620  7.646   -0.372  1.00 15.61 ? 205 LEU A CG  1 
ATOM   1504 C CD1 . LEU A 1 214 ? -1.713  6.569   0.693   1.00 17.82 ? 205 LEU A CD1 1 
ATOM   1505 C CD2 . LEU A 1 214 ? -2.814  8.646   -0.322  1.00 9.77  ? 205 LEU A CD2 1 
ATOM   1506 N N   . ALA A 1 215 ? 2.163   10.157  -0.964  1.00 16.19 ? 206 ALA A N   1 
ATOM   1507 C CA  . ALA A 1 215 ? 3.210   11.059  -0.523  1.00 16.77 ? 206 ALA A CA  1 
ATOM   1508 C C   . ALA A 1 215 ? 3.117   12.403  -1.231  1.00 19.62 ? 206 ALA A C   1 
ATOM   1509 O O   . ALA A 1 215 ? 3.066   13.459  -0.591  1.00 24.55 ? 206 ALA A O   1 
ATOM   1510 C CB  . ALA A 1 215 ? 4.618   10.443  -0.735  1.00 11.29 ? 206 ALA A CB  1 
ATOM   1511 N N   . ARG A 1 216 ? 3.094   12.351  -2.558  1.00 21.20 ? 207 ARG A N   1 
ATOM   1512 C CA  . ARG A 1 216 ? 3.039   13.553  -3.353  1.00 23.35 ? 207 ARG A CA  1 
ATOM   1513 C C   . ARG A 1 216 ? 2.199   13.288  -4.599  1.00 20.54 ? 207 ARG A C   1 
ATOM   1514 O O   . ARG A 1 216 ? 2.602   12.534  -5.476  1.00 21.65 ? 207 ARG A O   1 
ATOM   1515 C CB  . ARG A 1 216 ? 4.457   13.967  -3.756  1.00 20.74 ? 207 ARG A CB  1 
ATOM   1516 C CG  . ARG A 1 216 ? 4.466   14.766  -5.049  1.00 28.66 ? 207 ARG A CG  1 
ATOM   1517 C CD  . ARG A 1 216 ? 4.849   16.172  -4.806  1.00 30.66 ? 207 ARG A CD  1 
ATOM   1518 N NE  . ARG A 1 216 ? 6.262   16.272  -4.452  1.00 40.25 ? 207 ARG A NE  1 
ATOM   1519 C CZ  . ARG A 1 216 ? 7.251   15.675  -5.114  1.00 40.13 ? 207 ARG A CZ  1 
ATOM   1520 N NH1 . ARG A 1 216 ? 6.983   14.913  -6.169  1.00 47.99 ? 207 ARG A NH1 1 
ATOM   1521 N NH2 . ARG A 1 216 ? 8.514   15.869  -4.734  1.00 41.91 ? 207 ARG A NH2 1 
ATOM   1522 N N   . PRO A 1 217 ? 1.048   13.948  -4.719  1.00 21.48 ? 208 PRO A N   1 
ATOM   1523 C CA  . PRO A 1 217 ? 0.196   13.728  -5.889  1.00 25.59 ? 208 PRO A CA  1 
ATOM   1524 C C   . PRO A 1 217 ? 0.784   14.260  -7.205  1.00 29.89 ? 208 PRO A C   1 
ATOM   1525 O O   . PRO A 1 217 ? 1.534   15.230  -7.188  1.00 33.26 ? 208 PRO A O   1 
ATOM   1526 C CB  . PRO A 1 217 ? -1.108  14.435  -5.507  1.00 22.28 ? 208 PRO A CB  1 
ATOM   1527 C CG  . PRO A 1 217 ? -0.757  15.373  -4.388  1.00 21.32 ? 208 PRO A CG  1 
ATOM   1528 C CD  . PRO A 1 217 ? 0.668   15.166  -4.000  1.00 24.31 ? 208 PRO A CD  1 
ATOM   1529 N N   . GLY A 1 218 ? 0.435   13.612  -8.320  1.00 30.04 ? 209 GLY A N   1 
ATOM   1530 C CA  . GLY A 1 218 ? 0.892   14.026  -9.644  1.00 33.82 ? 209 GLY A CA  1 
ATOM   1531 C C   . GLY A 1 218 ? 2.254   13.472  -10.030 1.00 31.65 ? 209 GLY A C   1 
ATOM   1532 O O   . GLY A 1 218 ? 2.747   12.589  -9.361  1.00 34.03 ? 209 GLY A O   1 
ATOM   1533 N N   . LEU A 1 219 ? 2.858   13.987  -11.100 1.00 29.82 ? 210 LEU A N   1 
ATOM   1534 C CA  . LEU A 1 219 ? 4.157   13.499  -11.580 1.00 28.69 ? 210 LEU A CA  1 
ATOM   1535 C C   . LEU A 1 219 ? 5.261   13.513  -10.519 1.00 31.36 ? 210 LEU A C   1 
ATOM   1536 O O   . LEU A 1 219 ? 6.122   12.615  -10.572 1.00 31.97 ? 210 LEU A O   1 
ATOM   1537 C CB  . LEU A 1 219 ? 4.604   14.296  -12.805 1.00 30.09 ? 210 LEU A CB  1 
ATOM   1538 C CG  . LEU A 1 219 ? 3.790   13.998  -14.078 1.00 29.07 ? 210 LEU A CG  1 
ATOM   1539 C CD1 . LEU A 1 219 ? 4.314   14.844  -15.226 1.00 33.43 ? 210 LEU A CD1 1 
ATOM   1540 C CD2 . LEU A 1 219 ? 3.906   12.528  -14.441 1.00 28.34 ? 210 LEU A CD2 1 
ATOM   1541 O OXT . LEU A 1 219 ? 5.253   14.400  -9.644  1.00 34.69 ? 210 LEU A OXT 1 
HETATM 1542 O O   . HOH B 2 .   ? 0.800   -14.452 3.775   1.00 4.56  ? 211 HOH A O   1 
HETATM 1543 O O   . HOH B 2 .   ? 6.792   -17.297 7.251   1.00 19.59 ? 212 HOH A O   1 
HETATM 1544 O O   . HOH B 2 .   ? 7.389   8.692   10.702  1.00 17.31 ? 213 HOH A O   1 
HETATM 1545 O O   . HOH B 2 .   ? 4.924   -5.963  -7.217  1.00 18.04 ? 214 HOH A O   1 
HETATM 1546 O O   . HOH B 2 .   ? 9.867   5.140   -26.614 1.00 15.61 ? 215 HOH A O   1 
HETATM 1547 O O   . HOH B 2 .   ? 6.702   -5.337  8.690   1.00 16.92 ? 216 HOH A O   1 
HETATM 1548 O O   . HOH B 2 .   ? 5.736   -7.799  8.000   1.00 14.84 ? 217 HOH A O   1 
HETATM 1549 O O   . HOH B 2 .   ? 4.989   3.395   -18.407 1.00 22.30 ? 218 HOH A O   1 
HETATM 1550 O O   . HOH B 2 .   ? -10.384 7.994   -0.555  1.00 15.29 ? 219 HOH A O   1 
HETATM 1551 O O   . HOH B 2 .   ? -12.927 5.693   5.415   1.00 21.55 ? 220 HOH A O   1 
HETATM 1552 O O   . HOH B 2 .   ? 12.020  -12.761 8.350   1.00 21.10 ? 221 HOH A O   1 
HETATM 1553 O O   . HOH B 2 .   ? -10.641 -9.082  -2.109  1.00 15.11 ? 222 HOH A O   1 
HETATM 1554 O O   . HOH B 2 .   ? -1.287  9.694   12.493  1.00 27.50 ? 223 HOH A O   1 
HETATM 1555 O O   . HOH B 2 .   ? 10.258  -8.257  1.193   1.00 22.60 ? 224 HOH A O   1 
HETATM 1556 O O   . HOH B 2 .   ? 2.182   -4.801  -7.609  1.00 16.52 ? 225 HOH A O   1 
HETATM 1557 O O   . HOH B 2 .   ? 12.718  -5.457  7.519   1.00 28.36 ? 226 HOH A O   1 
HETATM 1558 O O   . HOH B 2 .   ? 3.076   10.956  13.462  1.00 29.97 ? 227 HOH A O   1 
HETATM 1559 O O   . HOH B 2 .   ? -10.264 10.678  1.219   1.00 6.21  ? 228 HOH A O   1 
HETATM 1560 O O   . HOH B 2 .   ? 11.502  4.843   -24.462 1.00 10.65 ? 229 HOH A O   1 
HETATM 1561 O O   . HOH B 2 .   ? 1.302   2.159   18.921  1.00 21.87 ? 230 HOH A O   1 
HETATM 1562 O O   . HOH B 2 .   ? 3.963   16.221  -8.892  1.00 22.04 ? 231 HOH A O   1 
HETATM 1563 O O   . HOH B 2 .   ? -12.698 -12.026 20.164  1.00 43.50 ? 232 HOH A O   1 
HETATM 1564 O O   . HOH B 2 .   ? -1.310  9.937   16.135  1.00 37.33 ? 233 HOH A O   1 
HETATM 1565 O O   . HOH B 2 .   ? 16.709  -5.790  -32.008 1.00 30.47 ? 234 HOH A O   1 
HETATM 1566 O O   . HOH B 2 .   ? 19.708  3.023   -32.146 1.00 25.15 ? 235 HOH A O   1 
HETATM 1567 O O   . HOH B 2 .   ? -19.497 -5.516  8.317   1.00 36.19 ? 236 HOH A O   1 
HETATM 1568 O O   . HOH B 2 .   ? 13.839  4.780   10.218  1.00 22.68 ? 237 HOH A O   1 
HETATM 1569 O O   . HOH B 2 .   ? -1.780  -16.095 3.249   1.00 23.49 ? 238 HOH A O   1 
HETATM 1570 O O   . HOH B 2 .   ? -7.488  -17.852 -4.628  1.00 13.43 ? 239 HOH A O   1 
HETATM 1571 O O   . HOH B 2 .   ? -6.686  -14.255 -2.812  1.00 22.16 ? 240 HOH A O   1 
HETATM 1572 O O   . HOH B 2 .   ? 10.429  -18.917 11.936  1.00 29.03 ? 241 HOH A O   1 
HETATM 1573 O O   . HOH B 2 .   ? -4.114  9.098   14.667  1.00 27.80 ? 242 HOH A O   1 
HETATM 1574 O O   . HOH B 2 .   ? -1.548  12.253  14.619  1.00 39.45 ? 243 HOH A O   1 
HETATM 1575 O O   . HOH B 2 .   ? 5.547   -19.671 8.228   1.00 18.02 ? 244 HOH A O   1 
HETATM 1576 O O   . HOH B 2 .   ? -5.333  10.678  9.752   1.00 31.28 ? 245 HOH A O   1 
HETATM 1577 O O   . HOH B 2 .   ? -8.575  -15.534 -4.069  1.00 32.06 ? 246 HOH A O   1 
HETATM 1578 O O   . HOH B 2 .   ? 1.493   -13.504 -1.303  1.00 33.75 ? 247 HOH A O   1 
HETATM 1579 O O   . HOH B 2 .   ? -6.434  13.045  -10.784 1.00 28.11 ? 248 HOH A O   1 
HETATM 1580 O O   . HOH B 2 .   ? -9.740  1.126   -16.446 1.00 16.98 ? 249 HOH A O   1 
HETATM 1581 O O   . HOH B 2 .   ? -7.222  5.550   12.597  1.00 27.56 ? 250 HOH A O   1 
HETATM 1582 O O   . HOH B 2 .   ? 16.001  -6.691  -0.568  1.00 25.07 ? 251 HOH A O   1 
HETATM 1583 O O   . HOH B 2 .   ? -12.922 3.153   -4.595  1.00 15.82 ? 252 HOH A O   1 
HETATM 1584 O O   . HOH B 2 .   ? 6.149   -14.535 5.309   1.00 28.79 ? 253 HOH A O   1 
HETATM 1585 O O   . HOH B 2 .   ? -6.204  7.420   14.186  1.00 37.25 ? 254 HOH A O   1 
HETATM 1586 O O   . HOH B 2 .   ? 5.917   1.171   -7.901  1.00 13.32 ? 255 HOH A O   1 
HETATM 1587 O O   . HOH B 2 .   ? -2.800  -1.686  -20.086 1.00 20.41 ? 256 HOH A O   1 
HETATM 1588 O O   . HOH B 2 .   ? -14.337 8.790   -4.895  1.00 24.92 ? 257 HOH A O   1 
HETATM 1589 O O   . HOH B 2 .   ? 9.106   9.967   -8.655  1.00 22.98 ? 258 HOH A O   1 
HETATM 1590 O O   . HOH B 2 .   ? -11.482 8.473   -16.331 1.00 21.31 ? 259 HOH A O   1 
HETATM 1591 O O   . HOH B 2 .   ? 5.409   -9.599  3.628   1.00 36.30 ? 260 HOH A O   1 
HETATM 1592 O O   . HOH B 2 .   ? -0.554  -7.583  -9.061  1.00 27.62 ? 261 HOH A O   1 
HETATM 1593 O O   . HOH B 2 .   ? 15.282  -11.552 10.454  1.00 35.04 ? 262 HOH A O   1 
HETATM 1594 O O   . HOH B 2 .   ? 11.777  -15.410 21.478  1.00 29.07 ? 263 HOH A O   1 
HETATM 1595 O O   . HOH B 2 .   ? -5.091  4.865   17.568  1.00 30.40 ? 264 HOH A O   1 
HETATM 1596 O O   . HOH B 2 .   ? 8.038   -0.029  -7.509  1.00 22.51 ? 265 HOH A O   1 
HETATM 1597 O O   . HOH B 2 .   ? -2.648  15.879  11.607  1.00 25.49 ? 266 HOH A O   1 
HETATM 1598 O O   . HOH B 2 .   ? -1.904  11.187  -14.620 1.00 30.79 ? 267 HOH A O   1 
HETATM 1599 O O   . HOH B 2 .   ? -10.199 -13.694 -5.852  1.00 42.45 ? 268 HOH A O   1 
HETATM 1600 O O   . HOH B 2 .   ? -14.597 -1.821  7.385   1.00 31.85 ? 269 HOH A O   1 
HETATM 1601 O O   . HOH B 2 .   ? -19.176 8.984   -12.275 1.00 24.88 ? 270 HOH A O   1 
HETATM 1602 O O   . HOH B 2 .   ? 5.663   4.739   -7.946  1.00 27.37 ? 271 HOH A O   1 
HETATM 1603 O O   . HOH B 2 .   ? -4.337  12.827  -5.230  1.00 36.52 ? 272 HOH A O   1 
HETATM 1604 O O   . HOH B 2 .   ? 12.895  -2.235  10.837  1.00 23.07 ? 273 HOH A O   1 
HETATM 1605 O O   . HOH B 2 .   ? -8.818  0.495   -21.155 1.00 20.84 ? 274 HOH A O   1 
HETATM 1606 O O   . HOH B 2 .   ? 9.016   17.063  -21.595 1.00 34.63 ? 275 HOH A O   1 
HETATM 1607 O O   . HOH B 2 .   ? -15.334 2.791   5.504   1.00 29.92 ? 276 HOH A O   1 
HETATM 1608 O O   . HOH B 2 .   ? 11.126  13.648  0.624   1.00 24.83 ? 277 HOH A O   1 
HETATM 1609 O O   . HOH B 2 .   ? 9.471   0.150   14.944  1.00 27.80 ? 278 HOH A O   1 
HETATM 1610 O O   . HOH B 2 .   ? 9.891   3.207   -28.552 1.00 28.24 ? 279 HOH A O   1 
HETATM 1611 O O   . HOH B 2 .   ? 10.694  14.022  3.737   1.00 38.84 ? 280 HOH A O   1 
HETATM 1612 O O   . HOH B 2 .   ? 10.864  -10.024 -1.614  1.00 29.33 ? 281 HOH A O   1 
HETATM 1613 O O   . HOH B 2 .   ? 15.121  -13.762 18.206  1.00 26.48 ? 282 HOH A O   1 
HETATM 1614 O O   . HOH B 2 .   ? -9.896  12.352  -0.376  1.00 23.93 ? 283 HOH A O   1 
HETATM 1615 O O   . HOH B 2 .   ? -7.417  -17.722 -0.990  1.00 29.83 ? 284 HOH A O   1 
HETATM 1616 O O   . HOH B 2 .   ? 6.103   -7.448  -5.395  1.00 37.87 ? 285 HOH A O   1 
HETATM 1617 O O   . HOH B 2 .   ? -2.927  -6.881  -18.471 1.00 24.97 ? 286 HOH A O   1 
HETATM 1618 O O   . HOH B 2 .   ? 10.296  1.998   -30.723 1.00 34.58 ? 287 HOH A O   1 
HETATM 1619 O O   . HOH B 2 .   ? 4.560   -8.434  -3.263  1.00 44.99 ? 288 HOH A O   1 
HETATM 1620 O O   . HOH B 2 .   ? 3.896   -8.265  -5.373  1.00 42.24 ? 289 HOH A O   1 
HETATM 1621 O O   . HOH B 2 .   ? -14.236 -3.905  -5.198  1.00 45.00 ? 290 HOH A O   1 
HETATM 1622 O O   . HOH B 2 .   ? -5.017  16.458  9.269   1.00 43.38 ? 291 HOH A O   1 
HETATM 1623 O O   . HOH B 2 .   ? 14.542  -15.098 15.422  1.00 17.26 ? 292 HOH A O   1 
HETATM 1624 O O   . HOH B 2 .   ? -13.300 0.401   -16.176 1.00 25.07 ? 293 HOH A O   1 
HETATM 1625 O O   . HOH B 2 .   ? 12.672  5.262   7.502   1.00 35.82 ? 294 HOH A O   1 
HETATM 1626 O O   . HOH B 2 .   ? 4.574   17.734  9.614   1.00 37.74 ? 295 HOH A O   1 
HETATM 1627 O O   . HOH B 2 .   ? 7.808   16.077  -15.293 1.00 16.09 ? 296 HOH A O   1 
HETATM 1628 O O   . HOH B 2 .   ? -12.255 19.836  -10.138 1.00 22.11 ? 297 HOH A O   1 
HETATM 1629 O O   . HOH B 2 .   ? 24.562  -1.971  -37.401 1.00 33.07 ? 298 HOH A O   1 
HETATM 1630 O O   . HOH B 2 .   ? 15.739  16.348  -15.537 1.00 45.56 ? 299 HOH A O   1 
HETATM 1631 O O   . HOH B 2 .   ? -13.987 6.796   -2.133  1.00 37.64 ? 300 HOH A O   1 
HETATM 1632 O O   . HOH B 2 .   ? 12.958  -3.543  13.413  1.00 22.71 ? 301 HOH A O   1 
HETATM 1633 O O   . HOH B 2 .   ? -7.172  -20.393 -1.936  1.00 33.71 ? 302 HOH A O   1 
HETATM 1634 O O   . HOH B 2 .   ? 9.382   -21.948 8.804   1.00 30.52 ? 303 HOH A O   1 
HETATM 1635 O O   . HOH B 2 .   ? 4.350   -4.561  -11.897 1.00 35.78 ? 304 HOH A O   1 
HETATM 1636 O O   . HOH B 2 .   ? -17.957 -12.388 4.866   1.00 40.35 ? 305 HOH A O   1 
HETATM 1637 O O   . HOH B 2 .   ? 6.988   -17.149 3.858   1.00 42.99 ? 306 HOH A O   1 
HETATM 1638 O O   . HOH B 2 .   ? -13.942 -13.531 2.437   1.00 39.40 ? 307 HOH A O   1 
HETATM 1639 O O   . HOH B 2 .   ? -11.997 -10.160 -3.655  1.00 41.83 ? 308 HOH A O   1 
HETATM 1640 O O   . HOH B 2 .   ? 5.636   -19.865 11.562  1.00 43.49 ? 309 HOH A O   1 
HETATM 1641 O O   . HOH B 2 .   ? -3.791  -9.989  17.632  1.00 25.35 ? 310 HOH A O   1 
HETATM 1642 O O   . HOH B 2 .   ? 13.069  -15.621 5.046   1.00 33.53 ? 311 HOH A O   1 
HETATM 1643 O O   . HOH B 2 .   ? 14.635  -13.081 1.408   1.00 34.16 ? 312 HOH A O   1 
HETATM 1644 O O   . HOH B 2 .   ? -13.094 8.079   8.460   1.00 45.22 ? 313 HOH A O   1 
HETATM 1645 O O   . HOH B 2 .   ? -12.083 12.481  3.281   1.00 27.76 ? 314 HOH A O   1 
HETATM 1646 O O   . HOH B 2 .   ? 11.674  11.977  3.420   1.00 43.92 ? 315 HOH A O   1 
HETATM 1647 O O   . HOH B 2 .   ? 16.263  -6.290  16.327  1.00 27.59 ? 316 HOH A O   1 
HETATM 1648 O O   . HOH B 2 .   ? 13.764  9.582   -3.726  1.00 30.58 ? 317 HOH A O   1 
HETATM 1649 O O   . HOH B 2 .   ? 15.734  -3.936  6.182   1.00 33.97 ? 318 HOH A O   1 
HETATM 1650 O O   . HOH B 2 .   ? 4.908   16.106  -0.602  1.00 27.77 ? 319 HOH A O   1 
HETATM 1651 O O   . HOH B 2 .   ? -15.931 7.296   -0.449  1.00 33.56 ? 320 HOH A O   1 
HETATM 1652 O O   . HOH B 2 .   ? 8.310   18.507  2.306   1.00 31.87 ? 321 HOH A O   1 
HETATM 1653 O O   . HOH B 2 .   ? -8.182  -1.850  18.834  1.00 30.13 ? 322 HOH A O   1 
HETATM 1654 O O   . HOH B 2 .   ? 11.150  15.824  -21.357 1.00 32.46 ? 323 HOH A O   1 
HETATM 1655 O O   . HOH B 2 .   ? 12.393  14.895  -12.620 1.00 32.37 ? 324 HOH A O   1 
HETATM 1656 O O   . HOH B 2 .   ? 10.453  -15.582 23.850  1.00 38.70 ? 325 HOH A O   1 
HETATM 1657 O O   . HOH B 2 .   ? -8.390  9.202   -17.458 1.00 41.35 ? 326 HOH A O   1 
HETATM 1658 O O   . HOH B 2 .   ? 12.774  -10.502 2.088   1.00 35.71 ? 327 HOH A O   1 
HETATM 1659 O O   . HOH B 2 .   ? 0.723   -22.013 12.051  1.00 33.46 ? 328 HOH A O   1 
HETATM 1660 O O   . HOH B 2 .   ? 17.809  -9.790  5.002   1.00 45.99 ? 329 HOH A O   1 
HETATM 1661 O O   . HOH B 2 .   ? 22.030  7.360   -30.668 1.00 30.76 ? 330 HOH A O   1 
HETATM 1662 O O   . HOH B 2 .   ? -14.651 0.611   8.852   1.00 29.98 ? 331 HOH A O   1 
HETATM 1663 O O   . HOH B 2 .   ? -10.047 7.397   -20.873 1.00 40.63 ? 332 HOH A O   1 
HETATM 1664 O O   . HOH B 2 .   ? -4.643  1.412   -26.586 1.00 24.20 ? 333 HOH A O   1 
HETATM 1665 O O   . HOH B 2 .   ? 1.924   15.572  14.144  1.00 45.21 ? 334 HOH A O   1 
HETATM 1666 O O   . HOH B 2 .   ? -2.671  5.267   -26.236 1.00 41.90 ? 335 HOH A O   1 
HETATM 1667 O O   . HOH B 2 .   ? 8.815   13.284  10.509  1.00 54.62 ? 336 HOH A O   1 
HETATM 1668 O O   . HOH B 2 .   ? 12.436  6.218   14.989  1.00 33.09 ? 337 HOH A O   1 
HETATM 1669 O O   . HOH B 2 .   ? 16.701  -11.851 0.144   1.00 28.76 ? 338 HOH A O   1 
HETATM 1670 O O   . HOH B 2 .   ? 1.076   -8.635  18.283  1.00 35.10 ? 339 HOH A O   1 
HETATM 1671 O O   . HOH B 2 .   ? -12.513 2.054   -19.225 1.00 35.82 ? 340 HOH A O   1 
HETATM 1672 O O   . HOH B 2 .   ? -14.201 4.650   -13.214 1.00 36.04 ? 341 HOH A O   1 
HETATM 1673 O O   . HOH B 2 .   ? -7.198  -15.200 16.763  1.00 38.09 ? 342 HOH A O   1 
HETATM 1674 O O   . HOH B 2 .   ? -9.760  12.350  6.732   1.00 34.95 ? 343 HOH A O   1 
HETATM 1675 O O   . HOH B 2 .   ? -7.493  7.791   10.347  1.00 31.00 ? 344 HOH A O   1 
HETATM 1676 O O   . HOH B 2 .   ? -6.304  15.716  -12.032 1.00 34.25 ? 345 HOH A O   1 
HETATM 1677 O O   . HOH B 2 .   ? 11.092  -3.565  17.046  1.00 38.14 ? 346 HOH A O   1 
HETATM 1678 O O   . HOH B 2 .   ? -8.413  5.915   14.931  1.00 41.89 ? 347 HOH A O   1 
HETATM 1679 O O   . HOH B 2 .   ? -14.876 3.116   9.465   1.00 34.27 ? 348 HOH A O   1 
HETATM 1680 O O   . HOH B 2 .   ? -1.263  -19.079 15.727  1.00 29.87 ? 349 HOH A O   1 
HETATM 1681 O O   . HOH B 2 .   ? 15.267  12.026  -5.626  1.00 42.29 ? 350 HOH A O   1 
HETATM 1682 O O   . HOH B 2 .   ? 16.107  -3.391  2.858   1.00 47.20 ? 351 HOH A O   1 
HETATM 1683 O O   . HOH B 2 .   ? 2.962   6.230   14.164  1.00 21.75 ? 352 HOH A O   1 
HETATM 1684 O O   . HOH B 2 .   ? -11.484 10.633  -12.480 1.00 30.89 ? 353 HOH A O   1 
HETATM 1685 O O   . HOH B 2 .   ? 9.321   4.928   -32.608 1.00 42.56 ? 354 HOH A O   1 
HETATM 1686 O O   . HOH B 2 .   ? -15.928 8.925   8.727   1.00 36.40 ? 355 HOH A O   1 
HETATM 1687 O O   . HOH B 2 .   ? -8.685  16.001  0.475   1.00 29.15 ? 356 HOH A O   1 
HETATM 1688 O O   . HOH B 2 .   ? 6.610   19.032  7.027   1.00 32.00 ? 357 HOH A O   1 
HETATM 1689 O O   . HOH B 2 .   ? 5.945   2.686   -10.173 1.00 34.81 ? 358 HOH A O   1 
HETATM 1690 O O   . HOH B 2 .   ? -12.365 -5.593  -20.753 1.00 47.96 ? 359 HOH A O   1 
HETATM 1691 O O   . HOH B 2 .   ? 3.810   -12.459 -3.125  1.00 32.52 ? 360 HOH A O   1 
HETATM 1692 O O   . HOH B 2 .   ? -15.113 -10.423 8.777   1.00 38.97 ? 361 HOH A O   1 
HETATM 1693 O O   . HOH B 2 .   ? 4.138   -15.683 4.151   1.00 39.72 ? 362 HOH A O   1 
HETATM 1694 O O   . HOH B 2 .   ? 2.678   -4.787  17.546  1.00 37.74 ? 363 HOH A O   1 
HETATM 1695 O O   . HOH B 2 .   ? 8.066   9.986   -29.659 1.00 41.66 ? 364 HOH A O   1 
HETATM 1696 O O   . HOH B 2 .   ? -15.665 -4.751  -3.557  1.00 29.69 ? 365 HOH A O   1 
HETATM 1697 O O   . HOH B 2 .   ? 11.966  16.290  -2.776  1.00 30.29 ? 366 HOH A O   1 
HETATM 1698 O O   . HOH B 2 .   ? -15.092 12.506  -8.248  1.00 20.23 ? 367 HOH A O   1 
HETATM 1699 O O   . HOH B 2 .   ? -8.955  2.771   -23.381 1.00 31.69 ? 368 HOH A O   1 
HETATM 1700 O O   . HOH B 2 .   ? 10.176  -8.374  20.666  1.00 30.09 ? 369 HOH A O   1 
HETATM 1701 O O   . HOH B 2 .   ? 9.216   -13.961 22.146  1.00 46.13 ? 370 HOH A O   1 
HETATM 1702 O O   . HOH B 2 .   ? 9.295   5.779   -8.821  1.00 35.92 ? 371 HOH A O   1 
HETATM 1703 O O   . HOH B 2 .   ? -2.556  -8.593  19.856  1.00 27.75 ? 372 HOH A O   1 
HETATM 1704 O O   . HOH B 2 .   ? -0.984  20.080  0.364   1.00 27.27 ? 373 HOH A O   1 
HETATM 1705 O O   . HOH B 2 .   ? 6.817   6.940   -26.553 1.00 42.93 ? 374 HOH A O   1 
HETATM 1706 O O   . HOH B 2 .   ? 2.043   16.309  -0.242  1.00 28.94 ? 375 HOH A O   1 
HETATM 1707 O O   . HOH B 2 .   ? -12.388 6.674   11.053  1.00 32.75 ? 376 HOH A O   1 
HETATM 1708 O O   . HOH B 2 .   ? 13.464  -2.448  7.295   1.00 38.89 ? 377 HOH A O   1 
HETATM 1709 O O   . HOH B 2 .   ? 16.995  -14.400 12.888  1.00 34.76 ? 378 HOH A O   1 
HETATM 1710 O O   . HOH B 2 .   ? 10.141  1.899   16.837  1.00 41.31 ? 379 HOH A O   1 
HETATM 1711 O O   . HOH B 2 .   ? -1.204  -16.126 15.695  1.00 32.08 ? 380 HOH A O   1 
HETATM 1712 O O   . HOH B 2 .   ? -3.534  -12.903 16.478  1.00 25.05 ? 381 HOH A O   1 
HETATM 1713 O O   . HOH B 2 .   ? -11.545 -9.453  -7.705  1.00 35.80 ? 382 HOH A O   1 
HETATM 1714 O O   . HOH B 2 .   ? 7.897   -14.911 24.771  1.00 49.31 ? 383 HOH A O   1 
HETATM 1715 O O   . HOH B 2 .   ? 11.058  12.148  -13.796 1.00 34.86 ? 384 HOH A O   1 
HETATM 1716 O O   . HOH B 2 .   ? -0.189  -13.231 18.843  1.00 29.65 ? 385 HOH A O   1 
HETATM 1717 O O   . HOH B 2 .   ? 17.837  -7.574  9.758   1.00 46.95 ? 386 HOH A O   1 
HETATM 1718 O O   . HOH B 2 .   ? -15.517 -7.523  -3.338  1.00 24.32 ? 387 HOH A O   1 
HETATM 1719 O O   . HOH B 2 .   ? 6.938   14.266  -30.494 1.00 38.38 ? 388 HOH A O   1 
HETATM 1720 O O   . HOH B 2 .   ? 7.689   7.512   -7.410  1.00 32.56 ? 389 HOH A O   1 
HETATM 1721 O O   . HOH B 2 .   ? -10.833 -3.342  18.509  1.00 19.25 ? 390 HOH A O   1 
HETATM 1722 O O   . HOH B 2 .   ? -0.722  17.843  -0.856  1.00 22.76 ? 391 HOH A O   1 
HETATM 1723 O O   . HOH B 2 .   ? -12.852 -12.749 4.702   1.00 23.82 ? 392 HOH A O   1 
HETATM 1724 O O   . HOH B 2 .   ? -12.874 -13.586 8.040   1.00 39.91 ? 393 HOH A O   1 
HETATM 1725 O O   . HOH B 2 .   ? -7.963  -8.897  23.679  1.00 18.04 ? 394 HOH A O   1 
HETATM 1726 O O   . HOH B 2 .   ? -16.290 -0.902  4.849   1.00 36.69 ? 395 HOH A O   1 
HETATM 1727 O O   . HOH B 2 .   ? -15.497 -6.815  0.864   1.00 20.86 ? 396 HOH A O   1 
HETATM 1728 O O   . HOH B 2 .   ? 12.426  -0.306  8.265   1.00 37.81 ? 397 HOH A O   1 
HETATM 1729 O O   . HOH B 2 .   ? 5.545   1.494   -16.316 1.00 30.10 ? 398 HOH A O   1 
HETATM 1730 O O   . HOH B 2 .   ? 2.632   5.997   16.920  1.00 25.28 ? 399 HOH A O   1 
HETATM 1731 O O   . HOH B 2 .   ? -13.384 5.980   13.658  1.00 29.01 ? 400 HOH A O   1 
HETATM 1732 O O   . HOH B 2 .   ? 12.465  0.081   13.090  1.00 17.98 ? 401 HOH A O   1 
HETATM 1733 O O   . HOH B 2 .   ? -5.732  14.334  0.019   1.00 40.25 ? 402 HOH A O   1 
HETATM 1734 O O   . HOH B 2 .   ? -0.230  -4.248  13.690  1.00 39.46 ? 403 HOH A O   1 
HETATM 1735 O O   . HOH B 2 .   ? 16.254  -5.784  1.719   1.00 36.19 ? 404 HOH A O   1 
HETATM 1736 O O   . HOH B 2 .   ? -1.994  -4.442  -19.709 1.00 28.34 ? 405 HOH A O   1 
HETATM 1737 O O   . HOH B 2 .   ? 17.247  -7.256  5.156   1.00 46.63 ? 406 HOH A O   1 
HETATM 1738 O O   . HOH B 2 .   ? 9.227   16.394  0.278   1.00 49.93 ? 407 HOH A O   1 
HETATM 1739 O O   . HOH B 2 .   ? 4.627   -13.569 0.565   1.00 29.66 ? 408 HOH A O   1 
HETATM 1740 O O   . HOH B 2 .   ? -1.889  12.718  -11.751 1.00 40.72 ? 409 HOH A O   1 
HETATM 1741 O O   . HOH B 2 .   ? -10.173 15.511  3.445   1.00 46.33 ? 410 HOH A O   1 
HETATM 1742 O O   . HOH B 2 .   ? -16.017 11.556  5.721   1.00 36.26 ? 411 HOH A O   1 
HETATM 1743 O O   . HOH B 2 .   ? -13.408 -4.038  18.162  1.00 34.84 ? 412 HOH A O   1 
HETATM 1744 O O   . HOH B 2 .   ? -6.244  -6.285  -21.568 1.00 34.07 ? 413 HOH A O   1 
HETATM 1745 O O   . HOH B 2 .   ? -16.144 2.513   1.536   1.00 48.05 ? 414 HOH A O   1 
HETATM 1746 O O   . HOH B 2 .   ? -12.134 10.661  8.812   1.00 35.74 ? 415 HOH A O   1 
HETATM 1747 O O   . HOH B 2 .   ? 14.371  2.775   6.027   1.00 37.37 ? 416 HOH A O   1 
HETATM 1748 O O   . HOH B 2 .   ? -11.206 11.235  -2.199  1.00 20.73 ? 417 HOH A O   1 
HETATM 1749 O O   . HOH B 2 .   ? -13.814 9.744   -1.149  1.00 36.67 ? 418 HOH A O   1 
HETATM 1750 O O   . HOH B 2 .   ? -8.339  -15.199 19.432  1.00 25.69 ? 419 HOH A O   1 
HETATM 1751 O O   . HOH B 2 .   ? 12.151  -7.427  22.159  1.00 29.76 ? 420 HOH A O   1 
HETATM 1752 O O   . HOH B 2 .   ? 14.966  -12.781 6.815   1.00 55.02 ? 421 HOH A O   1 
HETATM 1753 O O   . HOH B 2 .   ? 12.411  -4.744  22.068  1.00 48.39 ? 422 HOH A O   1 
HETATM 1754 O O   . HOH B 2 .   ? -10.552 18.385  -8.309  1.00 44.81 ? 423 HOH A O   1 
HETATM 1755 O O   . HOH B 2 .   ? -5.694  -0.488  -23.507 1.00 38.89 ? 424 HOH A O   1 
HETATM 1756 O O   . HOH B 2 .   ? -17.395 -3.608  2.906   1.00 37.11 ? 425 HOH A O   1 
HETATM 1757 O O   . HOH B 2 .   ? 10.964  -10.699 21.142  1.00 33.98 ? 426 HOH A O   1 
HETATM 1758 O O   . HOH B 2 .   ? -12.708 -13.253 -0.439  1.00 36.09 ? 427 HOH A O   1 
HETATM 1759 O O   . HOH B 2 .   ? -3.951  12.066  11.198  1.00 43.53 ? 428 HOH A O   1 
HETATM 1760 O O   . HOH B 2 .   ? 9.565   -18.913 8.199   1.00 26.13 ? 429 HOH A O   1 
HETATM 1761 O O   . HOH B 2 .   ? -17.790 -9.122  8.617   1.00 24.29 ? 430 HOH A O   1 
# 
